data_6GPJ
#
_entry.id   6GPJ
#
_cell.length_a   92.080
_cell.length_b   114.438
_cell.length_c   140.536
_cell.angle_alpha   90.00
_cell.angle_beta   90.00
_cell.angle_gamma   90.00
#
_symmetry.space_group_name_H-M   'P 21 21 21'
#
loop_
_entity.id
_entity.type
_entity.pdbx_description
1 polymer 'GDP-mannose 4,6 dehydratase'
2 non-polymer 'CITRIC ACID'
3 non-polymer '[[(2~{R},3~{S},4~{R},5~{R})-5-(2-azanyl-6-oxidanylidene-1~{H}-purin-9-yl)-3,4-bis(oxidanyl)oxolan-2-yl]methoxy-oxidanyl-phosphoryl] [(2~{R},3~{S},4~{R},5~{S},6~{R})-5-fluoranyl-6-(hydroxymethyl)-3,4-bis(oxidanyl)oxan-2-yl] hydrogen phosphate'
4 non-polymer 'NADP NICOTINAMIDE-ADENINE-DINUCLEOTIDE PHOSPHATE'
5 non-polymer 1,2-ETHANEDIOL
6 water water
#
_entity_poly.entity_id   1
_entity_poly.type   'polypeptide(L)'
_entity_poly.pdbx_seq_one_letter_code
;SMRNVALITGITGQDGSYLAEFLLEKGYEVHGIVRRSSSFNTGRIEHLYKNPQAHIEGNMKLHYGDLTDSTCLVKIINEV
KPTEIYNLGAQSHVKISFDLAEYTADVDGVGTLRLLDAVKTCGLINSVKFYQASTSELYGKVQEIPQKETTPFYPRSPYG
AAKLYAYWIVVNFREAYNLFAVNGILFNHESPRRGANFVTRKISRSVAKIYLGQLECFSLGNLDAKRDWGHAKDYVEAMW
LMLQNDEPEDFVIATGEVHSVREFVEKSFLHIGKTIVWEGKNENEVGRCKETGKVHVTVDLKYYRPTEVDFLQGDCTKAK
QKLNWKPRVAFDELVREMVHADVELMRTNPNA
;
_entity_poly.pdbx_strand_id   A,D,C,B
#
# COMPACT_ATOMS: atom_id res chain seq x y z
N ARG A 3 5.93 -12.72 -34.07
CA ARG A 3 6.22 -11.82 -32.91
C ARG A 3 6.10 -12.58 -31.57
N ASN A 4 7.23 -12.81 -30.91
CA ASN A 4 7.31 -13.58 -29.67
C ASN A 4 8.06 -12.75 -28.65
N VAL A 5 7.31 -12.13 -27.74
CA VAL A 5 7.85 -11.18 -26.78
C VAL A 5 7.38 -11.57 -25.39
N ALA A 6 8.32 -11.99 -24.55
CA ALA A 6 8.02 -12.44 -23.20
C ALA A 6 8.36 -11.38 -22.15
N LEU A 7 7.48 -11.20 -21.16
CA LEU A 7 7.78 -10.41 -19.96
C LEU A 7 7.84 -11.38 -18.78
N ILE A 8 8.98 -11.42 -18.12
CA ILE A 8 9.18 -12.28 -16.98
C ILE A 8 9.31 -11.43 -15.73
N THR A 9 8.36 -11.53 -14.81
CA THR A 9 8.60 -10.99 -13.45
C THR A 9 9.37 -12.08 -12.72
N GLY A 10 10.22 -11.69 -11.79
CA GLY A 10 11.10 -12.61 -11.09
C GLY A 10 12.24 -13.14 -11.92
N ILE A 11 12.70 -12.37 -12.91
CA ILE A 11 13.74 -12.84 -13.83
C ILE A 11 15.09 -13.12 -13.15
N THR A 12 15.36 -12.45 -12.05
CA THR A 12 16.62 -12.64 -11.32
C THR A 12 16.67 -13.89 -10.46
N GLY A 13 15.51 -14.51 -10.23
CA GLY A 13 15.41 -15.73 -9.41
C GLY A 13 15.81 -16.98 -10.16
N GLN A 14 15.74 -18.12 -9.45
CA GLN A 14 16.07 -19.43 -10.01
C GLN A 14 15.36 -19.69 -11.32
N ASP A 15 14.04 -19.72 -11.23
CA ASP A 15 13.20 -20.08 -12.39
C ASP A 15 13.31 -19.09 -13.53
N GLY A 16 13.23 -17.81 -13.18
CA GLY A 16 13.37 -16.72 -14.16
C GLY A 16 14.62 -16.84 -15.00
N SER A 17 15.73 -17.20 -14.37
CA SER A 17 17.02 -17.29 -15.06
C SER A 17 17.03 -18.45 -16.05
N TYR A 18 16.51 -19.62 -15.65
CA TYR A 18 16.37 -20.74 -16.58
C TYR A 18 15.34 -20.47 -17.70
N LEU A 19 14.22 -19.84 -17.35
CA LEU A 19 13.19 -19.54 -18.34
C LEU A 19 13.72 -18.55 -19.38
N ALA A 20 14.45 -17.55 -18.91
CA ALA A 20 15.03 -16.56 -19.83
C ALA A 20 15.93 -17.24 -20.86
N GLU A 21 16.81 -18.15 -20.42
CA GLU A 21 17.67 -18.92 -21.35
C GLU A 21 16.85 -19.72 -22.37
N PHE A 22 15.87 -20.44 -21.86
CA PHE A 22 14.99 -21.27 -22.67
C PHE A 22 14.27 -20.47 -23.74
N LEU A 23 13.76 -19.29 -23.38
CA LEU A 23 13.01 -18.46 -24.36
C LEU A 23 13.95 -17.79 -25.38
N LEU A 24 15.10 -17.32 -24.90
CA LEU A 24 16.14 -16.75 -25.79
C LEU A 24 16.58 -17.74 -26.87
N GLU A 25 16.83 -19.00 -26.49
CA GLU A 25 17.15 -20.07 -27.43
C GLU A 25 16.07 -20.24 -28.49
N LYS A 26 14.81 -19.99 -28.16
CA LYS A 26 13.73 -20.00 -29.15
C LYS A 26 13.57 -18.70 -29.94
N GLY A 27 14.48 -17.74 -29.79
CA GLY A 27 14.40 -16.49 -30.54
C GLY A 27 13.37 -15.51 -30.01
N TYR A 28 12.99 -15.62 -28.75
CA TYR A 28 12.08 -14.64 -28.14
C TYR A 28 12.86 -13.38 -27.82
N GLU A 29 12.18 -12.24 -27.92
CA GLU A 29 12.60 -11.01 -27.28
C GLU A 29 12.15 -11.14 -25.81
N VAL A 30 13.09 -11.11 -24.87
CA VAL A 30 12.80 -11.36 -23.46
C VAL A 30 12.98 -10.07 -22.66
N HIS A 31 11.91 -9.66 -21.96
CA HIS A 31 11.96 -8.55 -21.02
C HIS A 31 11.78 -9.05 -19.58
N GLY A 32 12.55 -8.47 -18.68
CA GLY A 32 12.51 -8.84 -17.27
C GLY A 32 12.29 -7.64 -16.39
N ILE A 33 11.53 -7.82 -15.30
CA ILE A 33 11.40 -6.81 -14.27
C ILE A 33 12.37 -7.14 -13.13
N VAL A 34 13.25 -6.17 -12.82
CA VAL A 34 14.31 -6.34 -11.83
C VAL A 34 14.09 -5.31 -10.70
N ARG A 35 14.33 -5.72 -9.48
CA ARG A 35 14.20 -4.80 -8.37
C ARG A 35 15.46 -3.95 -8.23
N ARG A 36 15.29 -2.69 -7.83
CA ARG A 36 16.43 -1.89 -7.40
C ARG A 36 17.03 -2.54 -6.15
N SER A 37 18.35 -2.65 -6.11
CA SER A 37 19.05 -3.15 -4.95
C SER A 37 20.31 -2.33 -4.74
N SER A 38 20.70 -2.21 -3.47
CA SER A 38 21.96 -1.53 -3.12
C SER A 38 23.19 -2.33 -3.51
N SER A 39 23.00 -3.63 -3.80
CA SER A 39 24.06 -4.53 -4.24
C SER A 39 23.71 -5.09 -5.61
N PHE A 40 24.72 -5.67 -6.25
CA PHE A 40 24.57 -6.49 -7.44
C PHE A 40 23.54 -7.61 -7.17
N ASN A 41 22.57 -7.77 -8.06
CA ASN A 41 21.51 -8.76 -7.89
C ASN A 41 21.09 -9.52 -9.19
N THR A 42 21.94 -9.48 -10.22
CA THR A 42 21.65 -10.13 -11.50
C THR A 42 22.62 -11.26 -11.78
N GLY A 43 23.20 -11.84 -10.74
CA GLY A 43 24.15 -12.95 -10.86
C GLY A 43 23.68 -14.12 -11.72
N ARG A 44 22.40 -14.48 -11.64
CA ARG A 44 21.93 -15.64 -12.42
C ARG A 44 21.74 -15.40 -13.91
N ILE A 45 21.68 -14.13 -14.32
CA ILE A 45 21.37 -13.77 -15.73
C ILE A 45 22.43 -12.88 -16.38
N GLU A 46 23.49 -12.52 -15.67
CA GLU A 46 24.51 -11.57 -16.20
C GLU A 46 25.20 -12.11 -17.46
N HIS A 47 25.41 -13.44 -17.52
CA HIS A 47 25.91 -14.09 -18.73
C HIS A 47 25.03 -13.93 -20.00
N LEU A 48 23.76 -13.56 -19.84
CA LEU A 48 22.86 -13.35 -20.98
C LEU A 48 22.90 -11.93 -21.60
N TYR A 49 23.48 -10.93 -20.92
CA TYR A 49 23.62 -9.55 -21.49
C TYR A 49 25.06 -9.10 -21.57
N ASN A 59 18.56 -9.23 -27.43
CA ASN A 59 17.33 -10.00 -27.23
C ASN A 59 16.80 -9.96 -25.76
N MET A 60 17.66 -9.68 -24.76
CA MET A 60 17.19 -9.47 -23.38
C MET A 60 17.23 -8.01 -22.93
N LYS A 61 16.11 -7.48 -22.43
CA LYS A 61 16.04 -6.10 -21.90
C LYS A 61 15.53 -6.15 -20.44
N LEU A 62 16.18 -5.42 -19.53
CA LEU A 62 15.76 -5.35 -18.12
C LEU A 62 15.11 -4.03 -17.78
N HIS A 63 14.09 -4.05 -16.92
CA HIS A 63 13.34 -2.86 -16.53
C HIS A 63 13.27 -2.84 -15.03
N TYR A 64 13.59 -1.71 -14.39
CA TYR A 64 13.36 -1.58 -12.95
C TYR A 64 11.86 -1.53 -12.67
N GLY A 65 11.44 -2.28 -11.67
CA GLY A 65 10.02 -2.30 -11.27
C GLY A 65 9.89 -3.02 -9.95
N ASP A 66 8.68 -3.01 -9.42
CA ASP A 66 8.34 -3.76 -8.23
C ASP A 66 6.89 -4.17 -8.31
N LEU A 67 6.59 -5.38 -7.81
CA LEU A 67 5.23 -5.91 -7.86
C LEU A 67 4.25 -5.20 -6.90
N THR A 68 4.77 -4.31 -6.05
CA THR A 68 3.91 -3.48 -5.21
C THR A 68 3.66 -2.07 -5.77
N ASP A 69 4.18 -1.76 -6.95
CA ASP A 69 4.07 -0.45 -7.58
C ASP A 69 3.24 -0.64 -8.86
N SER A 70 1.93 -0.44 -8.73
CA SER A 70 0.98 -0.57 -9.86
C SER A 70 1.35 0.25 -11.11
N THR A 71 1.83 1.47 -10.94
CA THR A 71 2.17 2.36 -12.07
C THR A 71 3.34 1.84 -12.90
N CYS A 72 4.38 1.34 -12.24
CA CYS A 72 5.52 0.82 -12.98
C CYS A 72 5.09 -0.37 -13.84
N LEU A 73 4.17 -1.18 -13.32
CA LEU A 73 3.75 -2.40 -14.04
C LEU A 73 2.96 -2.04 -15.31
N VAL A 74 2.06 -1.06 -15.19
CA VAL A 74 1.30 -0.60 -16.36
C VAL A 74 2.22 0.01 -17.41
N LYS A 75 3.13 0.89 -16.96
CA LYS A 75 4.12 1.49 -17.89
C LYS A 75 4.90 0.43 -18.64
N ILE A 76 5.43 -0.55 -17.91
CA ILE A 76 6.26 -1.58 -18.54
C ILE A 76 5.43 -2.40 -19.53
N ILE A 77 4.25 -2.86 -19.11
CA ILE A 77 3.42 -3.68 -20.00
C ILE A 77 2.95 -2.89 -21.24
N ASN A 78 2.63 -1.62 -21.05
CA ASN A 78 2.20 -0.76 -22.15
C ASN A 78 3.32 -0.52 -23.16
N GLU A 79 4.54 -0.36 -22.67
CA GLU A 79 5.72 -0.19 -23.51
C GLU A 79 6.14 -1.48 -24.23
N VAL A 80 6.19 -2.58 -23.49
CA VAL A 80 6.68 -3.85 -24.05
C VAL A 80 5.63 -4.54 -24.93
N LYS A 81 4.36 -4.45 -24.55
CA LYS A 81 3.26 -5.16 -25.23
C LYS A 81 3.58 -6.65 -25.46
N PRO A 82 3.82 -7.39 -24.37
CA PRO A 82 4.26 -8.77 -24.51
C PRO A 82 3.18 -9.66 -25.09
N THR A 83 3.59 -10.72 -25.79
CA THR A 83 2.67 -11.79 -26.16
C THR A 83 2.55 -12.85 -25.04
N GLU A 84 3.57 -12.97 -24.19
CA GLU A 84 3.56 -13.92 -23.06
C GLU A 84 4.07 -13.24 -21.79
N ILE A 85 3.34 -13.41 -20.68
CA ILE A 85 3.77 -12.91 -19.38
C ILE A 85 3.90 -14.09 -18.43
N TYR A 86 5.06 -14.20 -17.76
CA TYR A 86 5.30 -15.23 -16.76
C TYR A 86 5.47 -14.52 -15.44
N ASN A 87 4.48 -14.65 -14.56
CA ASN A 87 4.58 -13.99 -13.25
C ASN A 87 5.29 -14.92 -12.28
N LEU A 88 6.62 -14.87 -12.25
CA LEU A 88 7.43 -15.64 -11.30
C LEU A 88 7.88 -14.85 -10.09
N GLY A 89 7.67 -13.53 -10.11
CA GLY A 89 8.08 -12.69 -9.01
C GLY A 89 7.28 -12.95 -7.73
N ALA A 90 8.00 -13.11 -6.62
CA ALA A 90 7.44 -13.42 -5.32
C ALA A 90 8.47 -13.39 -4.22
N GLN A 91 8.00 -13.04 -3.03
CA GLN A 91 8.63 -13.44 -1.78
C GLN A 91 8.28 -14.94 -1.66
N SER A 92 9.26 -15.79 -1.98
CA SER A 92 8.99 -17.21 -2.19
C SER A 92 9.33 -18.13 -1.02
N HIS A 93 9.86 -17.56 0.07
CA HIS A 93 10.33 -18.38 1.18
C HIS A 93 9.24 -18.49 2.22
N VAL A 94 8.89 -19.74 2.56
CA VAL A 94 7.77 -20.07 3.44
C VAL A 94 8.03 -19.66 4.90
N LYS A 95 9.20 -19.99 5.43
CA LYS A 95 9.55 -19.62 6.81
C LYS A 95 9.55 -18.11 6.99
N ILE A 96 10.14 -17.41 6.03
CA ILE A 96 10.21 -15.96 6.08
C ILE A 96 8.81 -15.36 6.02
N SER A 97 7.87 -16.00 5.30
CA SER A 97 6.48 -15.47 5.19
C SER A 97 5.76 -15.29 6.53
N PHE A 98 6.13 -16.08 7.54
CA PHE A 98 5.54 -15.93 8.89
C PHE A 98 5.94 -14.62 9.56
N ASP A 99 7.11 -14.09 9.26
CA ASP A 99 7.56 -12.78 9.77
C ASP A 99 7.34 -11.62 8.80
N LEU A 100 7.02 -11.94 7.54
CA LEU A 100 6.77 -10.93 6.52
C LEU A 100 5.41 -11.19 5.90
N ALA A 101 4.41 -11.39 6.73
CA ALA A 101 3.09 -11.84 6.23
C ALA A 101 2.43 -10.83 5.29
N GLU A 102 2.49 -9.57 5.67
CA GLU A 102 1.83 -8.50 4.94
C GLU A 102 2.53 -8.20 3.60
N TYR A 103 3.84 -8.01 3.64
CA TYR A 103 4.64 -7.83 2.42
C TYR A 103 4.39 -9.02 1.47
N THR A 104 4.40 -10.23 2.00
CA THR A 104 4.17 -11.43 1.19
C THR A 104 2.78 -11.40 0.52
N ALA A 105 1.76 -10.98 1.27
CA ALA A 105 0.42 -10.84 0.72
C ALA A 105 0.40 -9.81 -0.40
N ASP A 106 1.07 -8.67 -0.18
CA ASP A 106 1.05 -7.59 -1.17
C ASP A 106 1.78 -7.95 -2.47
N VAL A 107 2.88 -8.65 -2.35
CA VAL A 107 3.67 -9.07 -3.52
C VAL A 107 3.06 -10.29 -4.25
N ASP A 108 2.85 -11.37 -3.51
CA ASP A 108 2.46 -12.65 -4.09
C ASP A 108 0.98 -12.72 -4.45
N GLY A 109 0.12 -12.12 -3.61
CA GLY A 109 -1.31 -12.05 -3.86
C GLY A 109 -1.71 -10.86 -4.71
N VAL A 110 -1.61 -9.67 -4.13
CA VAL A 110 -2.11 -8.47 -4.80
C VAL A 110 -1.25 -8.16 -6.04
N GLY A 111 0.04 -8.45 -5.98
CA GLY A 111 0.91 -8.25 -7.14
C GLY A 111 0.41 -8.96 -8.39
N THR A 112 -0.10 -10.18 -8.20
CA THR A 112 -0.67 -10.94 -9.32
C THR A 112 -1.85 -10.20 -9.94
N LEU A 113 -2.75 -9.71 -9.11
CA LEU A 113 -3.87 -8.87 -9.56
C LEU A 113 -3.39 -7.62 -10.30
N ARG A 114 -2.38 -6.95 -9.78
CA ARG A 114 -1.87 -5.74 -10.43
C ARG A 114 -1.46 -6.03 -11.85
N LEU A 115 -0.78 -7.15 -12.05
CA LEU A 115 -0.30 -7.50 -13.39
C LEU A 115 -1.47 -7.80 -14.35
N LEU A 116 -2.44 -8.58 -13.86
CA LEU A 116 -3.64 -8.91 -14.62
C LEU A 116 -4.42 -7.67 -14.99
N ASP A 117 -4.63 -6.77 -14.02
CA ASP A 117 -5.31 -5.52 -14.28
C ASP A 117 -4.59 -4.60 -15.27
N ALA A 118 -3.25 -4.63 -15.24
CA ALA A 118 -2.46 -3.87 -16.19
C ALA A 118 -2.66 -4.42 -17.61
N VAL A 119 -2.75 -5.75 -17.74
CA VAL A 119 -3.05 -6.38 -19.03
C VAL A 119 -4.38 -5.83 -19.57
N LYS A 120 -5.38 -5.77 -18.71
CA LYS A 120 -6.71 -5.33 -19.10
C LYS A 120 -6.74 -3.86 -19.45
N THR A 121 -6.15 -3.05 -18.56
CA THR A 121 -6.01 -1.62 -18.76
C THR A 121 -5.31 -1.27 -20.07
N CYS A 122 -4.27 -2.02 -20.43
CA CYS A 122 -3.52 -1.75 -21.67
C CYS A 122 -4.18 -2.30 -22.94
N GLY A 123 -5.39 -2.86 -22.85
CA GLY A 123 -6.12 -3.38 -23.99
C GLY A 123 -5.51 -4.65 -24.57
N LEU A 124 -4.82 -5.44 -23.75
CA LEU A 124 -4.13 -6.65 -24.22
C LEU A 124 -4.80 -7.97 -23.80
N ILE A 125 -6.04 -7.88 -23.32
CA ILE A 125 -6.79 -9.04 -22.80
C ILE A 125 -6.90 -10.21 -23.81
N ASN A 126 -7.00 -9.89 -25.11
CA ASN A 126 -7.16 -10.90 -26.18
C ASN A 126 -5.86 -11.27 -26.90
N SER A 127 -4.74 -10.63 -26.58
CA SER A 127 -3.45 -10.96 -27.17
C SER A 127 -2.38 -11.55 -26.23
N VAL A 128 -2.53 -11.39 -24.93
CA VAL A 128 -1.55 -11.87 -23.95
C VAL A 128 -1.90 -13.29 -23.52
N LYS A 129 -0.88 -14.12 -23.37
CA LYS A 129 -1.03 -15.38 -22.64
C LYS A 129 -0.27 -15.23 -21.31
N PHE A 130 -0.95 -15.55 -20.20
CA PHE A 130 -0.44 -15.25 -18.85
C PHE A 130 -0.20 -16.54 -18.07
N TYR A 131 1.01 -16.71 -17.56
CA TYR A 131 1.39 -17.85 -16.71
C TYR A 131 1.53 -17.35 -15.29
N GLN A 132 0.81 -17.97 -14.35
CA GLN A 132 0.98 -17.71 -12.93
C GLN A 132 1.78 -18.81 -12.27
N ALA A 133 2.72 -18.42 -11.43
CA ALA A 133 3.51 -19.36 -10.66
C ALA A 133 2.77 -19.81 -9.40
N SER A 134 1.85 -20.74 -9.59
CA SER A 134 1.16 -21.40 -8.50
C SER A 134 2.04 -22.53 -7.96
N THR A 135 1.57 -23.26 -6.97
CA THR A 135 2.47 -24.03 -6.14
C THR A 135 1.81 -25.15 -5.37
N SER A 136 2.56 -26.21 -5.15
CA SER A 136 2.13 -27.29 -4.26
C SER A 136 1.86 -26.84 -2.82
N GLU A 137 2.43 -25.71 -2.39
CA GLU A 137 2.11 -25.18 -1.05
C GLU A 137 0.63 -24.89 -0.87
N LEU A 138 -0.10 -24.68 -1.96
CA LEU A 138 -1.56 -24.59 -1.92
C LEU A 138 -2.25 -25.80 -1.27
N TYR A 139 -1.68 -27.00 -1.43
CA TYR A 139 -2.25 -28.23 -0.84
C TYR A 139 -1.97 -28.29 0.66
N GLY A 140 -0.91 -27.63 1.10
CA GLY A 140 -0.51 -27.56 2.52
C GLY A 140 -0.69 -28.83 3.33
N LYS A 141 -1.68 -28.83 4.22
CA LYS A 141 -2.03 -30.03 4.96
C LYS A 141 -2.86 -30.89 4.00
N VAL A 142 -2.16 -31.79 3.31
CA VAL A 142 -2.71 -32.43 2.11
C VAL A 142 -4.03 -33.18 2.35
N GLN A 143 -5.02 -32.90 1.51
CA GLN A 143 -6.33 -33.51 1.60
C GLN A 143 -6.47 -34.80 0.77
N GLU A 144 -5.51 -35.04 -0.13
CA GLU A 144 -5.40 -36.30 -0.88
C GLU A 144 -3.91 -36.60 -1.04
N ILE A 145 -3.59 -37.88 -1.23
CA ILE A 145 -2.24 -38.34 -1.57
C ILE A 145 -2.37 -39.37 -2.71
N PRO A 146 -1.74 -39.17 -3.87
CA PRO A 146 -1.01 -37.95 -4.23
C PRO A 146 -1.96 -36.76 -4.48
N GLN A 147 -1.39 -35.58 -4.75
CA GLN A 147 -2.19 -34.38 -5.01
C GLN A 147 -2.25 -34.12 -6.51
N LYS A 148 -3.43 -33.81 -7.01
CA LYS A 148 -3.64 -33.51 -8.43
C LYS A 148 -4.48 -32.26 -8.54
N GLU A 149 -4.87 -31.87 -9.77
CA GLU A 149 -5.51 -30.58 -10.03
C GLU A 149 -6.80 -30.37 -9.24
N THR A 150 -7.51 -31.46 -8.99
CA THR A 150 -8.80 -31.42 -8.29
C THR A 150 -8.69 -31.63 -6.77
N THR A 151 -7.49 -31.85 -6.22
CA THR A 151 -7.34 -31.96 -4.77
C THR A 151 -7.66 -30.60 -4.14
N PRO A 152 -8.53 -30.57 -3.09
CA PRO A 152 -8.80 -29.29 -2.46
C PRO A 152 -7.58 -28.67 -1.78
N PHE A 153 -7.49 -27.35 -1.85
CA PHE A 153 -6.38 -26.62 -1.24
C PHE A 153 -6.55 -26.46 0.28
N TYR A 154 -5.44 -26.38 1.00
CA TYR A 154 -5.45 -26.17 2.43
C TYR A 154 -4.13 -25.51 2.84
N PRO A 155 -3.99 -24.19 2.59
CA PRO A 155 -2.73 -23.52 2.89
C PRO A 155 -2.36 -23.48 4.39
N ARG A 156 -1.07 -23.45 4.65
CA ARG A 156 -0.47 -23.58 5.99
C ARG A 156 0.60 -22.51 6.28
N SER A 157 0.52 -21.37 5.58
CA SER A 157 1.43 -20.26 5.80
C SER A 157 0.86 -19.01 5.17
N PRO A 158 1.36 -17.82 5.60
CA PRO A 158 1.01 -16.60 4.87
C PRO A 158 1.41 -16.67 3.39
N TYR A 159 2.48 -17.40 3.06
CA TYR A 159 2.84 -17.59 1.65
C TYR A 159 1.79 -18.38 0.91
N GLY A 160 1.36 -19.49 1.50
CA GLY A 160 0.35 -20.32 0.90
C GLY A 160 -0.98 -19.58 0.69
N ALA A 161 -1.38 -18.82 1.72
CA ALA A 161 -2.62 -18.06 1.62
C ALA A 161 -2.54 -16.99 0.50
N ALA A 162 -1.40 -16.31 0.40
CA ALA A 162 -1.22 -15.29 -0.64
C ALA A 162 -1.24 -15.90 -2.05
N LYS A 163 -0.58 -17.05 -2.20
CA LYS A 163 -0.58 -17.77 -3.47
C LYS A 163 -1.97 -18.29 -3.85
N LEU A 164 -2.78 -18.63 -2.84
CA LEU A 164 -4.17 -19.03 -3.08
C LEU A 164 -5.03 -17.90 -3.65
N TYR A 165 -4.89 -16.69 -3.11
CA TYR A 165 -5.52 -15.50 -3.69
C TYR A 165 -5.12 -15.39 -5.18
N ALA A 166 -3.82 -15.49 -5.44
CA ALA A 166 -3.28 -15.33 -6.77
C ALA A 166 -3.86 -16.37 -7.73
N TYR A 167 -3.92 -17.62 -7.28
CA TYR A 167 -4.51 -18.70 -8.06
C TYR A 167 -5.92 -18.32 -8.51
N TRP A 168 -6.75 -17.89 -7.56
CA TRP A 168 -8.15 -17.61 -7.84
C TRP A 168 -8.43 -16.34 -8.62
N ILE A 169 -7.63 -15.30 -8.43
CA ILE A 169 -7.81 -14.07 -9.19
C ILE A 169 -7.43 -14.33 -10.66
N VAL A 170 -6.43 -15.16 -10.91
CA VAL A 170 -6.10 -15.65 -12.27
C VAL A 170 -7.29 -16.39 -12.91
N VAL A 171 -7.86 -17.34 -12.16
CA VAL A 171 -9.05 -18.06 -12.62
C VAL A 171 -10.17 -17.06 -12.97
N ASN A 172 -10.37 -16.05 -12.12
CA ASN A 172 -11.45 -15.08 -12.35
C ASN A 172 -11.23 -14.24 -13.62
N PHE A 173 -9.99 -13.88 -13.93
CA PHE A 173 -9.73 -13.11 -15.15
C PHE A 173 -9.96 -13.98 -16.39
N ARG A 174 -9.58 -15.26 -16.32
CA ARG A 174 -9.85 -16.20 -17.40
C ARG A 174 -11.34 -16.36 -17.64
N GLU A 175 -12.10 -16.56 -16.57
CA GLU A 175 -13.54 -16.76 -16.67
C GLU A 175 -14.32 -15.48 -16.98
N ALA A 176 -13.92 -14.35 -16.42
CA ALA A 176 -14.64 -13.10 -16.63
C ALA A 176 -14.37 -12.45 -17.97
N TYR A 177 -13.11 -12.44 -18.40
CA TYR A 177 -12.73 -11.65 -19.58
C TYR A 177 -12.12 -12.49 -20.71
N ASN A 178 -12.15 -13.81 -20.58
CA ASN A 178 -11.57 -14.74 -21.57
C ASN A 178 -10.08 -14.50 -21.79
N LEU A 179 -9.38 -14.09 -20.74
CA LEU A 179 -7.94 -13.94 -20.83
C LEU A 179 -7.38 -15.37 -20.83
N PHE A 180 -6.43 -15.64 -21.72
CA PHE A 180 -5.71 -16.89 -21.67
C PHE A 180 -4.73 -16.81 -20.47
N ALA A 181 -5.16 -17.36 -19.34
CA ALA A 181 -4.40 -17.26 -18.08
C ALA A 181 -4.41 -18.62 -17.40
N VAL A 182 -3.26 -19.07 -16.92
CA VAL A 182 -3.11 -20.43 -16.40
C VAL A 182 -2.32 -20.49 -15.12
N ASN A 183 -2.64 -21.46 -14.27
CA ASN A 183 -1.90 -21.71 -13.04
C ASN A 183 -1.07 -22.96 -13.20
N GLY A 184 0.25 -22.81 -13.20
CA GLY A 184 1.13 -23.96 -13.08
C GLY A 184 1.23 -24.28 -11.60
N ILE A 185 0.78 -25.47 -11.20
CA ILE A 185 0.84 -25.92 -9.81
C ILE A 185 2.10 -26.74 -9.69
N LEU A 186 3.23 -26.05 -9.57
CA LEU A 186 4.53 -26.70 -9.58
C LEU A 186 4.91 -27.17 -8.18
N PHE A 187 5.39 -28.40 -8.08
CA PHE A 187 5.96 -28.94 -6.84
C PHE A 187 7.42 -28.50 -6.72
N ASN A 188 8.02 -28.71 -5.55
CA ASN A 188 9.37 -28.22 -5.27
C ASN A 188 10.31 -28.52 -6.42
N HIS A 189 11.04 -27.50 -6.90
CA HIS A 189 12.09 -27.68 -7.88
C HIS A 189 13.34 -26.89 -7.53
N GLU A 190 14.50 -27.53 -7.76
CA GLU A 190 15.77 -27.08 -7.25
C GLU A 190 16.79 -27.09 -8.40
N SER A 191 17.99 -26.63 -8.10
CA SER A 191 19.07 -26.49 -9.08
C SER A 191 20.31 -25.99 -8.35
N PRO A 192 21.46 -25.95 -9.06
CA PRO A 192 22.63 -25.21 -8.56
C PRO A 192 22.42 -23.71 -8.32
N ARG A 193 21.35 -23.12 -8.88
CA ARG A 193 20.97 -21.71 -8.69
C ARG A 193 19.92 -21.46 -7.62
N ARG A 194 19.52 -22.52 -6.93
CA ARG A 194 18.51 -22.43 -5.87
C ARG A 194 18.94 -21.50 -4.77
N GLY A 195 18.02 -20.72 -4.24
CA GLY A 195 18.30 -19.84 -3.11
C GLY A 195 18.96 -20.61 -1.97
N ALA A 196 19.98 -19.98 -1.37
CA ALA A 196 20.83 -20.65 -0.36
C ALA A 196 20.14 -21.03 0.93
N ASN A 197 18.99 -20.43 1.24
CA ASN A 197 18.26 -20.71 2.48
C ASN A 197 17.06 -21.65 2.31
N PHE A 198 16.89 -22.22 1.09
CA PHE A 198 16.03 -23.39 0.90
C PHE A 198 16.86 -24.62 1.29
N VAL A 199 16.18 -25.68 1.72
CA VAL A 199 16.87 -26.78 2.43
C VAL A 199 17.87 -27.56 1.56
N THR A 200 17.53 -27.76 0.31
CA THR A 200 18.36 -28.53 -0.60
C THR A 200 19.70 -27.88 -0.86
N ARG A 201 19.67 -26.59 -1.18
CA ARG A 201 20.86 -25.79 -1.45
C ARG A 201 21.63 -25.50 -0.16
N LYS A 202 20.92 -25.33 0.94
CA LYS A 202 21.58 -25.19 2.23
C LYS A 202 22.44 -26.41 2.49
N ILE A 203 21.87 -27.59 2.24
CA ILE A 203 22.61 -28.86 2.42
C ILE A 203 23.79 -28.98 1.43
N SER A 204 23.53 -28.78 0.13
CA SER A 204 24.58 -28.93 -0.88
C SER A 204 25.75 -27.95 -0.67
N ARG A 205 25.44 -26.68 -0.33
CA ARG A 205 26.48 -25.71 0.02
C ARG A 205 27.26 -26.11 1.28
N SER A 206 26.55 -26.52 2.32
CA SER A 206 27.20 -26.86 3.60
C SER A 206 28.08 -28.11 3.50
N VAL A 207 27.58 -29.11 2.77
CA VAL A 207 28.33 -30.33 2.47
C VAL A 207 29.58 -29.99 1.65
N ALA A 208 29.42 -29.18 0.60
CA ALA A 208 30.55 -28.69 -0.20
C ALA A 208 31.58 -27.98 0.68
N LYS A 209 31.11 -27.13 1.59
CA LYS A 209 32.04 -26.42 2.48
C LYS A 209 32.79 -27.36 3.43
N ILE A 210 32.09 -28.36 3.95
CA ILE A 210 32.71 -29.37 4.83
C ILE A 210 33.81 -30.13 4.07
N TYR A 211 33.49 -30.56 2.86
CA TYR A 211 34.47 -31.21 1.97
C TYR A 211 35.73 -30.38 1.74
N LEU A 212 35.60 -29.06 1.63
CA LEU A 212 36.72 -28.17 1.36
C LEU A 212 37.36 -27.58 2.63
N GLY A 213 37.00 -28.09 3.80
CA GLY A 213 37.51 -27.54 5.06
C GLY A 213 37.13 -26.12 5.42
N GLN A 214 36.06 -25.58 4.81
CA GLN A 214 35.58 -24.22 5.11
C GLN A 214 34.51 -24.19 6.21
N LEU A 215 34.09 -25.36 6.66
CA LEU A 215 33.03 -25.50 7.65
C LEU A 215 33.17 -26.89 8.27
N GLU A 216 32.78 -27.02 9.54
CA GLU A 216 32.79 -28.35 10.21
C GLU A 216 31.41 -28.95 10.42
N CYS A 217 30.43 -28.11 10.70
CA CYS A 217 29.12 -28.53 11.17
C CYS A 217 28.04 -27.52 10.79
N PHE A 218 26.82 -27.97 10.51
CA PHE A 218 25.69 -27.05 10.28
C PHE A 218 24.41 -27.56 10.92
N SER A 219 23.45 -26.67 11.14
CA SER A 219 22.20 -27.04 11.78
C SER A 219 21.01 -26.95 10.81
N LEU A 220 20.08 -27.89 10.97
CA LEU A 220 18.85 -27.99 10.21
C LEU A 220 17.64 -27.97 11.13
N GLY A 221 16.46 -27.94 10.54
CA GLY A 221 15.21 -28.01 11.31
C GLY A 221 14.60 -29.41 11.31
N ASN A 222 13.44 -29.53 10.68
CA ASN A 222 12.66 -30.77 10.65
C ASN A 222 13.24 -31.73 9.62
N LEU A 223 14.00 -32.73 10.09
CA LEU A 223 14.66 -33.71 9.19
C LEU A 223 13.67 -34.69 8.53
N ASP A 224 12.48 -34.84 9.11
CA ASP A 224 11.50 -35.81 8.66
C ASP A 224 10.49 -35.30 7.63
N ALA A 225 10.54 -34.01 7.29
CA ALA A 225 9.69 -33.48 6.25
C ALA A 225 9.96 -34.19 4.95
N LYS A 226 8.91 -34.43 4.20
CA LYS A 226 9.02 -35.11 2.91
C LYS A 226 8.57 -34.27 1.76
N ARG A 227 9.33 -34.31 0.67
CA ARG A 227 9.04 -33.50 -0.51
C ARG A 227 9.22 -34.26 -1.80
N ASP A 228 8.51 -33.79 -2.82
CA ASP A 228 8.65 -34.20 -4.20
C ASP A 228 9.56 -33.14 -4.85
N TRP A 229 10.81 -33.52 -5.12
CA TRP A 229 11.85 -32.61 -5.63
C TRP A 229 12.23 -32.89 -7.09
N GLY A 230 12.10 -31.88 -7.94
CA GLY A 230 12.57 -31.94 -9.32
C GLY A 230 13.55 -30.84 -9.67
N HIS A 231 13.86 -30.71 -10.95
CA HIS A 231 14.89 -29.78 -11.42
C HIS A 231 14.27 -28.61 -12.13
N ALA A 232 14.59 -27.40 -11.66
CA ALA A 232 14.02 -26.15 -12.21
C ALA A 232 14.12 -26.06 -13.73
N LYS A 233 15.24 -26.52 -14.29
CA LYS A 233 15.43 -26.49 -15.74
C LYS A 233 14.35 -27.26 -16.49
N ASP A 234 13.93 -28.41 -15.96
CA ASP A 234 12.85 -29.20 -16.57
C ASP A 234 11.52 -28.46 -16.40
N TYR A 235 11.33 -27.84 -15.24
CA TYR A 235 10.01 -27.29 -14.89
C TYR A 235 9.70 -25.98 -15.68
N VAL A 236 10.71 -25.18 -16.00
CA VAL A 236 10.43 -23.96 -16.81
C VAL A 236 9.92 -24.29 -18.21
N GLU A 237 10.34 -25.44 -18.75
CA GLU A 237 9.80 -25.91 -20.02
C GLU A 237 8.31 -26.14 -19.95
N ALA A 238 7.84 -26.74 -18.84
CA ALA A 238 6.39 -26.94 -18.63
C ALA A 238 5.62 -25.63 -18.63
N MET A 239 6.20 -24.58 -18.05
CA MET A 239 5.56 -23.26 -18.04
C MET A 239 5.27 -22.81 -19.48
N TRP A 240 6.28 -22.87 -20.33
CA TRP A 240 6.15 -22.52 -21.77
C TRP A 240 5.10 -23.38 -22.49
N LEU A 241 5.15 -24.70 -22.27
CA LEU A 241 4.16 -25.62 -22.86
C LEU A 241 2.72 -25.27 -22.47
N MET A 242 2.50 -24.84 -21.23
CA MET A 242 1.16 -24.46 -20.76
C MET A 242 0.64 -23.25 -21.52
N LEU A 243 1.53 -22.34 -21.92
CA LEU A 243 1.13 -21.23 -22.80
C LEU A 243 1.03 -21.57 -24.29
N GLN A 244 1.62 -22.68 -24.72
CA GLN A 244 1.45 -23.18 -26.10
C GLN A 244 0.15 -23.97 -26.30
N ASN A 245 -0.49 -24.37 -25.21
CA ASN A 245 -1.74 -25.12 -25.25
C ASN A 245 -2.81 -24.33 -26.02
N ASP A 246 -3.69 -25.03 -26.73
CA ASP A 246 -4.81 -24.36 -27.42
C ASP A 246 -5.81 -23.76 -26.44
N GLU A 247 -6.05 -24.43 -25.31
CA GLU A 247 -6.98 -23.97 -24.29
C GLU A 247 -6.20 -23.62 -23.01
N PRO A 248 -6.61 -22.55 -22.29
CA PRO A 248 -5.93 -22.22 -21.04
C PRO A 248 -6.35 -23.17 -19.91
N GLU A 249 -5.46 -24.07 -19.52
CA GLU A 249 -5.73 -25.07 -18.49
C GLU A 249 -4.67 -25.01 -17.40
N ASP A 250 -5.08 -25.38 -16.18
CA ASP A 250 -4.18 -25.50 -15.02
C ASP A 250 -3.57 -26.91 -14.93
N PHE A 251 -2.31 -27.02 -14.52
CA PHE A 251 -1.58 -28.31 -14.52
C PHE A 251 -0.69 -28.45 -13.30
N VAL A 252 -0.75 -29.60 -12.66
CA VAL A 252 0.26 -30.02 -11.70
C VAL A 252 1.52 -30.44 -12.45
N ILE A 253 2.68 -29.99 -11.96
CA ILE A 253 3.99 -30.40 -12.48
C ILE A 253 4.80 -30.91 -11.29
N ALA A 254 5.29 -32.14 -11.38
CA ALA A 254 5.94 -32.83 -10.28
C ALA A 254 6.65 -34.09 -10.77
N THR A 255 7.44 -34.71 -9.89
CA THR A 255 8.08 -36.02 -10.20
C THR A 255 7.24 -37.22 -9.78
N GLY A 256 6.36 -37.06 -8.81
CA GLY A 256 5.67 -38.19 -8.20
C GLY A 256 6.47 -38.99 -7.19
N GLU A 257 7.76 -38.68 -7.02
CA GLU A 257 8.64 -39.42 -6.09
C GLU A 257 8.92 -38.54 -4.86
N VAL A 258 8.85 -39.15 -3.68
CA VAL A 258 8.92 -38.46 -2.40
C VAL A 258 10.19 -38.89 -1.66
N HIS A 259 10.87 -37.94 -1.03
CA HIS A 259 12.05 -38.22 -0.20
C HIS A 259 12.05 -37.26 0.98
N SER A 260 12.76 -37.66 2.05
CA SER A 260 12.85 -36.84 3.24
C SER A 260 14.07 -35.93 3.16
N VAL A 261 14.06 -34.92 4.03
CA VAL A 261 15.19 -34.02 4.20
C VAL A 261 16.41 -34.83 4.67
N ARG A 262 16.17 -35.74 5.60
CA ARG A 262 17.17 -36.66 6.12
C ARG A 262 17.87 -37.42 4.99
N GLU A 263 17.10 -37.95 4.04
CA GLU A 263 17.67 -38.64 2.87
C GLU A 263 18.48 -37.70 2.00
N PHE A 264 18.01 -36.46 1.83
CA PHE A 264 18.78 -35.47 1.08
C PHE A 264 20.14 -35.24 1.76
N VAL A 265 20.17 -35.15 3.09
CA VAL A 265 21.43 -35.02 3.83
C VAL A 265 22.33 -36.24 3.58
N GLU A 266 21.77 -37.44 3.77
CA GLU A 266 22.54 -38.70 3.62
C GLU A 266 23.15 -38.85 2.22
N LYS A 267 22.33 -38.63 1.21
CA LYS A 267 22.80 -38.73 -0.18
C LYS A 267 23.83 -37.66 -0.53
N SER A 268 23.67 -36.44 -0.02
CA SER A 268 24.61 -35.36 -0.27
C SER A 268 26.00 -35.69 0.31
N PHE A 269 26.05 -36.13 1.56
CA PHE A 269 27.32 -36.53 2.20
C PHE A 269 27.98 -37.73 1.47
N LEU A 270 27.21 -38.66 0.99
CA LEU A 270 27.74 -39.82 0.29
C LEU A 270 28.61 -39.34 -0.87
N HIS A 271 28.13 -38.36 -1.58
CA HIS A 271 28.87 -37.75 -2.69
C HIS A 271 30.21 -37.11 -2.35
N ILE A 272 30.47 -36.79 -1.09
CA ILE A 272 31.81 -36.40 -0.64
C ILE A 272 32.51 -37.51 0.18
N GLY A 273 32.04 -38.75 0.05
CA GLY A 273 32.67 -39.91 0.70
C GLY A 273 32.41 -40.08 2.18
N LYS A 274 31.27 -39.59 2.67
CA LYS A 274 30.91 -39.68 4.07
C LYS A 274 29.53 -40.32 4.26
N THR A 275 29.44 -41.23 5.23
CA THR A 275 28.22 -41.93 5.60
C THR A 275 27.76 -41.32 6.91
N ILE A 276 26.58 -40.69 6.89
CA ILE A 276 26.02 -40.08 8.10
C ILE A 276 25.26 -41.13 8.90
N VAL A 277 25.56 -41.22 10.19
CA VAL A 277 24.81 -42.02 11.14
C VAL A 277 24.28 -41.11 12.22
N TRP A 278 22.98 -41.23 12.48
CA TRP A 278 22.27 -40.34 13.40
C TRP A 278 22.28 -40.88 14.83
N GLU A 279 22.27 -40.00 15.80
CA GLU A 279 22.07 -40.36 17.20
C GLU A 279 21.26 -39.27 17.91
N GLY A 280 20.47 -39.66 18.90
CA GLY A 280 19.63 -38.73 19.63
C GLY A 280 18.31 -38.49 18.92
N LYS A 281 17.43 -37.74 19.59
CA LYS A 281 16.07 -37.51 19.12
C LYS A 281 15.71 -36.02 19.13
N ASN A 282 14.81 -35.65 18.24
CA ASN A 282 14.27 -34.28 18.15
C ASN A 282 15.38 -33.23 18.04
N GLU A 283 15.38 -32.21 18.90
CA GLU A 283 16.36 -31.13 18.79
C GLU A 283 17.76 -31.52 19.28
N ASN A 284 17.90 -32.71 19.89
CA ASN A 284 19.20 -33.26 20.28
C ASN A 284 19.78 -34.24 19.27
N GLU A 285 19.09 -34.47 18.16
CA GLU A 285 19.58 -35.39 17.14
C GLU A 285 20.79 -34.81 16.44
N VAL A 286 21.83 -35.61 16.27
CA VAL A 286 23.04 -35.17 15.55
C VAL A 286 23.41 -36.20 14.49
N GLY A 287 24.04 -35.72 13.43
CA GLY A 287 24.52 -36.57 12.35
C GLY A 287 26.04 -36.63 12.37
N ARG A 288 26.57 -37.84 12.52
CA ARG A 288 28.00 -38.09 12.65
C ARG A 288 28.52 -38.84 11.40
N CYS A 289 29.70 -38.46 10.91
CA CYS A 289 30.39 -39.23 9.87
C CYS A 289 30.89 -40.54 10.47
N LYS A 290 30.44 -41.67 9.91
CA LYS A 290 30.77 -43.00 10.38
C LYS A 290 32.25 -43.29 10.20
N GLU A 291 32.81 -42.84 9.08
CA GLU A 291 34.22 -43.11 8.73
C GLU A 291 35.23 -42.39 9.64
N THR A 292 34.89 -41.20 10.14
CA THR A 292 35.81 -40.38 10.97
C THR A 292 35.36 -40.20 12.42
N GLY A 293 34.10 -40.46 12.73
CA GLY A 293 33.52 -40.10 14.03
C GLY A 293 33.16 -38.62 14.26
N LYS A 294 33.35 -37.73 13.28
CA LYS A 294 33.07 -36.28 13.46
C LYS A 294 31.58 -35.89 13.26
N VAL A 295 31.05 -35.03 14.13
CA VAL A 295 29.68 -34.52 14.01
C VAL A 295 29.61 -33.43 12.91
N HIS A 296 28.74 -33.61 11.92
CA HIS A 296 28.53 -32.61 10.86
C HIS A 296 27.14 -31.95 10.80
N VAL A 297 26.13 -32.53 11.48
CA VAL A 297 24.76 -32.02 11.42
C VAL A 297 24.17 -31.95 12.83
N THR A 298 23.54 -30.83 13.17
CA THR A 298 22.71 -30.72 14.38
C THR A 298 21.32 -30.21 13.97
N VAL A 299 20.43 -30.13 14.96
CA VAL A 299 19.05 -29.68 14.78
C VAL A 299 18.87 -28.46 15.65
N ASP A 300 18.19 -27.45 15.14
CA ASP A 300 17.87 -26.25 15.89
C ASP A 300 16.39 -25.91 15.64
N LEU A 301 15.61 -25.83 16.73
CA LEU A 301 14.16 -25.50 16.70
C LEU A 301 13.81 -24.23 15.96
N LYS A 302 14.73 -23.28 15.90
CA LYS A 302 14.47 -22.03 15.18
C LYS A 302 14.19 -22.22 13.66
N TYR A 303 14.64 -23.33 13.08
CA TYR A 303 14.36 -23.63 11.67
C TYR A 303 13.01 -24.29 11.39
N TYR A 304 12.28 -24.68 12.44
CA TYR A 304 10.93 -25.26 12.29
C TYR A 304 9.91 -24.17 11.89
N ARG A 305 8.80 -24.55 11.28
CA ARG A 305 7.73 -23.61 10.95
C ARG A 305 6.56 -23.82 11.92
N PRO A 306 5.85 -22.75 12.31
CA PRO A 306 4.68 -22.90 13.22
C PRO A 306 3.63 -23.90 12.73
N THR A 307 3.37 -23.93 11.41
CA THR A 307 2.44 -24.87 10.80
C THR A 307 3.14 -25.52 9.63
N GLU A 308 3.73 -26.69 9.89
CA GLU A 308 4.59 -27.39 8.93
C GLU A 308 3.70 -28.02 7.86
N VAL A 309 4.29 -28.17 6.66
CA VAL A 309 3.74 -28.94 5.56
C VAL A 309 4.53 -30.26 5.57
N ASP A 310 3.92 -31.34 6.07
CA ASP A 310 4.70 -32.57 6.38
C ASP A 310 5.09 -33.40 5.15
N PHE A 311 4.25 -33.34 4.12
CA PHE A 311 4.34 -34.28 3.03
C PHE A 311 3.73 -33.67 1.76
N LEU A 312 4.48 -33.73 0.66
CA LEU A 312 3.92 -33.41 -0.66
C LEU A 312 4.33 -34.48 -1.66
N GLN A 313 3.39 -34.87 -2.51
CA GLN A 313 3.63 -35.81 -3.62
C GLN A 313 2.67 -35.49 -4.77
N GLY A 314 3.20 -35.09 -5.91
CA GLY A 314 2.36 -34.63 -7.04
C GLY A 314 2.02 -35.72 -8.05
N ASP A 315 0.81 -35.67 -8.58
CA ASP A 315 0.40 -36.54 -9.67
C ASP A 315 0.23 -35.66 -10.91
N CYS A 316 1.19 -35.77 -11.83
CA CYS A 316 1.18 -34.98 -13.05
C CYS A 316 0.66 -35.72 -14.31
N THR A 317 -0.26 -36.67 -14.09
CA THR A 317 -0.88 -37.42 -15.17
C THR A 317 -1.47 -36.52 -16.26
N LYS A 318 -2.20 -35.48 -15.85
CA LYS A 318 -2.81 -34.55 -16.81
C LYS A 318 -1.78 -33.89 -17.72
N ALA A 319 -0.66 -33.45 -17.16
CA ALA A 319 0.40 -32.81 -17.93
C ALA A 319 1.07 -33.80 -18.88
N LYS A 320 1.29 -35.02 -18.39
CA LYS A 320 1.85 -36.09 -19.23
C LYS A 320 0.97 -36.33 -20.45
N GLN A 321 -0.33 -36.44 -20.25
CA GLN A 321 -1.27 -36.68 -21.34
C GLN A 321 -1.39 -35.50 -22.31
N LYS A 322 -1.65 -34.30 -21.79
CA LYS A 322 -1.94 -33.15 -22.66
C LYS A 322 -0.71 -32.40 -23.16
N LEU A 323 0.31 -32.26 -22.33
CA LEU A 323 1.51 -31.50 -22.70
C LEU A 323 2.65 -32.37 -23.19
N ASN A 324 2.57 -33.69 -22.99
CA ASN A 324 3.70 -34.60 -23.22
C ASN A 324 4.96 -34.16 -22.44
N TRP A 325 4.76 -33.69 -21.21
CA TRP A 325 5.86 -33.25 -20.38
C TRP A 325 6.26 -34.41 -19.46
N LYS A 326 7.55 -34.62 -19.30
CA LYS A 326 8.08 -35.63 -18.39
C LYS A 326 9.32 -35.03 -17.72
N PRO A 327 9.49 -35.23 -16.40
CA PRO A 327 10.74 -34.78 -15.80
C PRO A 327 11.91 -35.66 -16.30
N ARG A 328 13.04 -35.04 -16.62
CA ARG A 328 14.25 -35.71 -17.04
C ARG A 328 15.20 -35.99 -15.86
N VAL A 329 15.29 -35.08 -14.92
CA VAL A 329 16.17 -35.26 -13.77
C VAL A 329 15.43 -35.87 -12.59
N ALA A 330 15.92 -37.01 -12.11
CA ALA A 330 15.41 -37.65 -10.89
C ALA A 330 16.21 -37.24 -9.67
N PHE A 331 15.67 -37.52 -8.48
CA PHE A 331 16.21 -37.06 -7.18
C PHE A 331 17.70 -37.34 -6.97
N ASP A 332 18.16 -38.55 -7.27
CA ASP A 332 19.57 -38.92 -7.05
C ASP A 332 20.52 -38.11 -7.91
N GLU A 333 20.19 -37.91 -9.17
CA GLU A 333 20.99 -37.03 -10.06
C GLU A 333 20.93 -35.54 -9.63
N LEU A 334 19.77 -35.09 -9.16
CA LEU A 334 19.62 -33.72 -8.61
C LEU A 334 20.57 -33.49 -7.45
N VAL A 335 20.61 -34.42 -6.49
CA VAL A 335 21.53 -34.31 -5.34
C VAL A 335 22.97 -34.24 -5.82
N ARG A 336 23.35 -35.16 -6.70
CA ARG A 336 24.72 -35.22 -7.30
C ARG A 336 25.12 -33.90 -7.98
N GLU A 337 24.25 -33.41 -8.85
CA GLU A 337 24.52 -32.16 -9.58
C GLU A 337 24.72 -30.99 -8.61
N MET A 338 23.88 -30.90 -7.58
CA MET A 338 23.95 -29.78 -6.65
C MET A 338 25.21 -29.80 -5.81
N VAL A 339 25.57 -30.98 -5.28
CA VAL A 339 26.80 -31.09 -4.46
C VAL A 339 28.05 -30.82 -5.32
N HIS A 340 28.11 -31.47 -6.48
CA HIS A 340 29.21 -31.28 -7.41
C HIS A 340 29.38 -29.80 -7.81
N ALA A 341 28.27 -29.14 -8.19
CA ALA A 341 28.32 -27.72 -8.56
C ALA A 341 28.79 -26.82 -7.42
N ASP A 342 28.35 -27.08 -6.20
CA ASP A 342 28.76 -26.24 -5.07
C ASP A 342 30.20 -26.52 -4.60
N VAL A 343 30.69 -27.74 -4.78
CA VAL A 343 32.12 -28.02 -4.57
C VAL A 343 32.95 -27.13 -5.51
N GLU A 344 32.65 -27.20 -6.82
CA GLU A 344 33.33 -26.35 -7.84
C GLU A 344 33.22 -24.87 -7.51
N LEU A 345 32.03 -24.42 -7.14
CA LEU A 345 31.79 -23.02 -6.78
C LEU A 345 32.61 -22.57 -5.59
N MET A 346 32.59 -23.34 -4.50
CA MET A 346 33.30 -22.97 -3.27
C MET A 346 34.82 -23.13 -3.38
N ARG A 347 35.29 -24.04 -4.23
CA ARG A 347 36.72 -24.22 -4.50
C ARG A 347 37.27 -23.00 -5.22
N THR A 348 36.59 -22.58 -6.31
CA THR A 348 37.00 -21.42 -7.10
C THR A 348 36.90 -20.11 -6.33
N ASN A 349 35.97 -20.04 -5.37
CA ASN A 349 35.73 -18.81 -4.63
C ASN A 349 35.17 -19.19 -3.25
N PRO A 350 36.04 -19.22 -2.21
CA PRO A 350 35.58 -19.54 -0.84
C PRO A 350 34.50 -18.64 -0.22
N ASN A 351 34.31 -17.43 -0.76
CA ASN A 351 33.23 -16.53 -0.33
C ASN A 351 31.96 -16.62 -1.19
N ALA A 352 31.80 -17.67 -2.01
CA ALA A 352 30.73 -17.74 -3.02
C ALA A 352 29.33 -18.14 -2.47
N MET B 2 -13.94 23.89 -28.11
CA MET B 2 -14.80 22.74 -28.54
C MET B 2 -15.03 21.76 -27.40
N ARG B 3 -13.96 21.12 -26.96
CA ARG B 3 -14.04 19.95 -26.04
C ARG B 3 -13.56 20.29 -24.63
N ASN B 4 -14.48 20.31 -23.67
CA ASN B 4 -14.21 20.70 -22.28
C ASN B 4 -14.70 19.62 -21.35
N VAL B 5 -13.78 18.79 -20.88
CA VAL B 5 -14.10 17.60 -20.10
C VAL B 5 -13.27 17.62 -18.81
N ALA B 6 -13.94 17.77 -17.68
CA ALA B 6 -13.29 17.83 -16.38
C ALA B 6 -13.41 16.52 -15.60
N LEU B 7 -12.32 16.11 -14.96
CA LEU B 7 -12.35 15.01 -13.99
C LEU B 7 -12.06 15.61 -12.61
N ILE B 8 -13.00 15.46 -11.70
CA ILE B 8 -12.84 15.98 -10.36
C ILE B 8 -12.70 14.81 -9.38
N THR B 9 -11.53 14.68 -8.74
CA THR B 9 -11.46 13.82 -7.55
C THR B 9 -11.96 14.65 -6.39
N GLY B 10 -12.57 13.99 -5.41
CA GLY B 10 -13.20 14.65 -4.28
C GLY B 10 -14.47 15.40 -4.62
N ILE B 11 -15.21 14.93 -5.64
CA ILE B 11 -16.42 15.62 -6.08
C ILE B 11 -17.53 15.67 -5.01
N THR B 12 -17.54 14.72 -4.08
CA THR B 12 -18.55 14.70 -3.04
C THR B 12 -18.32 15.69 -1.89
N GLY B 13 -17.12 16.26 -1.83
CA GLY B 13 -16.76 17.21 -0.79
C GLY B 13 -17.27 18.62 -1.04
N GLN B 14 -16.98 19.52 -0.10
CA GLN B 14 -17.39 20.94 -0.20
C GLN B 14 -17.01 21.54 -1.54
N ASP B 15 -15.71 21.57 -1.80
CA ASP B 15 -15.17 22.23 -2.99
C ASP B 15 -15.62 21.56 -4.28
N GLY B 16 -15.53 20.23 -4.30
CA GLY B 16 -15.96 19.44 -5.45
C GLY B 16 -17.38 19.74 -5.89
N SER B 17 -18.28 19.91 -4.92
CA SER B 17 -19.69 20.15 -5.20
C SER B 17 -19.90 21.53 -5.82
N TYR B 18 -19.23 22.56 -5.29
CA TYR B 18 -19.26 23.89 -5.91
C TYR B 18 -18.57 23.94 -7.27
N LEU B 19 -17.43 23.26 -7.40
CA LEU B 19 -16.70 23.25 -8.68
C LEU B 19 -17.52 22.56 -9.75
N ALA B 20 -18.16 21.46 -9.40
CA ALA B 20 -19.01 20.74 -10.34
C ALA B 20 -20.11 21.66 -10.90
N GLU B 21 -20.80 22.40 -10.03
CA GLU B 21 -21.83 23.38 -10.48
C GLU B 21 -21.26 24.45 -11.42
N PHE B 22 -20.14 25.02 -11.00
CA PHE B 22 -19.45 26.08 -11.76
C PHE B 22 -19.07 25.57 -13.16
N LEU B 23 -18.54 24.37 -13.27
CA LEU B 23 -18.12 23.85 -14.58
C LEU B 23 -19.31 23.45 -15.46
N LEU B 24 -20.32 22.85 -14.85
CA LEU B 24 -21.58 22.51 -15.56
C LEU B 24 -22.22 23.75 -16.18
N GLU B 25 -22.32 24.85 -15.43
CA GLU B 25 -22.81 26.14 -15.94
C GLU B 25 -22.02 26.61 -17.17
N LYS B 26 -20.74 26.30 -17.25
CA LYS B 26 -19.95 26.60 -18.45
C LYS B 26 -20.06 25.55 -19.58
N GLY B 27 -20.97 24.58 -19.45
CA GLY B 27 -21.14 23.57 -20.49
C GLY B 27 -20.09 22.49 -20.52
N TYR B 28 -19.35 22.29 -19.41
CA TYR B 28 -18.38 21.20 -19.36
C TYR B 28 -19.12 19.87 -19.19
N GLU B 29 -18.54 18.83 -19.74
CA GLU B 29 -18.84 17.46 -19.36
C GLU B 29 -18.02 17.20 -18.07
N VAL B 30 -18.70 16.89 -16.97
CA VAL B 30 -18.04 16.75 -15.67
C VAL B 30 -18.07 15.30 -15.22
N HIS B 31 -16.90 14.74 -14.95
CA HIS B 31 -16.75 13.43 -14.36
C HIS B 31 -16.20 13.51 -12.95
N GLY B 32 -16.74 12.70 -12.06
CA GLY B 32 -16.33 12.70 -10.65
C GLY B 32 -15.97 11.30 -10.21
N ILE B 33 -14.96 11.20 -9.34
CA ILE B 33 -14.61 9.95 -8.68
C ILE B 33 -15.26 9.94 -7.30
N VAL B 34 -16.07 8.90 -7.03
CA VAL B 34 -16.80 8.76 -5.78
C VAL B 34 -16.36 7.49 -5.07
N ARG B 35 -16.26 7.54 -3.75
CA ARG B 35 -15.90 6.36 -2.99
C ARG B 35 -17.13 5.47 -2.79
N ARG B 36 -16.91 4.15 -2.80
CA ARG B 36 -17.95 3.24 -2.32
C ARG B 36 -18.16 3.51 -0.84
N SER B 37 -19.43 3.55 -0.43
CA SER B 37 -19.79 3.66 0.98
C SER B 37 -20.98 2.78 1.27
N SER B 38 -21.05 2.28 2.51
CA SER B 38 -22.20 1.49 2.95
C SER B 38 -23.47 2.35 3.12
N SER B 39 -23.30 3.68 3.17
CA SER B 39 -24.38 4.64 3.26
C SER B 39 -24.37 5.57 2.06
N PHE B 40 -25.48 6.28 1.88
CA PHE B 40 -25.59 7.41 0.96
C PHE B 40 -24.47 8.42 1.25
N ASN B 41 -23.74 8.85 0.22
CA ASN B 41 -22.63 9.81 0.40
C ASN B 41 -22.51 10.91 -0.67
N THR B 42 -23.57 11.15 -1.44
CA THR B 42 -23.57 12.12 -2.54
C THR B 42 -24.52 13.28 -2.26
N GLY B 43 -24.79 13.53 -0.99
CA GLY B 43 -25.71 14.62 -0.61
C GLY B 43 -25.41 16.00 -1.20
N ARG B 44 -24.15 16.37 -1.34
CA ARG B 44 -23.85 17.72 -1.86
C ARG B 44 -24.05 17.89 -3.38
N ILE B 45 -24.15 16.78 -4.11
CA ILE B 45 -24.25 16.82 -5.58
C ILE B 45 -25.46 16.10 -6.16
N GLU B 46 -26.32 15.53 -5.30
CA GLU B 46 -27.51 14.77 -5.75
C GLU B 46 -28.47 15.61 -6.62
N HIS B 47 -28.62 16.89 -6.28
CA HIS B 47 -29.38 17.83 -7.12
C HIS B 47 -28.87 18.00 -8.57
N LEU B 48 -27.62 17.65 -8.85
CA LEU B 48 -27.06 17.73 -10.20
C LEU B 48 -27.31 16.54 -11.12
N TYR B 49 -27.75 15.37 -10.59
CA TYR B 49 -28.08 14.19 -11.44
C TYR B 49 -29.53 13.75 -11.24
N ASN B 59 -24.66 15.65 -18.52
CA ASN B 59 -23.41 16.39 -18.36
C ASN B 59 -22.55 15.96 -17.16
N MET B 60 -23.14 15.40 -16.08
CA MET B 60 -22.35 14.84 -14.95
C MET B 60 -22.35 13.31 -14.91
N LYS B 61 -21.18 12.68 -14.86
CA LYS B 61 -21.05 11.20 -14.75
C LYS B 61 -20.18 10.88 -13.52
N LEU B 62 -20.61 9.93 -12.69
CA LEU B 62 -19.84 9.50 -11.51
C LEU B 62 -19.21 8.13 -11.71
N HIS B 63 -18.00 7.92 -11.20
CA HIS B 63 -17.26 6.68 -11.34
C HIS B 63 -16.78 6.27 -9.96
N TYR B 64 -16.98 5.01 -9.58
CA TYR B 64 -16.38 4.51 -8.34
C TYR B 64 -14.85 4.44 -8.47
N GLY B 65 -14.16 4.93 -7.45
CA GLY B 65 -12.71 4.87 -7.43
C GLY B 65 -12.21 5.21 -6.05
N ASP B 66 -10.90 5.11 -5.91
CA ASP B 66 -10.23 5.52 -4.68
C ASP B 66 -8.82 5.94 -5.04
N LEU B 67 -8.33 6.98 -4.34
CA LEU B 67 -7.00 7.53 -4.61
C LEU B 67 -5.86 6.62 -4.15
N THR B 68 -6.19 5.52 -3.46
CA THR B 68 -5.20 4.50 -3.11
C THR B 68 -5.18 3.30 -4.07
N ASP B 69 -5.99 3.32 -5.13
CA ASP B 69 -6.13 2.21 -6.09
C ASP B 69 -5.64 2.76 -7.44
N SER B 70 -4.35 2.56 -7.70
CA SER B 70 -3.71 3.03 -8.95
C SER B 70 -4.42 2.57 -10.25
N THR B 71 -4.90 1.32 -10.30
CA THR B 71 -5.54 0.77 -11.49
C THR B 71 -6.87 1.45 -11.84
N CYS B 72 -7.69 1.74 -10.82
CA CYS B 72 -8.95 2.41 -11.07
C CYS B 72 -8.71 3.78 -11.66
N LEU B 73 -7.66 4.45 -11.22
CA LEU B 73 -7.38 5.83 -11.67
C LEU B 73 -6.96 5.85 -13.14
N VAL B 74 -6.11 4.89 -13.53
CA VAL B 74 -5.68 4.80 -14.93
C VAL B 74 -6.87 4.45 -15.83
N LYS B 75 -7.68 3.46 -15.41
CA LYS B 75 -8.89 3.10 -16.17
C LYS B 75 -9.79 4.31 -16.40
N ILE B 76 -10.08 5.03 -15.33
CA ILE B 76 -10.99 6.18 -15.42
C ILE B 76 -10.39 7.26 -16.34
N ILE B 77 -9.13 7.61 -16.13
CA ILE B 77 -8.50 8.67 -16.95
C ILE B 77 -8.41 8.25 -18.43
N ASN B 78 -8.11 6.98 -18.67
CA ASN B 78 -8.00 6.46 -20.03
C ASN B 78 -9.37 6.47 -20.74
N GLU B 79 -10.43 6.16 -20.02
CA GLU B 79 -11.78 6.19 -20.54
C GLU B 79 -12.30 7.61 -20.76
N VAL B 80 -12.13 8.48 -19.77
CA VAL B 80 -12.68 9.85 -19.82
C VAL B 80 -11.86 10.77 -20.73
N LYS B 81 -10.53 10.60 -20.73
CA LYS B 81 -9.60 11.49 -21.46
C LYS B 81 -9.88 12.98 -21.19
N PRO B 82 -9.81 13.39 -19.91
CA PRO B 82 -10.20 14.75 -19.57
C PRO B 82 -9.27 15.79 -20.14
N THR B 83 -9.78 16.98 -20.40
CA THR B 83 -8.93 18.14 -20.68
C THR B 83 -8.46 18.84 -19.40
N GLU B 84 -9.22 18.70 -18.31
CA GLU B 84 -8.87 19.31 -17.02
C GLU B 84 -9.08 18.30 -15.89
N ILE B 85 -8.08 18.19 -15.00
CA ILE B 85 -8.20 17.35 -13.80
C ILE B 85 -8.03 18.22 -12.57
N TYR B 86 -8.97 18.12 -11.63
CA TYR B 86 -8.90 18.84 -10.36
C TYR B 86 -8.77 17.80 -9.28
N ASN B 87 -7.58 17.70 -8.68
CA ASN B 87 -7.38 16.74 -7.61
C ASN B 87 -7.76 17.36 -6.27
N LEU B 88 -9.05 17.26 -5.93
CA LEU B 88 -9.55 17.75 -4.64
C LEU B 88 -9.73 16.64 -3.61
N GLY B 89 -9.58 15.38 -4.02
CA GLY B 89 -9.76 14.26 -3.10
C GLY B 89 -8.67 14.18 -2.05
N ALA B 90 -9.09 14.06 -0.80
CA ALA B 90 -8.18 14.04 0.35
C ALA B 90 -8.89 13.70 1.64
N GLN B 91 -8.15 13.06 2.53
CA GLN B 91 -8.41 13.14 3.95
C GLN B 91 -7.98 14.55 4.36
N SER B 92 -8.95 15.44 4.52
CA SER B 92 -8.68 16.87 4.63
C SER B 92 -8.69 17.42 6.06
N HIS B 93 -8.96 16.58 7.06
CA HIS B 93 -9.10 17.07 8.42
C HIS B 93 -7.77 16.92 9.14
N VAL B 94 -7.29 18.03 9.69
CA VAL B 94 -5.97 18.15 10.30
C VAL B 94 -5.89 17.36 11.63
N LYS B 95 -6.86 17.52 12.51
CA LYS B 95 -6.87 16.81 13.79
C LYS B 95 -6.91 15.30 13.58
N ILE B 96 -7.76 14.86 12.64
CA ILE B 96 -7.90 13.44 12.36
C ILE B 96 -6.56 12.90 11.77
N SER B 97 -5.81 13.72 11.03
CA SER B 97 -4.52 13.27 10.45
C SER B 97 -3.50 12.78 11.47
N PHE B 98 -3.56 13.26 12.71
CA PHE B 98 -2.67 12.78 13.79
C PHE B 98 -2.94 11.34 14.19
N ASP B 99 -4.18 10.88 14.07
CA ASP B 99 -4.54 9.47 14.31
C ASP B 99 -4.61 8.62 13.06
N LEU B 100 -4.59 9.25 11.89
CA LEU B 100 -4.65 8.55 10.61
C LEU B 100 -3.49 9.00 9.75
N ALA B 101 -2.29 9.00 10.33
CA ALA B 101 -1.14 9.61 9.63
C ALA B 101 -0.78 8.91 8.33
N GLU B 102 -0.78 7.58 8.37
CA GLU B 102 -0.36 6.77 7.21
C GLU B 102 -1.39 6.80 6.08
N TYR B 103 -2.67 6.57 6.42
CA TYR B 103 -3.76 6.70 5.43
C TYR B 103 -3.71 8.10 4.79
N THR B 104 -3.52 9.13 5.61
CA THR B 104 -3.44 10.51 5.11
C THR B 104 -2.29 10.69 4.12
N ALA B 105 -1.13 10.11 4.45
CA ALA B 105 0.02 10.14 3.55
C ALA B 105 -0.30 9.43 2.24
N ASP B 106 -0.93 8.27 2.32
CA ASP B 106 -1.21 7.47 1.13
C ASP B 106 -2.23 8.13 0.18
N VAL B 107 -3.25 8.77 0.76
CA VAL B 107 -4.27 9.45 -0.04
C VAL B 107 -3.81 10.83 -0.56
N ASP B 108 -3.37 11.69 0.37
CA ASP B 108 -3.07 13.07 0.06
C ASP B 108 -1.73 13.28 -0.63
N GLY B 109 -0.72 12.49 -0.23
CA GLY B 109 0.62 12.52 -0.83
C GLY B 109 0.73 11.60 -2.03
N VAL B 110 0.72 10.30 -1.77
CA VAL B 110 0.97 9.32 -2.82
C VAL B 110 -0.16 9.34 -3.86
N GLY B 111 -1.39 9.58 -3.40
CA GLY B 111 -2.51 9.68 -4.32
C GLY B 111 -2.32 10.70 -5.41
N THR B 112 -1.72 11.84 -5.05
CA THR B 112 -1.44 12.89 -6.02
C THR B 112 -0.48 12.37 -7.10
N LEU B 113 0.59 11.70 -6.68
CA LEU B 113 1.51 11.05 -7.62
C LEU B 113 0.79 10.02 -8.51
N ARG B 114 -0.09 9.19 -7.93
CA ARG B 114 -0.80 8.19 -8.72
C ARG B 114 -1.55 8.84 -9.88
N LEU B 115 -2.19 9.96 -9.60
N LEU B 115 -2.20 9.97 -9.59
CA LEU B 115 -3.01 10.64 -10.61
CA LEU B 115 -3.01 10.64 -10.61
C LEU B 115 -2.12 11.22 -11.73
C LEU B 115 -2.11 11.22 -11.73
N LEU B 116 -1.03 11.86 -11.32
CA LEU B 116 -0.04 12.41 -12.25
C LEU B 116 0.55 11.33 -13.14
N ASP B 117 0.96 10.22 -12.52
CA ASP B 117 1.50 9.10 -13.26
C ASP B 117 0.49 8.46 -14.23
N ALA B 118 -0.79 8.45 -13.85
CA ALA B 118 -1.83 7.96 -14.73
C ALA B 118 -1.97 8.86 -15.97
N VAL B 119 -1.85 10.18 -15.77
CA VAL B 119 -1.86 11.10 -16.88
C VAL B 119 -0.74 10.76 -17.87
N LYS B 120 0.45 10.51 -17.33
CA LYS B 120 1.63 10.21 -18.13
C LYS B 120 1.50 8.87 -18.85
N THR B 121 1.12 7.86 -18.09
CA THR B 121 0.86 6.51 -18.60
C THR B 121 -0.17 6.51 -19.74
N CYS B 122 -1.22 7.31 -19.63
CA CYS B 122 -2.25 7.37 -20.67
C CYS B 122 -1.88 8.24 -21.90
N GLY B 123 -0.66 8.78 -21.94
CA GLY B 123 -0.20 9.61 -23.05
C GLY B 123 -0.87 10.98 -23.13
N LEU B 124 -1.32 11.50 -21.98
CA LEU B 124 -2.05 12.77 -21.93
C LEU B 124 -1.24 13.97 -21.38
N ILE B 125 0.06 13.79 -21.24
CA ILE B 125 1.00 14.77 -20.66
C ILE B 125 0.88 16.18 -21.33
N ASN B 126 0.66 16.21 -22.65
CA ASN B 126 0.56 17.44 -23.45
C ASN B 126 -0.85 17.94 -23.72
N SER B 127 -1.88 17.24 -23.26
CA SER B 127 -3.28 17.66 -23.43
C SER B 127 -4.04 17.96 -22.14
N VAL B 128 -3.57 17.46 -20.99
CA VAL B 128 -4.27 17.64 -19.71
C VAL B 128 -3.75 18.90 -19.02
N LYS B 129 -4.64 19.64 -18.41
CA LYS B 129 -4.25 20.66 -17.43
C LYS B 129 -4.65 20.15 -16.04
N PHE B 130 -3.71 20.15 -15.09
CA PHE B 130 -3.88 19.51 -13.79
C PHE B 130 -3.84 20.54 -12.67
N TYR B 131 -4.88 20.56 -11.84
CA TYR B 131 -4.96 21.42 -10.66
C TYR B 131 -4.78 20.57 -9.42
N GLN B 132 -3.82 20.94 -8.58
CA GLN B 132 -3.63 20.29 -7.27
C GLN B 132 -4.17 21.19 -6.17
N ALA B 133 -4.91 20.57 -5.24
CA ALA B 133 -5.43 21.26 -4.09
C ALA B 133 -4.38 21.39 -2.99
N SER B 134 -3.50 22.37 -3.18
CA SER B 134 -2.51 22.72 -2.16
C SER B 134 -3.16 23.65 -1.14
N THR B 135 -2.40 24.10 -0.15
CA THR B 135 -3.02 24.62 1.04
C THR B 135 -2.11 25.50 1.86
N SER B 136 -2.73 26.48 2.53
CA SER B 136 -2.03 27.29 3.52
C SER B 136 -1.45 26.50 4.68
N GLU B 137 -1.97 25.28 4.95
CA GLU B 137 -1.35 24.43 5.99
C GLU B 137 0.11 24.13 5.74
N LEU B 138 0.55 24.21 4.47
CA LEU B 138 1.96 24.12 4.12
C LEU B 138 2.86 25.13 4.85
N TYR B 139 2.34 26.33 5.13
CA TYR B 139 3.10 27.37 5.82
C TYR B 139 3.22 27.07 7.32
N GLY B 140 2.26 26.31 7.86
CA GLY B 140 2.23 25.89 9.26
C GLY B 140 2.72 26.91 10.28
N LYS B 141 3.90 26.67 10.85
CA LYS B 141 4.51 27.65 11.74
C LYS B 141 5.11 28.74 10.84
N VAL B 142 4.34 29.78 10.60
CA VAL B 142 4.60 30.72 9.49
C VAL B 142 5.98 31.39 9.58
N GLN B 143 6.72 31.35 8.48
CA GLN B 143 8.06 31.92 8.38
C GLN B 143 8.07 33.37 7.87
N GLU B 144 6.94 33.83 7.34
CA GLU B 144 6.71 35.24 6.97
C GLU B 144 5.24 35.54 7.26
N ILE B 145 4.97 36.82 7.49
CA ILE B 145 3.62 37.36 7.65
C ILE B 145 3.52 38.63 6.81
N PRO B 146 2.58 38.73 5.85
CA PRO B 146 1.72 37.64 5.41
C PRO B 146 2.49 36.55 4.63
N GLN B 147 1.80 35.49 4.24
CA GLN B 147 2.42 34.40 3.48
C GLN B 147 2.07 34.54 2.01
N LYS B 148 3.08 34.36 1.16
CA LYS B 148 2.90 34.43 -0.29
C LYS B 148 3.61 33.24 -0.92
N GLU B 149 3.65 33.19 -2.25
CA GLU B 149 4.12 32.02 -2.99
C GLU B 149 5.57 31.64 -2.63
N THR B 150 6.38 32.63 -2.30
CA THR B 150 7.79 32.42 -1.99
C THR B 150 8.08 32.21 -0.48
N THR B 151 7.08 32.28 0.38
CA THR B 151 7.29 32.01 1.81
C THR B 151 7.68 30.55 1.99
N PRO B 152 8.77 30.26 2.74
CA PRO B 152 9.13 28.86 2.96
C PRO B 152 8.07 28.11 3.77
N PHE B 153 7.86 26.85 3.42
CA PHE B 153 6.91 25.98 4.07
C PHE B 153 7.45 25.43 5.40
N TYR B 154 6.54 25.16 6.33
CA TYR B 154 6.88 24.58 7.61
C TYR B 154 5.66 23.81 8.15
N PRO B 155 5.40 22.61 7.62
CA PRO B 155 4.22 21.87 8.04
C PRO B 155 4.22 21.45 9.51
N ARG B 156 3.02 21.34 10.07
CA ARG B 156 2.78 21.10 11.49
C ARG B 156 1.77 19.96 11.74
N SER B 157 1.63 19.05 10.78
CA SER B 157 0.76 17.88 10.96
C SER B 157 1.08 16.83 9.91
N PRO B 158 0.66 15.57 10.15
CA PRO B 158 0.75 14.59 9.06
C PRO B 158 -0.01 15.03 7.80
N TYR B 159 -1.10 15.80 7.95
CA TYR B 159 -1.80 16.34 6.78
C TYR B 159 -0.93 17.31 6.02
N GLY B 160 -0.32 18.23 6.75
CA GLY B 160 0.55 19.23 6.15
C GLY B 160 1.74 18.59 5.43
N ALA B 161 2.36 17.60 6.08
CA ALA B 161 3.48 16.92 5.49
C ALA B 161 3.09 16.19 4.20
N ALA B 162 1.93 15.51 4.21
CA ALA B 162 1.45 14.81 3.01
C ALA B 162 1.15 15.77 1.86
N LYS B 163 0.53 16.90 2.19
CA LYS B 163 0.25 17.94 1.20
C LYS B 163 1.52 18.56 0.63
N LEU B 164 2.57 18.64 1.45
CA LEU B 164 3.87 19.13 0.98
C LEU B 164 4.51 18.22 -0.06
N TYR B 165 4.44 16.89 0.16
CA TYR B 165 4.87 15.92 -0.85
C TYR B 165 4.11 16.19 -2.17
N ALA B 166 2.80 16.34 -2.05
CA ALA B 166 1.92 16.51 -3.20
C ALA B 166 2.30 17.79 -3.97
N TYR B 167 2.54 18.87 -3.24
CA TYR B 167 2.96 20.12 -3.84
C TYR B 167 4.18 19.92 -4.72
N TRP B 168 5.20 19.27 -4.15
CA TRP B 168 6.49 19.11 -4.84
C TRP B 168 6.49 18.11 -5.98
N ILE B 169 5.72 17.02 -5.87
CA ILE B 169 5.64 16.06 -6.94
C ILE B 169 4.93 16.67 -8.15
N VAL B 170 3.92 17.52 -7.90
CA VAL B 170 3.28 18.34 -8.96
C VAL B 170 4.30 19.25 -9.67
N VAL B 171 5.08 19.99 -8.89
CA VAL B 171 6.15 20.83 -9.43
C VAL B 171 7.10 19.98 -10.30
N ASN B 172 7.47 18.79 -9.81
CA ASN B 172 8.41 17.95 -10.55
C ASN B 172 7.85 17.44 -11.88
N PHE B 173 6.55 17.15 -11.95
CA PHE B 173 5.95 16.73 -13.21
C PHE B 173 5.91 17.87 -14.22
N ARG B 174 5.63 19.08 -13.74
CA ARG B 174 5.67 20.27 -14.58
C ARG B 174 7.05 20.52 -15.13
N GLU B 175 8.06 20.43 -14.27
CA GLU B 175 9.43 20.70 -14.68
C GLU B 175 10.05 19.57 -15.49
N ALA B 176 9.76 18.31 -15.15
CA ALA B 176 10.34 17.17 -15.85
C ALA B 176 9.71 16.90 -17.19
N TYR B 177 8.39 16.95 -17.28
CA TYR B 177 7.68 16.49 -18.48
C TYR B 177 6.86 17.57 -19.18
N ASN B 178 6.98 18.83 -18.74
CA ASN B 178 6.16 19.95 -19.27
C ASN B 178 4.68 19.71 -19.16
N LEU B 179 4.25 19.04 -18.10
CA LEU B 179 2.83 18.90 -17.83
C LEU B 179 2.36 20.28 -17.34
N PHE B 180 1.23 20.75 -17.86
CA PHE B 180 0.59 21.91 -17.32
C PHE B 180 -0.06 21.51 -15.98
N ALA B 181 0.66 21.75 -14.89
CA ALA B 181 0.25 21.30 -13.55
C ALA B 181 0.52 22.42 -12.58
N VAL B 182 -0.47 22.73 -11.73
CA VAL B 182 -0.41 23.91 -10.86
C VAL B 182 -0.85 23.59 -9.45
N ASN B 183 -0.28 24.31 -8.49
CA ASN B 183 -0.67 24.24 -7.09
C ASN B 183 -1.45 25.47 -6.73
N GLY B 184 -2.73 25.30 -6.42
CA GLY B 184 -3.49 26.36 -5.78
C GLY B 184 -3.19 26.29 -4.30
N ILE B 185 -2.58 27.34 -3.76
CA ILE B 185 -2.25 27.41 -2.32
C ILE B 185 -3.39 28.17 -1.69
N LEU B 186 -4.49 27.47 -1.47
CA LEU B 186 -5.71 28.09 -0.99
C LEU B 186 -5.70 28.16 0.54
N PHE B 187 -6.08 29.32 1.06
CA PHE B 187 -6.28 29.52 2.50
C PHE B 187 -7.67 29.04 2.89
N ASN B 188 -7.93 28.91 4.20
CA ASN B 188 -9.19 28.35 4.69
C ASN B 188 -10.38 28.91 3.93
N HIS B 189 -11.24 28.02 3.42
CA HIS B 189 -12.50 28.43 2.83
C HIS B 189 -13.67 27.55 3.28
N GLU B 190 -14.80 28.21 3.52
CA GLU B 190 -15.93 27.63 4.23
C GLU B 190 -17.20 27.90 3.42
N SER B 191 -18.31 27.38 3.91
CA SER B 191 -19.61 27.48 3.25
C SER B 191 -20.64 26.78 4.12
N PRO B 192 -21.95 26.91 3.77
CA PRO B 192 -22.98 26.06 4.36
C PRO B 192 -22.80 24.54 4.15
N ARG B 193 -21.97 24.13 3.18
CA ARG B 193 -21.65 22.71 2.90
C ARG B 193 -20.35 22.20 3.54
N ARG B 194 -19.72 23.07 4.35
CA ARG B 194 -18.49 22.73 5.06
C ARG B 194 -18.72 21.55 5.98
N GLY B 195 -17.73 20.65 6.02
CA GLY B 195 -17.79 19.51 6.94
C GLY B 195 -18.10 19.94 8.36
N ALA B 196 -18.97 19.20 9.03
CA ALA B 196 -19.49 19.55 10.35
C ALA B 196 -18.48 19.59 11.48
N ASN B 197 -17.33 18.92 11.32
CA ASN B 197 -16.29 18.89 12.35
C ASN B 197 -15.10 19.86 12.11
N PHE B 198 -15.22 20.70 11.08
CA PHE B 198 -14.37 21.91 10.98
C PHE B 198 -14.96 22.98 11.88
N VAL B 199 -14.12 23.89 12.36
CA VAL B 199 -14.52 24.79 13.45
C VAL B 199 -15.66 25.75 13.11
N THR B 200 -15.64 26.27 11.89
CA THR B 200 -16.60 27.26 11.45
C THR B 200 -18.02 26.68 11.41
N ARG B 201 -18.15 25.51 10.80
CA ARG B 201 -19.44 24.82 10.67
C ARG B 201 -19.87 24.21 11.99
N LYS B 202 -18.92 23.76 12.79
CA LYS B 202 -19.24 23.29 14.14
C LYS B 202 -19.91 24.42 14.91
N ILE B 203 -19.34 25.63 14.82
CA ILE B 203 -19.92 26.80 15.49
C ILE B 203 -21.29 27.18 14.91
N SER B 204 -21.40 27.30 13.59
CA SER B 204 -22.65 27.72 12.95
C SER B 204 -23.79 26.72 13.22
N ARG B 205 -23.50 25.42 13.17
CA ARG B 205 -24.50 24.41 13.52
C ARG B 205 -24.92 24.49 15.00
N SER B 206 -23.95 24.62 15.89
CA SER B 206 -24.22 24.64 17.33
C SER B 206 -25.01 25.91 17.75
N VAL B 207 -24.62 27.05 17.18
CA VAL B 207 -25.31 28.32 17.38
C VAL B 207 -26.75 28.21 16.86
N ALA B 208 -26.93 27.66 15.65
CA ALA B 208 -28.26 27.43 15.10
C ALA B 208 -29.10 26.56 16.03
N LYS B 209 -28.50 25.49 16.56
CA LYS B 209 -29.23 24.60 17.48
C LYS B 209 -29.62 25.33 18.79
N ILE B 210 -28.72 26.15 19.31
CA ILE B 210 -29.01 26.93 20.53
C ILE B 210 -30.20 27.88 20.29
N TYR B 211 -30.16 28.58 19.16
CA TYR B 211 -31.26 29.46 18.73
C TYR B 211 -32.61 28.75 18.67
N LEU B 212 -32.64 27.50 18.21
CA LEU B 212 -33.87 26.74 18.06
C LEU B 212 -34.24 25.89 19.29
N GLY B 213 -33.54 26.08 20.41
CA GLY B 213 -33.79 25.28 21.60
C GLY B 213 -33.45 23.81 21.53
N GLN B 214 -32.62 23.39 20.57
CA GLN B 214 -32.21 21.99 20.43
C GLN B 214 -30.92 21.66 21.20
N LEU B 215 -30.28 22.68 21.75
CA LEU B 215 -28.96 22.52 22.38
C LEU B 215 -28.75 23.72 23.31
N GLU B 216 -28.02 23.53 24.40
CA GLU B 216 -27.71 24.62 25.33
C GLU B 216 -26.27 25.12 25.28
N CYS B 217 -25.33 24.19 25.07
CA CYS B 217 -23.89 24.46 25.29
C CYS B 217 -23.05 23.53 24.41
N PHE B 218 -21.90 24.03 23.93
CA PHE B 218 -20.96 23.16 23.18
C PHE B 218 -19.53 23.49 23.55
N SER B 219 -18.62 22.55 23.28
CA SER B 219 -17.23 22.72 23.63
C SER B 219 -16.34 22.83 22.37
N LEU B 220 -15.30 23.68 22.50
CA LEU B 220 -14.33 23.95 21.46
C LEU B 220 -12.92 23.70 22.02
N GLY B 221 -11.92 23.80 21.17
CA GLY B 221 -10.51 23.68 21.58
C GLY B 221 -9.83 25.02 21.74
N ASN B 222 -8.86 25.30 20.87
CA ASN B 222 -8.03 26.50 20.95
C ASN B 222 -8.80 27.71 20.36
N LEU B 223 -9.33 28.55 21.25
CA LEU B 223 -10.08 29.74 20.85
C LEU B 223 -9.24 30.87 20.24
N ASP B 224 -7.93 30.82 20.47
CA ASP B 224 -7.02 31.86 20.01
C ASP B 224 -6.38 31.63 18.65
N ALA B 225 -6.66 30.49 18.01
CA ALA B 225 -6.15 30.27 16.66
C ALA B 225 -6.70 31.34 15.73
N LYS B 226 -5.88 31.82 14.83
CA LYS B 226 -6.26 32.86 13.89
C LYS B 226 -6.15 32.40 12.46
N ARG B 227 -7.17 32.71 11.68
CA ARG B 227 -7.28 32.21 10.31
C ARG B 227 -7.75 33.29 9.35
N ASP B 228 -7.35 33.12 8.10
CA ASP B 228 -7.83 33.86 6.96
C ASP B 228 -8.95 32.98 6.33
N TRP B 229 -10.20 33.41 6.51
CA TRP B 229 -11.40 32.67 6.09
C TRP B 229 -12.12 33.30 4.90
N GLY B 230 -12.27 32.55 3.81
CA GLY B 230 -13.09 32.94 2.66
C GLY B 230 -14.17 31.94 2.35
N HIS B 231 -14.84 32.13 1.20
CA HIS B 231 -15.99 31.32 0.81
C HIS B 231 -15.63 30.38 -0.32
N ALA B 232 -15.88 29.10 -0.10
CA ALA B 232 -15.56 28.03 -1.07
C ALA B 232 -16.05 28.34 -2.49
N LYS B 233 -17.25 28.90 -2.60
CA LYS B 233 -17.80 29.26 -3.91
C LYS B 233 -16.92 30.24 -4.69
N ASP B 234 -16.32 31.21 -4.01
CA ASP B 234 -15.38 32.14 -4.65
C ASP B 234 -14.10 31.41 -5.03
N TYR B 235 -13.65 30.51 -4.16
CA TYR B 235 -12.32 29.90 -4.32
C TYR B 235 -12.29 28.85 -5.47
N VAL B 236 -13.40 28.14 -5.72
CA VAL B 236 -13.40 27.19 -6.84
C VAL B 236 -13.25 27.89 -8.20
N GLU B 237 -13.73 29.13 -8.29
CA GLU B 237 -13.51 29.94 -9.48
C GLU B 237 -12.02 30.16 -9.74
N ALA B 238 -11.27 30.46 -8.67
CA ALA B 238 -9.80 30.61 -8.79
C ALA B 238 -9.11 29.36 -9.35
N MET B 239 -9.60 28.19 -8.93
CA MET B 239 -9.04 26.93 -9.43
C MET B 239 -9.15 26.87 -10.97
N TRP B 240 -10.35 27.15 -11.48
CA TRP B 240 -10.60 27.19 -12.92
C TRP B 240 -9.72 28.23 -13.63
N LEU B 241 -9.64 29.43 -13.09
CA LEU B 241 -8.79 30.50 -13.66
C LEU B 241 -7.32 30.09 -13.76
N MET B 242 -6.81 29.35 -12.78
CA MET B 242 -5.42 28.88 -12.81
C MET B 242 -5.18 27.93 -13.98
N LEU B 243 -6.19 27.14 -14.33
CA LEU B 243 -6.11 26.30 -15.54
C LEU B 243 -6.37 27.03 -16.87
N GLN B 244 -6.99 28.21 -16.83
CA GLN B 244 -7.13 29.06 -18.02
C GLN B 244 -5.89 29.89 -18.33
N ASN B 245 -4.97 30.00 -17.39
CA ASN B 245 -3.73 30.76 -17.55
C ASN B 245 -2.93 30.20 -18.75
N ASP B 246 -2.22 31.07 -19.48
CA ASP B 246 -1.32 30.57 -20.54
C ASP B 246 -0.15 29.77 -20.04
N GLU B 247 0.39 30.13 -18.89
CA GLU B 247 1.53 29.44 -18.28
C GLU B 247 1.07 28.74 -16.98
N PRO B 248 1.60 27.53 -16.70
CA PRO B 248 1.24 26.87 -15.44
C PRO B 248 1.98 27.49 -14.27
N GLU B 249 1.26 28.23 -13.43
CA GLU B 249 1.85 28.92 -12.29
C GLU B 249 1.11 28.56 -11.02
N ASP B 250 1.84 28.58 -9.91
CA ASP B 250 1.27 28.41 -8.55
C ASP B 250 0.80 29.76 -7.97
N PHE B 251 -0.31 29.75 -7.23
CA PHE B 251 -0.94 30.97 -6.72
C PHE B 251 -1.48 30.77 -5.34
N VAL B 252 -1.20 31.74 -4.46
CA VAL B 252 -1.90 31.87 -3.19
C VAL B 252 -3.30 32.45 -3.47
N ILE B 253 -4.32 31.88 -2.84
CA ILE B 253 -5.69 32.42 -2.89
C ILE B 253 -6.15 32.57 -1.43
N ALA B 254 -6.55 33.79 -1.09
CA ALA B 254 -6.85 34.17 0.30
C ALA B 254 -7.60 35.51 0.32
N THR B 255 -8.11 35.87 1.50
CA THR B 255 -8.74 37.19 1.72
C THR B 255 -7.77 38.26 2.20
N GLY B 256 -6.67 37.86 2.82
CA GLY B 256 -5.78 38.81 3.48
C GLY B 256 -6.22 39.30 4.85
N GLU B 257 -7.44 38.94 5.28
CA GLU B 257 -8.00 39.39 6.54
C GLU B 257 -8.00 38.25 7.55
N VAL B 258 -7.59 38.54 8.79
CA VAL B 258 -7.38 37.54 9.83
C VAL B 258 -8.40 37.73 10.95
N HIS B 259 -8.96 36.63 11.45
CA HIS B 259 -9.84 36.63 12.62
C HIS B 259 -9.55 35.41 13.45
N SER B 260 -9.88 35.47 14.73
CA SER B 260 -9.70 34.37 15.65
C SER B 260 -10.95 33.49 15.67
N VAL B 261 -10.78 32.28 16.22
CA VAL B 261 -11.88 31.36 16.45
C VAL B 261 -12.90 32.02 17.41
N ARG B 262 -12.35 32.65 18.44
CA ARG B 262 -13.13 33.44 19.39
C ARG B 262 -14.05 34.47 18.70
N GLU B 263 -13.51 35.22 17.74
CA GLU B 263 -14.31 36.17 16.95
C GLU B 263 -15.36 35.49 16.11
N PHE B 264 -15.04 34.33 15.55
CA PHE B 264 -16.05 33.55 14.81
C PHE B 264 -17.21 33.18 15.73
N VAL B 265 -16.90 32.77 16.96
CA VAL B 265 -17.95 32.47 17.95
C VAL B 265 -18.78 33.74 18.24
N GLU B 266 -18.11 34.85 18.56
CA GLU B 266 -18.78 36.11 18.92
C GLU B 266 -19.72 36.59 17.81
N LYS B 267 -19.22 36.63 16.59
CA LYS B 267 -20.02 37.06 15.45
C LYS B 267 -21.19 36.13 15.14
N SER B 268 -20.98 34.82 15.29
CA SER B 268 -22.05 33.84 15.06
C SER B 268 -23.20 34.05 16.05
N PHE B 269 -22.89 34.16 17.34
CA PHE B 269 -23.91 34.41 18.36
C PHE B 269 -24.64 35.76 18.17
N LEU B 270 -23.92 36.82 17.76
CA LEU B 270 -24.56 38.14 17.52
C LEU B 270 -25.70 38.00 16.50
N HIS B 271 -25.51 37.14 15.50
CA HIS B 271 -26.57 36.84 14.52
C HIS B 271 -27.82 36.17 15.05
N ILE B 272 -27.76 35.55 16.22
CA ILE B 272 -28.97 35.07 16.92
C ILE B 272 -29.31 35.94 18.16
N GLY B 273 -28.80 37.17 18.20
CA GLY B 273 -29.14 38.15 19.25
C GLY B 273 -28.49 37.96 20.60
N LYS B 274 -27.31 37.35 20.62
CA LYS B 274 -26.58 37.08 21.86
C LYS B 274 -25.15 37.62 21.80
N THR B 275 -24.73 38.27 22.88
CA THR B 275 -23.40 38.85 23.03
C THR B 275 -22.62 37.93 23.97
N ILE B 276 -21.57 37.30 23.46
CA ILE B 276 -20.73 36.40 24.26
C ILE B 276 -19.68 37.20 24.98
N VAL B 277 -19.57 36.97 26.29
CA VAL B 277 -18.50 37.51 27.11
C VAL B 277 -17.77 36.34 27.74
N TRP B 278 -16.44 36.39 27.65
CA TRP B 278 -15.59 35.29 28.10
C TRP B 278 -15.15 35.46 29.54
N GLU B 279 -14.97 34.36 30.25
CA GLU B 279 -14.41 34.39 31.58
C GLU B 279 -13.57 33.13 31.81
N GLY B 280 -12.53 33.25 32.61
CA GLY B 280 -11.64 32.15 32.89
C GLY B 280 -10.56 32.01 31.84
N LYS B 281 -9.64 31.09 32.07
CA LYS B 281 -8.45 30.92 31.20
C LYS B 281 -8.24 29.46 30.83
N ASN B 282 -7.60 29.25 29.69
CA ASN B 282 -7.23 27.92 29.19
C ASN B 282 -8.44 26.98 29.13
N GLU B 283 -8.35 25.79 29.73
CA GLU B 283 -9.43 24.81 29.61
C GLU B 283 -10.64 25.14 30.51
N ASN B 284 -10.51 26.14 31.38
CA ASN B 284 -11.62 26.62 32.21
C ASN B 284 -12.33 27.85 31.63
N GLU B 285 -11.90 28.31 30.46
CA GLU B 285 -12.53 29.47 29.83
C GLU B 285 -13.93 29.10 29.36
N VAL B 286 -14.90 29.96 29.64
CA VAL B 286 -16.27 29.75 29.18
C VAL B 286 -16.78 31.01 28.51
N GLY B 287 -17.72 30.82 27.57
CA GLY B 287 -18.41 31.91 26.90
C GLY B 287 -19.85 32.00 27.38
N ARG B 288 -20.19 33.15 27.96
CA ARG B 288 -21.50 33.39 28.58
C ARG B 288 -22.27 34.44 27.77
N CYS B 289 -23.56 34.19 27.55
CA CYS B 289 -24.45 35.20 26.96
C CYS B 289 -24.67 36.32 28.00
N LYS B 290 -24.31 37.55 27.62
CA LYS B 290 -24.42 38.72 28.47
C LYS B 290 -25.88 39.02 28.81
N GLU B 291 -26.74 38.88 27.82
CA GLU B 291 -28.17 39.22 27.96
C GLU B 291 -28.94 38.28 28.91
N THR B 292 -28.56 37.01 28.98
CA THR B 292 -29.27 36.00 29.82
C THR B 292 -28.46 35.47 30.99
N GLY B 293 -27.14 35.66 30.98
CA GLY B 293 -26.25 35.00 31.94
C GLY B 293 -25.95 33.51 31.72
N LYS B 294 -26.46 32.89 30.64
CA LYS B 294 -26.27 31.45 30.38
C LYS B 294 -24.95 31.13 29.65
N VAL B 295 -24.27 30.08 30.11
CA VAL B 295 -23.03 29.58 29.46
C VAL B 295 -23.40 28.80 28.19
N HIS B 296 -22.82 29.21 27.06
CA HIS B 296 -23.01 28.48 25.78
C HIS B 296 -21.75 27.82 25.20
N VAL B 297 -20.56 28.21 25.66
CA VAL B 297 -19.30 27.70 25.11
C VAL B 297 -18.36 27.29 26.25
N THR B 298 -17.79 26.11 26.15
CA THR B 298 -16.71 25.66 27.05
C THR B 298 -15.51 25.20 26.19
N VAL B 299 -14.41 24.86 26.88
CA VAL B 299 -13.18 24.44 26.23
C VAL B 299 -12.88 23.03 26.71
N ASP B 300 -12.46 22.17 25.77
CA ASP B 300 -12.04 20.81 26.09
C ASP B 300 -10.70 20.56 25.39
N LEU B 301 -9.67 20.19 26.17
CA LEU B 301 -8.30 19.91 25.70
C LEU B 301 -8.23 18.86 24.58
N LYS B 302 -9.20 17.95 24.52
CA LYS B 302 -9.20 16.95 23.48
C LYS B 302 -9.32 17.51 22.05
N TYR B 303 -9.84 18.73 21.90
CA TYR B 303 -9.93 19.38 20.59
C TYR B 303 -8.66 20.11 20.14
N TYR B 304 -7.68 20.24 21.02
CA TYR B 304 -6.37 20.84 20.68
C TYR B 304 -5.58 19.89 19.75
N ARG B 305 -4.63 20.45 19.00
CA ARG B 305 -3.73 19.66 18.17
C ARG B 305 -2.36 19.63 18.85
N PRO B 306 -1.64 18.49 18.78
CA PRO B 306 -0.29 18.41 19.36
C PRO B 306 0.66 19.53 18.89
N THR B 307 0.58 19.90 17.61
CA THR B 307 1.37 20.97 17.02
C THR B 307 0.42 21.90 16.28
N GLU B 308 0.00 22.97 16.96
CA GLU B 308 -0.98 23.91 16.42
C GLU B 308 -0.37 24.77 15.31
N VAL B 309 -1.23 25.22 14.41
CA VAL B 309 -0.94 26.28 13.43
C VAL B 309 -1.62 27.54 13.99
N ASP B 310 -0.84 28.44 14.57
CA ASP B 310 -1.40 29.57 15.35
C ASP B 310 -2.01 30.68 14.51
N PHE B 311 -1.47 30.91 13.33
CA PHE B 311 -1.76 32.12 12.58
C PHE B 311 -1.53 31.88 11.09
N LEU B 312 -2.54 32.22 10.28
CA LEU B 312 -2.41 32.27 8.84
C LEU B 312 -3.01 33.57 8.32
N GLN B 313 -2.31 34.17 7.36
CA GLN B 313 -2.76 35.35 6.63
C GLN B 313 -2.15 35.36 5.24
N GLY B 314 -2.98 35.25 4.21
CA GLY B 314 -2.48 35.11 2.83
C GLY B 314 -2.34 36.43 2.09
N ASP B 315 -1.31 36.53 1.27
CA ASP B 315 -1.11 37.66 0.37
C ASP B 315 -1.32 37.12 -1.04
N CYS B 316 -2.47 37.48 -1.62
CA CYS B 316 -2.82 37.02 -2.96
C CYS B 316 -2.57 38.07 -4.07
N THR B 317 -1.56 38.92 -3.87
CA THR B 317 -1.19 39.93 -4.84
C THR B 317 -0.93 39.34 -6.22
N LYS B 318 -0.18 38.24 -6.29
CA LYS B 318 0.11 37.60 -7.59
C LYS B 318 -1.15 37.18 -8.34
N ALA B 319 -2.13 36.61 -7.64
CA ALA B 319 -3.40 36.20 -8.25
C ALA B 319 -4.21 37.40 -8.71
N LYS B 320 -4.22 38.45 -7.90
CA LYS B 320 -4.91 39.71 -8.25
C LYS B 320 -4.34 40.27 -9.56
N GLN B 321 -3.02 40.32 -9.67
CA GLN B 321 -2.37 40.84 -10.87
C GLN B 321 -2.57 39.95 -12.10
N LYS B 322 -2.27 38.66 -11.99
CA LYS B 322 -2.28 37.77 -13.16
C LYS B 322 -3.64 37.17 -13.50
N LEU B 323 -4.42 36.80 -12.50
CA LEU B 323 -5.72 36.17 -12.72
C LEU B 323 -6.90 37.13 -12.66
N ASN B 324 -6.68 38.34 -12.16
CA ASN B 324 -7.76 39.27 -11.83
C ASN B 324 -8.81 38.66 -10.90
N TRP B 325 -8.37 37.86 -9.93
CA TRP B 325 -9.28 37.20 -9.01
C TRP B 325 -9.33 38.06 -7.75
N LYS B 326 -10.54 38.24 -7.21
CA LYS B 326 -10.75 38.96 -5.96
C LYS B 326 -11.83 38.20 -5.18
N PRO B 327 -11.67 38.04 -3.86
CA PRO B 327 -12.75 37.43 -3.10
C PRO B 327 -13.96 38.36 -3.02
N ARG B 328 -15.16 37.80 -3.20
CA ARG B 328 -16.42 38.55 -3.12
C ARG B 328 -17.03 38.50 -1.73
N VAL B 329 -16.91 37.37 -1.05
CA VAL B 329 -17.47 37.22 0.31
C VAL B 329 -16.39 37.49 1.33
N ALA B 330 -16.64 38.48 2.20
CA ALA B 330 -15.77 38.78 3.34
C ALA B 330 -16.29 38.06 4.58
N PHE B 331 -15.46 38.03 5.63
CA PHE B 331 -15.69 37.27 6.87
C PHE B 331 -17.07 37.45 7.51
N ASP B 332 -17.52 38.71 7.64
CA ASP B 332 -18.81 38.99 8.30
C ASP B 332 -19.99 38.41 7.57
N GLU B 333 -20.01 38.54 6.23
CA GLU B 333 -21.04 37.91 5.43
C GLU B 333 -20.98 36.37 5.45
N LEU B 334 -19.76 35.81 5.47
CA LEU B 334 -19.57 34.36 5.59
C LEU B 334 -20.21 33.83 6.86
N VAL B 335 -19.94 34.49 8.00
CA VAL B 335 -20.51 34.09 9.29
C VAL B 335 -22.04 34.12 9.22
N ARG B 336 -22.59 35.24 8.71
CA ARG B 336 -24.04 35.41 8.55
C ARG B 336 -24.69 34.32 7.69
N GLU B 337 -24.11 34.07 6.52
CA GLU B 337 -24.64 33.05 5.62
C GLU B 337 -24.64 31.67 6.29
N MET B 338 -23.56 31.32 7.00
CA MET B 338 -23.47 30.00 7.62
C MET B 338 -24.47 29.81 8.75
N VAL B 339 -24.61 30.81 9.63
CA VAL B 339 -25.57 30.70 10.74
C VAL B 339 -27.01 30.68 10.21
N HIS B 340 -27.33 31.58 9.29
CA HIS B 340 -28.64 31.64 8.66
C HIS B 340 -29.00 30.31 7.98
N ALA B 341 -28.09 29.77 7.18
CA ALA B 341 -28.33 28.48 6.49
C ALA B 341 -28.55 27.33 7.46
N ASP B 342 -27.79 27.28 8.55
CA ASP B 342 -27.95 26.19 9.53
C ASP B 342 -29.20 26.35 10.40
N VAL B 343 -29.66 27.58 10.64
CA VAL B 343 -30.96 27.81 11.29
C VAL B 343 -32.06 27.18 10.41
N GLU B 344 -32.10 27.55 9.12
CA GLU B 344 -33.06 26.97 8.15
C GLU B 344 -32.97 25.44 8.10
N LEU B 345 -31.74 24.92 8.02
CA LEU B 345 -31.51 23.47 7.99
C LEU B 345 -32.04 22.75 9.23
N MET B 346 -31.69 23.27 10.41
CA MET B 346 -32.09 22.64 11.69
C MET B 346 -33.59 22.82 12.03
N ARG B 347 -34.19 23.90 11.53
CA ARG B 347 -35.62 24.13 11.68
C ARG B 347 -36.41 23.10 10.88
N THR B 348 -36.06 22.93 9.61
CA THR B 348 -36.71 21.95 8.71
C THR B 348 -36.48 20.50 9.15
N ASN B 349 -35.35 20.23 9.79
CA ASN B 349 -34.99 18.88 10.18
C ASN B 349 -34.09 18.95 11.42
N PRO B 350 -34.66 18.78 12.63
CA PRO B 350 -33.89 18.80 13.90
C PRO B 350 -32.74 17.79 14.01
N ASN B 351 -32.76 16.70 13.22
CA ASN B 351 -31.68 15.71 13.21
C ASN B 351 -30.63 15.92 12.12
N ALA B 352 -30.71 16.99 11.32
CA ALA B 352 -29.66 17.26 10.35
C ALA B 352 -28.39 17.65 11.07
N ARG C 3 -15.52 -9.03 32.43
CA ARG C 3 -15.02 -8.03 31.44
C ARG C 3 -15.38 -8.41 30.00
N ASN C 4 -16.30 -7.66 29.38
CA ASN C 4 -16.82 -7.96 28.06
C ASN C 4 -16.69 -6.70 27.19
N VAL C 5 -15.65 -6.70 26.35
CA VAL C 5 -15.29 -5.52 25.56
C VAL C 5 -15.15 -5.95 24.09
N ALA C 6 -16.05 -5.44 23.25
CA ALA C 6 -16.07 -5.78 21.83
C ALA C 6 -15.49 -4.66 20.96
N LEU C 7 -14.69 -5.04 19.97
CA LEU C 7 -14.26 -4.11 18.92
C LEU C 7 -14.88 -4.57 17.61
N ILE C 8 -15.68 -3.71 17.01
CA ILE C 8 -16.34 -4.01 15.77
C ILE C 8 -15.74 -3.17 14.66
N THR C 9 -15.09 -3.80 13.68
CA THR C 9 -14.81 -3.08 12.43
C THR C 9 -16.06 -3.18 11.60
N GLY C 10 -16.31 -2.16 10.77
CA GLY C 10 -17.54 -2.08 9.99
C GLY C 10 -18.78 -1.77 10.81
N ILE C 11 -18.63 -1.05 11.92
CA ILE C 11 -19.75 -0.74 12.81
C ILE C 11 -20.84 0.12 12.14
N THR C 12 -20.47 0.92 11.13
CA THR C 12 -21.44 1.76 10.45
C THR C 12 -22.30 1.04 9.43
N GLY C 13 -21.93 -0.18 9.08
CA GLY C 13 -22.66 -0.98 8.11
C GLY C 13 -23.91 -1.65 8.69
N GLN C 14 -24.62 -2.39 7.85
CA GLN C 14 -25.84 -3.12 8.24
C GLN C 14 -25.60 -3.97 9.48
N ASP C 15 -24.70 -4.93 9.34
CA ASP C 15 -24.44 -5.91 10.37
C ASP C 15 -23.86 -5.29 11.64
N GLY C 16 -22.89 -4.43 11.46
CA GLY C 16 -22.27 -3.70 12.57
C GLY C 16 -23.27 -2.98 13.47
N SER C 17 -24.26 -2.37 12.84
CA SER C 17 -25.27 -1.60 13.57
C SER C 17 -26.17 -2.52 14.40
N TYR C 18 -26.61 -3.63 13.83
CA TYR C 18 -27.35 -4.65 14.60
C TYR C 18 -26.51 -5.32 15.67
N LEU C 19 -25.25 -5.65 15.37
CA LEU C 19 -24.38 -6.30 16.34
C LEU C 19 -24.11 -5.39 17.53
N ALA C 20 -23.88 -4.11 17.23
CA ALA C 20 -23.66 -3.15 18.30
C ALA C 20 -24.84 -3.12 19.28
N GLU C 21 -26.08 -3.05 18.76
CA GLU C 21 -27.30 -3.11 19.61
C GLU C 21 -27.37 -4.38 20.46
N PHE C 22 -27.15 -5.51 19.80
CA PHE C 22 -27.19 -6.82 20.45
C PHE C 22 -26.18 -6.90 21.60
N LEU C 23 -24.96 -6.41 21.39
CA LEU C 23 -23.93 -6.50 22.44
C LEU C 23 -24.17 -5.50 23.57
N LEU C 24 -24.61 -4.30 23.22
CA LEU C 24 -24.99 -3.29 24.22
C LEU C 24 -26.07 -3.80 25.17
N GLU C 25 -27.12 -4.42 24.63
CA GLU C 25 -28.17 -5.06 25.43
C GLU C 25 -27.61 -6.09 26.42
N LYS C 26 -26.53 -6.77 26.07
CA LYS C 26 -25.85 -7.68 26.99
C LYS C 26 -24.87 -7.00 27.96
N GLY C 27 -24.83 -5.67 27.98
CA GLY C 27 -23.93 -4.96 28.89
C GLY C 27 -22.48 -4.93 28.46
N TYR C 28 -22.19 -5.15 27.18
CA TYR C 28 -20.82 -5.04 26.68
C TYR C 28 -20.43 -3.57 26.57
N GLU C 29 -19.15 -3.30 26.77
CA GLU C 29 -18.52 -2.07 26.31
C GLU C 29 -18.21 -2.29 24.81
N VAL C 30 -18.78 -1.47 23.95
CA VAL C 30 -18.68 -1.65 22.49
C VAL C 30 -17.84 -0.53 21.88
N HIS C 31 -16.76 -0.91 21.20
CA HIS C 31 -15.94 0.00 20.42
C HIS C 31 -16.09 -0.28 18.92
N GLY C 32 -16.13 0.80 18.14
CA GLY C 32 -16.27 0.70 16.71
C GLY C 32 -15.20 1.50 16.00
N ILE C 33 -14.73 0.98 14.86
CA ILE C 33 -13.85 1.74 13.98
C ILE C 33 -14.68 2.36 12.86
N VAL C 34 -14.60 3.69 12.73
CA VAL C 34 -15.37 4.45 11.74
C VAL C 34 -14.42 5.16 10.79
N ARG C 35 -14.77 5.21 9.52
CA ARG C 35 -13.94 5.89 8.54
C ARG C 35 -14.18 7.40 8.59
N ARG C 36 -13.15 8.19 8.37
CA ARG C 36 -13.32 9.61 8.10
C ARG C 36 -14.11 9.76 6.79
N SER C 37 -15.11 10.65 6.80
CA SER C 37 -15.85 10.99 5.62
C SER C 37 -16.13 12.48 5.59
N SER C 38 -16.22 13.04 4.39
CA SER C 38 -16.56 14.46 4.22
C SER C 38 -18.03 14.72 4.55
N SER C 39 -18.85 13.67 4.63
CA SER C 39 -20.25 13.75 5.02
C SER C 39 -20.50 12.93 6.28
N PHE C 40 -21.66 13.18 6.88
CA PHE C 40 -22.23 12.34 7.93
C PHE C 40 -22.29 10.88 7.44
N ASN C 41 -21.80 9.93 8.24
CA ASN C 41 -21.78 8.51 7.84
C ASN C 41 -22.12 7.50 8.98
N THR C 42 -22.75 7.98 10.05
CA THR C 42 -23.08 7.14 11.22
C THR C 42 -24.60 6.99 11.38
N GLY C 43 -25.35 7.15 10.30
CA GLY C 43 -26.80 7.06 10.31
C GLY C 43 -27.38 5.81 10.99
N ARG C 44 -26.77 4.65 10.79
CA ARG C 44 -27.33 3.43 11.37
C ARG C 44 -27.12 3.26 12.88
N ILE C 45 -26.20 4.03 13.46
CA ILE C 45 -25.85 3.89 14.88
C ILE C 45 -25.98 5.18 15.71
N GLU C 46 -26.41 6.27 15.09
CA GLU C 46 -26.54 7.58 15.76
C GLU C 46 -27.50 7.53 16.97
N HIS C 47 -28.57 6.75 16.86
CA HIS C 47 -29.47 6.51 18.00
C HIS C 47 -28.81 5.85 19.24
N LEU C 48 -27.66 5.22 19.09
CA LEU C 48 -26.93 4.61 20.20
C LEU C 48 -25.99 5.53 20.99
N TYR C 49 -25.66 6.73 20.48
CA TYR C 49 -24.84 7.72 21.23
C TYR C 49 -25.60 9.05 21.41
N ASN C 59 -21.32 3.36 27.08
CA ASN C 59 -21.05 1.97 26.66
C ASN C 59 -20.61 1.85 25.18
N MET C 60 -20.94 2.79 24.29
CA MET C 60 -20.40 2.78 22.90
C MET C 60 -19.36 3.88 22.67
N LYS C 61 -18.16 3.52 22.19
CA LYS C 61 -17.11 4.49 21.82
C LYS C 61 -16.70 4.28 20.35
N LEU C 62 -16.62 5.35 19.57
CA LEU C 62 -16.17 5.28 18.16
C LEU C 62 -14.76 5.82 18.00
N HIS C 63 -13.98 5.20 17.11
CA HIS C 63 -12.59 5.59 16.89
C HIS C 63 -12.41 5.72 15.38
N TYR C 64 -11.79 6.82 14.93
CA TYR C 64 -11.44 6.93 13.52
C TYR C 64 -10.32 5.92 13.17
N GLY C 65 -10.49 5.24 12.06
CA GLY C 65 -9.51 4.28 11.59
C GLY C 65 -9.83 3.84 10.18
N ASP C 66 -8.99 2.96 9.66
CA ASP C 66 -9.18 2.36 8.37
C ASP C 66 -8.42 1.04 8.36
N LEU C 67 -9.00 0.04 7.69
CA LEU C 67 -8.40 -1.30 7.63
C LEU C 67 -7.15 -1.37 6.74
N THR C 68 -6.85 -0.28 6.03
CA THR C 68 -5.61 -0.16 5.26
C THR C 68 -4.48 0.59 6.00
N ASP C 69 -4.73 1.04 7.23
CA ASP C 69 -3.78 1.85 8.03
C ASP C 69 -3.39 0.98 9.24
N SER C 70 -2.29 0.24 9.08
CA SER C 70 -1.77 -0.65 10.13
C SER C 70 -1.57 0.00 11.50
N THR C 71 -1.05 1.24 11.53
CA THR C 71 -0.80 1.92 12.81
C THR C 71 -2.06 2.26 13.60
N CYS C 72 -3.09 2.71 12.91
CA CYS C 72 -4.34 3.03 13.61
C CYS C 72 -4.90 1.78 14.25
N LEU C 73 -4.77 0.63 13.58
CA LEU C 73 -5.36 -0.62 14.10
C LEU C 73 -4.65 -1.09 15.35
N VAL C 74 -3.33 -1.00 15.36
CA VAL C 74 -2.54 -1.37 16.55
C VAL C 74 -2.85 -0.43 17.70
N LYS C 75 -2.87 0.88 17.44
CA LYS C 75 -3.21 1.87 18.48
C LYS C 75 -4.55 1.56 19.09
N ILE C 76 -5.56 1.35 18.25
CA ILE C 76 -6.92 1.12 18.75
C ILE C 76 -6.98 -0.18 19.58
N ILE C 77 -6.42 -1.26 19.04
CA ILE C 77 -6.48 -2.55 19.74
C ILE C 77 -5.69 -2.50 21.06
N ASN C 78 -4.56 -1.81 21.04
CA ASN C 78 -3.71 -1.69 22.22
C ASN C 78 -4.38 -0.86 23.31
N GLU C 79 -5.11 0.18 22.92
CA GLU C 79 -5.87 1.02 23.85
C GLU C 79 -7.11 0.33 24.38
N VAL C 80 -7.89 -0.30 23.52
CA VAL C 80 -9.16 -0.90 23.90
C VAL C 80 -8.98 -2.25 24.62
N LYS C 81 -7.98 -3.03 24.20
CA LYS C 81 -7.75 -4.39 24.71
C LYS C 81 -9.03 -5.24 24.73
N PRO C 82 -9.65 -5.42 23.55
CA PRO C 82 -10.93 -6.10 23.50
C PRO C 82 -10.84 -7.56 23.89
N THR C 83 -11.92 -8.09 24.44
CA THR C 83 -12.06 -9.54 24.60
C THR C 83 -12.63 -10.21 23.32
N GLU C 84 -13.36 -9.46 22.51
CA GLU C 84 -13.94 -9.96 21.27
C GLU C 84 -13.75 -8.95 20.13
N ILE C 85 -13.27 -9.45 18.99
CA ILE C 85 -13.15 -8.63 17.78
C ILE C 85 -14.03 -9.21 16.68
N TYR C 86 -14.85 -8.38 16.07
CA TYR C 86 -15.72 -8.77 14.94
C TYR C 86 -15.24 -7.99 13.74
N ASN C 87 -14.56 -8.67 12.81
CA ASN C 87 -14.10 -7.97 11.61
C ASN C 87 -15.20 -7.98 10.54
N LEU C 88 -16.08 -7.00 10.59
CA LEU C 88 -17.15 -6.83 9.59
C LEU C 88 -16.82 -5.80 8.53
N GLY C 89 -15.73 -5.04 8.72
CA GLY C 89 -15.35 -3.99 7.78
C GLY C 89 -14.92 -4.54 6.43
N ALA C 90 -15.51 -4.01 5.35
CA ALA C 90 -15.22 -4.47 3.99
C ALA C 90 -15.84 -3.59 2.94
N GLN C 91 -15.18 -3.52 1.79
CA GLN C 91 -15.84 -3.22 0.53
C GLN C 91 -16.66 -4.48 0.20
N SER C 92 -17.96 -4.42 0.47
CA SER C 92 -18.79 -5.61 0.51
C SER C 92 -19.64 -5.83 -0.75
N HIS C 93 -19.54 -4.93 -1.74
CA HIS C 93 -20.40 -5.03 -2.90
C HIS C 93 -19.66 -5.78 -4.01
N VAL C 94 -20.28 -6.83 -4.51
CA VAL C 94 -19.70 -7.74 -5.50
C VAL C 94 -19.52 -7.09 -6.87
N LYS C 95 -20.54 -6.43 -7.37
CA LYS C 95 -20.45 -5.76 -8.69
C LYS C 95 -19.38 -4.68 -8.67
N ILE C 96 -19.34 -3.90 -7.60
CA ILE C 96 -18.36 -2.83 -7.47
C ILE C 96 -16.94 -3.43 -7.42
N SER C 97 -16.78 -4.62 -6.83
CA SER C 97 -15.44 -5.25 -6.75
C SER C 97 -14.75 -5.47 -8.08
N PHE C 98 -15.51 -5.64 -9.17
CA PHE C 98 -14.93 -5.79 -10.52
C PHE C 98 -14.23 -4.52 -11.02
N ASP C 99 -14.69 -3.35 -10.59
CA ASP C 99 -14.02 -2.07 -10.90
C ASP C 99 -13.11 -1.55 -9.80
N LEU C 100 -13.18 -2.15 -8.61
CA LEU C 100 -12.34 -1.77 -7.49
C LEU C 100 -11.60 -2.99 -6.98
N ALA C 101 -10.99 -3.74 -7.88
CA ALA C 101 -10.45 -5.06 -7.50
C ALA C 101 -9.31 -4.94 -6.47
N GLU C 102 -8.42 -3.98 -6.68
CA GLU C 102 -7.23 -3.83 -5.84
C GLU C 102 -7.58 -3.27 -4.44
N TYR C 103 -8.34 -2.20 -4.39
CA TYR C 103 -8.86 -1.66 -3.13
C TYR C 103 -9.59 -2.77 -2.34
N THR C 104 -10.44 -3.52 -3.03
CA THR C 104 -11.18 -4.62 -2.40
C THR C 104 -10.22 -5.67 -1.80
N ALA C 105 -9.17 -6.02 -2.54
CA ALA C 105 -8.17 -6.95 -2.05
C ALA C 105 -7.48 -6.40 -0.80
N ASP C 106 -7.13 -5.10 -0.84
CA ASP C 106 -6.39 -4.50 0.28
C ASP C 106 -7.22 -4.40 1.55
N VAL C 107 -8.50 -4.08 1.40
CA VAL C 107 -9.39 -3.95 2.56
C VAL C 107 -9.88 -5.32 3.09
N ASP C 108 -10.45 -6.12 2.21
CA ASP C 108 -11.12 -7.37 2.58
C ASP C 108 -10.17 -8.53 2.85
N GLY C 109 -9.10 -8.62 2.06
CA GLY C 109 -8.06 -9.63 2.21
C GLY C 109 -6.97 -9.20 3.18
N VAL C 110 -6.17 -8.22 2.77
CA VAL C 110 -5.00 -7.84 3.55
C VAL C 110 -5.44 -7.19 4.88
N GLY C 111 -6.55 -6.46 4.85
CA GLY C 111 -7.06 -5.86 6.07
C GLY C 111 -7.31 -6.87 7.18
N THR C 112 -7.80 -8.05 6.82
CA THR C 112 -8.03 -9.11 7.78
C THR C 112 -6.72 -9.52 8.44
N LEU C 113 -5.68 -9.73 7.62
CA LEU C 113 -4.35 -10.01 8.12
C LEU C 113 -3.83 -8.91 9.06
N ARG C 114 -4.02 -7.65 8.67
CA ARG C 114 -3.57 -6.54 9.51
C ARG C 114 -4.17 -6.62 10.89
N LEU C 115 -5.44 -6.95 10.97
CA LEU C 115 -6.13 -7.00 12.27
C LEU C 115 -5.61 -8.16 13.12
N LEU C 116 -5.46 -9.33 12.49
CA LEU C 116 -4.89 -10.51 13.15
C LEU C 116 -3.49 -10.24 13.68
N ASP C 117 -2.65 -9.65 12.82
CA ASP C 117 -1.29 -9.29 13.22
C ASP C 117 -1.23 -8.26 14.35
N ALA C 118 -2.19 -7.34 14.37
CA ALA C 118 -2.28 -6.36 15.46
C ALA C 118 -2.64 -7.07 16.78
N VAL C 119 -3.51 -8.06 16.72
CA VAL C 119 -3.82 -8.88 17.89
C VAL C 119 -2.54 -9.50 18.45
N LYS C 120 -1.73 -10.07 17.55
CA LYS C 120 -0.51 -10.75 17.93
C LYS C 120 0.53 -9.77 18.48
N THR C 121 0.73 -8.69 17.74
CA THR C 121 1.62 -7.59 18.13
C THR C 121 1.27 -7.03 19.52
N CYS C 122 -0.01 -6.88 19.82
CA CYS C 122 -0.44 -6.33 21.12
C CYS C 122 -0.43 -7.36 22.28
N GLY C 123 0.05 -8.58 22.03
CA GLY C 123 0.15 -9.60 23.05
C GLY C 123 -1.20 -10.16 23.49
N LEU C 124 -2.20 -10.12 22.61
CA LEU C 124 -3.56 -10.56 22.92
C LEU C 124 -3.95 -11.91 22.28
N ILE C 125 -2.97 -12.62 21.74
CA ILE C 125 -3.15 -13.89 21.01
C ILE C 125 -3.95 -14.94 21.83
N ASN C 126 -3.73 -14.99 23.15
CA ASN C 126 -4.36 -15.95 24.06
C ASN C 126 -5.61 -15.45 24.79
N SER C 127 -5.99 -14.18 24.61
CA SER C 127 -7.15 -13.60 25.30
C SER C 127 -8.28 -13.12 24.37
N VAL C 128 -8.00 -12.88 23.10
CA VAL C 128 -8.97 -12.33 22.16
C VAL C 128 -9.72 -13.48 21.50
N LYS C 129 -11.02 -13.30 21.31
CA LYS C 129 -11.77 -14.16 20.41
C LYS C 129 -12.11 -13.36 19.15
N PHE C 130 -11.79 -13.91 17.98
CA PHE C 130 -11.83 -13.14 16.72
C PHE C 130 -12.86 -13.77 15.78
N TYR C 131 -13.81 -12.95 15.32
CA TYR C 131 -14.82 -13.36 14.35
C TYR C 131 -14.48 -12.72 13.01
N GLN C 132 -14.37 -13.54 11.97
CA GLN C 132 -14.19 -13.06 10.60
C GLN C 132 -15.51 -13.17 9.84
N ALA C 133 -15.84 -12.12 9.12
CA ALA C 133 -17.03 -12.11 8.27
C ALA C 133 -16.76 -12.78 6.93
N SER C 134 -16.78 -14.11 6.96
CA SER C 134 -16.70 -14.91 5.76
C SER C 134 -18.09 -15.00 5.13
N THR C 135 -18.23 -15.72 4.03
CA THR C 135 -19.37 -15.52 3.17
C THR C 135 -19.63 -16.67 2.24
N SER C 136 -20.91 -16.87 1.92
CA SER C 136 -21.34 -17.81 0.90
C SER C 136 -20.78 -17.49 -0.49
N GLU C 137 -20.36 -16.25 -0.75
CA GLU C 137 -19.69 -15.93 -2.04
C GLU C 137 -18.45 -16.77 -2.28
N LEU C 138 -17.83 -17.28 -1.22
CA LEU C 138 -16.73 -18.23 -1.32
C LEU C 138 -17.08 -19.48 -2.15
N TYR C 139 -18.33 -19.93 -2.09
CA TYR C 139 -18.77 -21.12 -2.85
C TYR C 139 -18.94 -20.80 -4.34
N GLY C 140 -19.20 -19.53 -4.65
CA GLY C 140 -19.35 -19.05 -6.03
C GLY C 140 -20.06 -19.97 -7.01
N LYS C 141 -19.31 -20.54 -7.93
CA LYS C 141 -19.84 -21.53 -8.84
C LYS C 141 -19.91 -22.84 -8.04
N VAL C 142 -21.08 -23.08 -7.45
CA VAL C 142 -21.21 -24.06 -6.37
C VAL C 142 -20.80 -25.49 -6.79
N GLN C 143 -19.95 -26.11 -5.98
CA GLN C 143 -19.44 -27.46 -6.23
C GLN C 143 -20.30 -28.56 -5.56
N GLU C 144 -21.19 -28.17 -4.66
CA GLU C 144 -22.19 -29.03 -4.04
C GLU C 144 -23.44 -28.20 -3.83
N ILE C 145 -24.58 -28.89 -3.79
CA ILE C 145 -25.87 -28.31 -3.43
C ILE C 145 -26.56 -29.27 -2.43
N PRO C 146 -26.93 -28.82 -1.23
CA PRO C 146 -26.62 -27.50 -0.69
C PRO C 146 -25.13 -27.36 -0.35
N GLN C 147 -24.72 -26.17 0.10
CA GLN C 147 -23.34 -25.91 0.50
C GLN C 147 -23.23 -25.94 2.00
N LYS C 148 -22.19 -26.61 2.49
CA LYS C 148 -21.92 -26.72 3.92
C LYS C 148 -20.45 -26.48 4.14
N GLU C 149 -19.96 -26.64 5.38
CA GLU C 149 -18.60 -26.23 5.77
C GLU C 149 -17.52 -26.96 4.95
N THR C 150 -17.81 -28.19 4.53
CA THR C 150 -16.86 -28.99 3.78
C THR C 150 -16.97 -28.85 2.23
N THR C 151 -17.92 -28.06 1.74
CA THR C 151 -18.02 -27.83 0.29
C THR C 151 -16.81 -27.04 -0.18
N PRO C 152 -16.13 -27.50 -1.25
CA PRO C 152 -14.98 -26.73 -1.75
C PRO C 152 -15.39 -25.35 -2.27
N PHE C 153 -14.54 -24.36 -2.02
CA PHE C 153 -14.77 -23.00 -2.48
C PHE C 153 -14.43 -22.81 -3.97
N TYR C 154 -15.13 -21.88 -4.63
CA TYR C 154 -14.87 -21.55 -6.02
C TYR C 154 -15.32 -20.09 -6.26
N PRO C 155 -14.49 -19.12 -5.84
CA PRO C 155 -14.89 -17.72 -5.97
C PRO C 155 -15.06 -17.24 -7.41
N ARG C 156 -15.95 -16.26 -7.58
CA ARG C 156 -16.36 -15.74 -8.89
C ARG C 156 -16.34 -14.21 -8.96
N SER C 157 -15.51 -13.58 -8.13
CA SER C 157 -15.32 -12.11 -8.21
C SER C 157 -14.04 -11.73 -7.47
N PRO C 158 -13.53 -10.49 -7.72
CA PRO C 158 -12.46 -10.00 -6.86
C PRO C 158 -12.87 -9.95 -5.38
N TYR C 159 -14.15 -9.72 -5.08
CA TYR C 159 -14.61 -9.77 -3.69
C TYR C 159 -14.46 -11.17 -3.12
N GLY C 160 -14.92 -12.17 -3.88
CA GLY C 160 -14.85 -13.54 -3.44
C GLY C 160 -13.42 -14.00 -3.23
N ALA C 161 -12.54 -13.64 -4.15
CA ALA C 161 -11.13 -14.02 -4.03
C ALA C 161 -10.50 -13.38 -2.78
N ALA C 162 -10.80 -12.10 -2.53
CA ALA C 162 -10.26 -11.39 -1.35
C ALA C 162 -10.76 -12.02 -0.05
N LYS C 163 -12.05 -12.35 -0.02
CA LYS C 163 -12.64 -13.02 1.14
C LYS C 163 -12.07 -14.42 1.38
N LEU C 164 -11.69 -15.10 0.30
CA LEU C 164 -11.03 -16.39 0.40
C LEU C 164 -9.64 -16.31 1.06
N TYR C 165 -8.85 -15.30 0.68
CA TYR C 165 -7.59 -15.03 1.38
C TYR C 165 -7.86 -14.86 2.89
N ALA C 166 -8.85 -14.02 3.20
CA ALA C 166 -9.20 -13.70 4.59
C ALA C 166 -9.58 -14.96 5.36
N TYR C 167 -10.40 -15.81 4.75
CA TYR C 167 -10.80 -17.06 5.35
C TYR C 167 -9.58 -17.88 5.78
N TRP C 168 -8.65 -18.06 4.83
CA TRP C 168 -7.49 -18.90 5.07
C TRP C 168 -6.43 -18.32 6.01
N ILE C 169 -6.23 -17.02 5.99
CA ILE C 169 -5.27 -16.41 6.90
C ILE C 169 -5.79 -16.50 8.35
N VAL C 170 -7.11 -16.38 8.53
CA VAL C 170 -7.75 -16.65 9.83
C VAL C 170 -7.49 -18.09 10.31
N VAL C 171 -7.72 -19.06 9.42
CA VAL C 171 -7.42 -20.46 9.71
C VAL C 171 -5.95 -20.62 10.14
N ASN C 172 -5.04 -19.97 9.40
CA ASN C 172 -3.62 -20.10 9.72
C ASN C 172 -3.22 -19.51 11.07
N PHE C 173 -3.86 -18.41 11.49
CA PHE C 173 -3.57 -17.85 12.81
C PHE C 173 -4.08 -18.77 13.92
N ARG C 174 -5.24 -19.37 13.71
CA ARG C 174 -5.80 -20.34 14.65
C ARG C 174 -4.87 -21.54 14.79
N GLU C 175 -4.41 -22.08 13.66
CA GLU C 175 -3.55 -23.26 13.67
C GLU C 175 -2.11 -22.96 14.11
N ALA C 176 -1.55 -21.83 13.70
CA ALA C 176 -0.17 -21.49 14.02
C ALA C 176 0.03 -21.01 15.45
N TYR C 177 -0.87 -20.16 15.94
CA TYR C 177 -0.64 -19.49 17.22
C TYR C 177 -1.72 -19.78 18.27
N ASN C 178 -2.64 -20.71 17.97
CA ASN C 178 -3.76 -21.04 18.86
C ASN C 178 -4.65 -19.85 19.19
N LEU C 179 -4.80 -18.95 18.24
CA LEU C 179 -5.76 -17.87 18.39
C LEU C 179 -7.15 -18.45 18.28
N PHE C 180 -8.04 -18.07 19.18
CA PHE C 180 -9.45 -18.37 19.02
C PHE C 180 -10.00 -17.49 17.88
N ALA C 181 -10.02 -18.04 16.67
CA ALA C 181 -10.41 -17.26 15.48
C ALA C 181 -11.32 -18.13 14.62
N VAL C 182 -12.43 -17.56 14.16
CA VAL C 182 -13.46 -18.32 13.49
C VAL C 182 -13.97 -17.61 12.25
N ASN C 183 -14.39 -18.40 11.27
CA ASN C 183 -15.02 -17.89 10.05
C ASN C 183 -16.50 -18.19 10.13
N GLY C 184 -17.33 -17.13 10.22
CA GLY C 184 -18.74 -17.28 9.99
C GLY C 184 -18.94 -17.26 8.48
N ILE C 185 -19.44 -18.35 7.91
CA ILE C 185 -19.71 -18.45 6.49
C ILE C 185 -21.20 -18.13 6.33
N LEU C 186 -21.50 -16.84 6.37
CA LEU C 186 -22.88 -16.39 6.37
C LEU C 186 -23.40 -16.26 4.94
N PHE C 187 -24.61 -16.77 4.74
CA PHE C 187 -25.34 -16.59 3.48
C PHE C 187 -26.03 -15.22 3.49
N ASN C 188 -26.54 -14.80 2.34
CA ASN C 188 -27.12 -13.46 2.18
C ASN C 188 -28.05 -13.13 3.32
N HIS C 189 -27.86 -11.97 3.95
CA HIS C 189 -28.78 -11.47 4.95
C HIS C 189 -29.07 -9.98 4.76
N GLU C 190 -30.35 -9.62 4.97
CA GLU C 190 -30.89 -8.33 4.57
C GLU C 190 -31.66 -7.73 5.74
N SER C 191 -32.16 -6.52 5.54
CA SER C 191 -32.87 -5.77 6.59
C SER C 191 -33.33 -4.43 5.99
N PRO C 192 -34.14 -3.66 6.73
CA PRO C 192 -34.42 -2.27 6.37
C PRO C 192 -33.18 -1.35 6.30
N ARG C 193 -32.06 -1.77 6.92
CA ARG C 193 -30.77 -1.04 6.90
C ARG C 193 -29.79 -1.50 5.81
N ARG C 194 -30.22 -2.44 4.99
CA ARG C 194 -29.43 -2.97 3.89
C ARG C 194 -29.04 -1.86 2.92
N GLY C 195 -27.80 -1.90 2.43
CA GLY C 195 -27.34 -0.95 1.45
C GLY C 195 -28.29 -0.87 0.26
N ALA C 196 -28.56 0.35 -0.20
CA ALA C 196 -29.55 0.61 -1.24
C ALA C 196 -29.26 0.01 -2.62
N ASN C 197 -28.00 -0.33 -2.88
CA ASN C 197 -27.59 -0.90 -4.17
C ASN C 197 -27.41 -2.43 -4.16
N PHE C 198 -27.78 -3.08 -3.06
CA PHE C 198 -28.02 -4.53 -3.06
C PHE C 198 -29.44 -4.76 -3.58
N VAL C 199 -29.69 -5.92 -4.15
CA VAL C 199 -30.92 -6.14 -4.93
C VAL C 199 -32.21 -6.08 -4.12
N THR C 200 -32.17 -6.60 -2.89
CA THR C 200 -33.36 -6.69 -2.06
C THR C 200 -33.87 -5.31 -1.67
N ARG C 201 -32.94 -4.46 -1.21
CA ARG C 201 -33.23 -3.10 -0.79
C ARG C 201 -33.54 -2.21 -2.00
N LYS C 202 -32.85 -2.44 -3.11
CA LYS C 202 -33.15 -1.73 -4.33
C LYS C 202 -34.63 -1.98 -4.70
N ILE C 203 -35.06 -3.24 -4.61
CA ILE C 203 -36.46 -3.58 -4.89
C ILE C 203 -37.44 -2.97 -3.86
N SER C 204 -37.17 -3.13 -2.57
CA SER C 204 -38.07 -2.62 -1.53
C SER C 204 -38.21 -1.08 -1.58
N ARG C 205 -37.09 -0.37 -1.80
CA ARG C 205 -37.13 1.08 -1.98
C ARG C 205 -37.93 1.49 -3.24
N SER C 206 -37.66 0.82 -4.36
CA SER C 206 -38.32 1.16 -5.62
C SER C 206 -39.84 0.87 -5.60
N VAL C 207 -40.20 -0.26 -5.01
CA VAL C 207 -41.61 -0.64 -4.79
C VAL C 207 -42.29 0.38 -3.89
N ALA C 208 -41.64 0.74 -2.78
CA ALA C 208 -42.15 1.81 -1.89
C ALA C 208 -42.37 3.11 -2.65
N LYS C 209 -41.42 3.49 -3.50
CA LYS C 209 -41.57 4.72 -4.27
C LYS C 209 -42.74 4.64 -5.27
N ILE C 210 -42.90 3.49 -5.92
CA ILE C 210 -44.00 3.27 -6.86
C ILE C 210 -45.35 3.39 -6.14
N TYR C 211 -45.47 2.76 -4.98
CA TYR C 211 -46.65 2.87 -4.13
C TYR C 211 -47.01 4.30 -3.77
N LEU C 212 -46.02 5.16 -3.53
CA LEU C 212 -46.25 6.54 -3.14
C LEU C 212 -46.29 7.52 -4.32
N GLY C 213 -46.32 7.03 -5.55
CA GLY C 213 -46.28 7.88 -6.74
C GLY C 213 -45.02 8.70 -6.96
N GLN C 214 -43.89 8.30 -6.35
CA GLN C 214 -42.61 8.99 -6.54
C GLN C 214 -41.77 8.40 -7.68
N LEU C 215 -42.24 7.29 -8.26
CA LEU C 215 -41.50 6.56 -9.28
C LEU C 215 -42.50 5.70 -10.04
N GLU C 216 -42.26 5.46 -11.32
CA GLU C 216 -43.12 4.57 -12.13
C GLU C 216 -42.52 3.22 -12.46
N CYS C 217 -41.20 3.18 -12.70
CA CYS C 217 -40.54 1.99 -13.24
C CYS C 217 -39.07 1.94 -12.80
N PHE C 218 -38.51 0.74 -12.62
CA PHE C 218 -37.07 0.59 -12.35
C PHE C 218 -36.51 -0.59 -13.09
N SER C 219 -35.18 -0.59 -13.26
N SER C 219 -35.19 -0.60 -13.26
CA SER C 219 -34.51 -1.66 -13.99
CA SER C 219 -34.51 -1.66 -13.99
C SER C 219 -33.61 -2.48 -13.06
C SER C 219 -33.60 -2.49 -13.07
N LEU C 220 -33.57 -3.79 -13.36
CA LEU C 220 -32.78 -4.77 -12.62
C LEU C 220 -31.86 -5.50 -13.60
N GLY C 221 -30.99 -6.36 -13.08
CA GLY C 221 -30.14 -7.21 -13.89
C GLY C 221 -30.70 -8.62 -14.06
N ASN C 222 -29.98 -9.59 -13.48
CA ASN C 222 -30.31 -11.01 -13.62
C ASN C 222 -31.47 -11.41 -12.71
N LEU C 223 -32.68 -11.53 -13.28
CA LEU C 223 -33.87 -11.88 -12.51
C LEU C 223 -33.91 -13.34 -12.04
N ASP C 224 -33.10 -14.20 -12.67
CA ASP C 224 -33.09 -15.61 -12.36
C ASP C 224 -32.07 -16.05 -11.31
N ALA C 225 -31.26 -15.12 -10.80
CA ALA C 225 -30.33 -15.47 -9.74
C ALA C 225 -31.09 -15.95 -8.54
N LYS C 226 -30.57 -16.98 -7.89
CA LYS C 226 -31.23 -17.56 -6.73
C LYS C 226 -30.38 -17.47 -5.50
N ARG C 227 -31.03 -17.08 -4.40
CA ARG C 227 -30.33 -16.80 -3.16
C ARG C 227 -31.08 -17.37 -1.97
N ASP C 228 -30.30 -17.67 -0.94
CA ASP C 228 -30.77 -18.02 0.38
C ASP C 228 -30.70 -16.71 1.20
N TRP C 229 -31.88 -16.12 1.46
CA TRP C 229 -31.99 -14.82 2.14
C TRP C 229 -32.53 -14.92 3.57
N GLY C 230 -31.76 -14.41 4.53
CA GLY C 230 -32.21 -14.26 5.91
C GLY C 230 -32.15 -12.83 6.40
N HIS C 231 -32.32 -12.65 7.71
CA HIS C 231 -32.43 -11.33 8.31
C HIS C 231 -31.19 -11.06 9.14
N ALA C 232 -30.54 -9.93 8.83
CA ALA C 232 -29.29 -9.53 9.51
C ALA C 232 -29.36 -9.60 11.02
N LYS C 233 -30.49 -9.18 11.58
CA LYS C 233 -30.67 -9.21 13.05
C LYS C 233 -30.53 -10.61 13.63
N ASP C 234 -31.04 -11.64 12.94
CA ASP C 234 -30.84 -13.02 13.38
C ASP C 234 -29.40 -13.44 13.24
N TYR C 235 -28.76 -13.01 12.16
CA TYR C 235 -27.43 -13.51 11.81
C TYR C 235 -26.32 -12.93 12.73
N VAL C 236 -26.47 -11.70 13.21
CA VAL C 236 -25.48 -11.16 14.14
C VAL C 236 -25.43 -11.92 15.47
N GLU C 237 -26.56 -12.48 15.87
CA GLU C 237 -26.61 -13.35 17.04
C GLU C 237 -25.75 -14.58 16.86
N ALA C 238 -25.77 -15.17 15.67
CA ALA C 238 -24.90 -16.33 15.36
C ALA C 238 -23.43 -15.99 15.48
N MET C 239 -23.05 -14.77 15.08
CA MET C 239 -21.66 -14.33 15.20
C MET C 239 -21.23 -14.40 16.67
N TRP C 240 -22.03 -13.83 17.56
CA TRP C 240 -21.79 -13.88 19.01
C TRP C 240 -21.72 -15.31 19.54
N LEU C 241 -22.67 -16.16 19.17
CA LEU C 241 -22.67 -17.57 19.58
C LEU C 241 -21.38 -18.31 19.19
N MET C 242 -20.85 -18.01 17.99
CA MET C 242 -19.60 -18.64 17.54
C MET C 242 -18.44 -18.28 18.43
N LEU C 243 -18.44 -17.07 18.98
CA LEU C 243 -17.42 -16.67 19.96
C LEU C 243 -17.68 -17.18 21.40
N GLN C 244 -18.91 -17.59 21.70
CA GLN C 244 -19.22 -18.24 22.99
C GLN C 244 -18.88 -19.72 23.03
N ASN C 245 -18.66 -20.32 21.85
CA ASN C 245 -18.30 -21.73 21.74
C ASN C 245 -17.02 -22.01 22.53
N ASP C 246 -16.91 -23.20 23.12
CA ASP C 246 -15.67 -23.59 23.83
C ASP C 246 -14.49 -23.77 22.88
N GLU C 247 -14.73 -24.29 21.69
CA GLU C 247 -13.71 -24.48 20.68
C GLU C 247 -13.94 -23.52 19.49
N PRO C 248 -12.85 -22.99 18.91
CA PRO C 248 -13.01 -22.14 17.73
C PRO C 248 -13.31 -22.97 16.49
N GLU C 249 -14.55 -22.90 16.00
CA GLU C 249 -14.96 -23.65 14.83
C GLU C 249 -15.60 -22.72 13.80
N ASP C 250 -15.50 -23.09 12.53
CA ASP C 250 -16.17 -22.40 11.41
C ASP C 250 -17.59 -22.96 11.19
N PHE C 251 -18.53 -22.08 10.83
CA PHE C 251 -19.95 -22.43 10.71
C PHE C 251 -20.59 -21.73 9.54
N VAL C 252 -21.36 -22.50 8.76
CA VAL C 252 -22.32 -21.95 7.82
C VAL C 252 -23.54 -21.44 8.60
N ILE C 253 -24.01 -20.24 8.24
CA ILE C 253 -25.25 -19.70 8.77
C ILE C 253 -26.13 -19.32 7.57
N ALA C 254 -27.35 -19.82 7.55
CA ALA C 254 -28.24 -19.73 6.39
C ALA C 254 -29.66 -20.16 6.78
N THR C 255 -30.61 -19.94 5.88
CA THR C 255 -32.00 -20.43 6.05
C THR C 255 -32.24 -21.79 5.44
N GLY C 256 -31.44 -22.19 4.45
CA GLY C 256 -31.71 -23.41 3.69
C GLY C 256 -32.76 -23.28 2.61
N GLU C 257 -33.47 -22.14 2.54
CA GLU C 257 -34.53 -21.92 1.57
C GLU C 257 -34.07 -20.98 0.48
N VAL C 258 -34.41 -21.30 -0.76
CA VAL C 258 -33.92 -20.60 -1.94
C VAL C 258 -35.08 -19.88 -2.63
N HIS C 259 -34.83 -18.66 -3.08
CA HIS C 259 -35.78 -17.89 -3.86
C HIS C 259 -35.01 -17.11 -4.93
N SER C 260 -35.70 -16.78 -6.02
CA SER C 260 -35.13 -16.01 -7.09
C SER C 260 -35.35 -14.53 -6.84
N VAL C 261 -34.60 -13.72 -7.60
CA VAL C 261 -34.76 -12.27 -7.61
C VAL C 261 -36.18 -11.92 -8.09
N ARG C 262 -36.60 -12.62 -9.13
CA ARG C 262 -37.95 -12.53 -9.66
C ARG C 262 -39.03 -12.71 -8.56
N GLU C 263 -38.88 -13.72 -7.72
CA GLU C 263 -39.79 -13.95 -6.60
C GLU C 263 -39.76 -12.82 -5.59
N PHE C 264 -38.56 -12.30 -5.33
CA PHE C 264 -38.44 -11.14 -4.45
C PHE C 264 -39.24 -9.95 -5.00
N VAL C 265 -39.16 -9.72 -6.31
CA VAL C 265 -39.94 -8.66 -6.94
C VAL C 265 -41.45 -8.93 -6.80
N GLU C 266 -41.88 -10.15 -7.15
CA GLU C 266 -43.31 -10.53 -7.07
C GLU C 266 -43.90 -10.34 -5.67
N LYS C 267 -43.20 -10.86 -4.68
CA LYS C 267 -43.66 -10.77 -3.29
C LYS C 267 -43.68 -9.32 -2.78
N SER C 268 -42.68 -8.51 -3.18
CA SER C 268 -42.61 -7.11 -2.78
C SER C 268 -43.82 -6.32 -3.32
N PHE C 269 -44.12 -6.46 -4.60
CA PHE C 269 -45.27 -5.79 -5.22
C PHE C 269 -46.62 -6.26 -4.61
N LEU C 270 -46.76 -7.56 -4.31
CA LEU C 270 -48.02 -8.06 -3.68
C LEU C 270 -48.31 -7.28 -2.39
N HIS C 271 -47.28 -6.93 -1.63
CA HIS C 271 -47.44 -6.11 -0.43
C HIS C 271 -47.95 -4.69 -0.62
N ILE C 272 -47.86 -4.15 -1.84
CA ILE C 272 -48.52 -2.88 -2.18
C ILE C 272 -49.75 -3.08 -3.09
N GLY C 273 -50.30 -4.30 -3.12
CA GLY C 273 -51.52 -4.61 -3.85
C GLY C 273 -51.41 -4.75 -5.35
N LYS C 274 -50.23 -5.15 -5.84
CA LYS C 274 -49.99 -5.30 -7.27
C LYS C 274 -49.44 -6.69 -7.58
N THR C 275 -50.01 -7.30 -8.64
CA THR C 275 -49.63 -8.62 -9.10
C THR C 275 -48.78 -8.42 -10.35
N ILE C 276 -47.50 -8.82 -10.29
CA ILE C 276 -46.61 -8.69 -11.42
C ILE C 276 -46.74 -9.90 -12.32
N VAL C 277 -46.93 -9.64 -13.61
CA VAL C 277 -46.87 -10.68 -14.65
C VAL C 277 -45.76 -10.31 -15.61
N TRP C 278 -44.90 -11.29 -15.89
CA TRP C 278 -43.73 -11.09 -16.74
C TRP C 278 -44.04 -11.37 -18.21
N GLU C 279 -43.38 -10.64 -19.09
CA GLU C 279 -43.44 -10.92 -20.51
C GLU C 279 -42.12 -10.59 -21.16
N GLY C 280 -41.78 -11.33 -22.21
CA GLY C 280 -40.48 -11.21 -22.87
C GLY C 280 -39.42 -12.03 -22.16
N LYS C 281 -38.24 -12.07 -22.76
CA LYS C 281 -37.12 -12.88 -22.30
C LYS C 281 -35.83 -12.07 -22.22
N ASN C 282 -34.95 -12.49 -21.31
CA ASN C 282 -33.62 -11.90 -21.14
C ASN C 282 -33.68 -10.38 -20.94
N GLU C 283 -32.95 -9.58 -21.75
CA GLU C 283 -32.93 -8.14 -21.55
C GLU C 283 -34.17 -7.41 -22.02
N ASN C 284 -35.08 -8.12 -22.70
CA ASN C 284 -36.39 -7.56 -23.10
C ASN C 284 -37.52 -7.93 -22.14
N GLU C 285 -37.22 -8.67 -21.07
CA GLU C 285 -38.24 -9.05 -20.13
C GLU C 285 -38.72 -7.85 -19.33
N VAL C 286 -40.04 -7.72 -19.18
CA VAL C 286 -40.61 -6.65 -18.37
C VAL C 286 -41.62 -7.24 -17.40
N GLY C 287 -41.78 -6.54 -16.27
CA GLY C 287 -42.78 -6.89 -15.25
C GLY C 287 -43.91 -5.88 -15.26
N ARG C 288 -45.13 -6.36 -15.53
CA ARG C 288 -46.31 -5.52 -15.69
C ARG C 288 -47.29 -5.78 -14.52
N CYS C 289 -47.86 -4.72 -13.97
CA CYS C 289 -48.96 -4.85 -13.01
C CYS C 289 -50.22 -5.33 -13.73
N LYS C 290 -50.74 -6.47 -13.31
CA LYS C 290 -51.93 -7.10 -13.90
C LYS C 290 -53.16 -6.23 -13.72
N GLU C 291 -53.28 -5.62 -12.54
CA GLU C 291 -54.46 -4.82 -12.18
C GLU C 291 -54.60 -3.51 -12.98
N THR C 292 -53.47 -2.89 -13.35
CA THR C 292 -53.46 -1.59 -14.07
C THR C 292 -52.94 -1.67 -15.51
N GLY C 293 -52.25 -2.74 -15.87
CA GLY C 293 -51.53 -2.81 -17.14
C GLY C 293 -50.21 -2.02 -17.26
N LYS C 294 -49.76 -1.35 -16.19
CA LYS C 294 -48.53 -0.53 -16.22
C LYS C 294 -47.24 -1.36 -15.99
N VAL C 295 -46.21 -1.08 -16.79
CA VAL C 295 -44.88 -1.67 -16.64
C VAL C 295 -44.15 -1.04 -15.44
N HIS C 296 -43.72 -1.86 -14.49
CA HIS C 296 -42.92 -1.38 -13.35
C HIS C 296 -41.46 -1.88 -13.28
N VAL C 297 -41.12 -2.94 -14.01
CA VAL C 297 -39.79 -3.54 -13.97
C VAL C 297 -39.27 -3.80 -15.38
N THR C 298 -38.03 -3.38 -15.64
CA THR C 298 -37.33 -3.74 -16.87
C THR C 298 -35.96 -4.36 -16.50
N VAL C 299 -35.24 -4.82 -17.52
CA VAL C 299 -33.94 -5.45 -17.35
C VAL C 299 -32.94 -4.63 -18.13
N ASP C 300 -31.77 -4.41 -17.54
CA ASP C 300 -30.68 -3.69 -18.19
C ASP C 300 -29.39 -4.51 -17.95
N LEU C 301 -28.73 -4.87 -19.05
CA LEU C 301 -27.48 -5.68 -19.05
C LEU C 301 -26.34 -5.08 -18.21
N LYS C 302 -26.34 -3.76 -18.02
CA LYS C 302 -25.31 -3.14 -17.21
C LYS C 302 -25.29 -3.59 -15.73
N TYR C 303 -26.41 -4.12 -15.23
CA TYR C 303 -26.48 -4.65 -13.86
C TYR C 303 -26.00 -6.09 -13.69
N TYR C 304 -25.70 -6.79 -14.80
CA TYR C 304 -25.16 -8.14 -14.76
C TYR C 304 -23.70 -8.12 -14.29
N ARG C 305 -23.20 -9.26 -13.81
CA ARG C 305 -21.79 -9.40 -13.40
C ARG C 305 -21.07 -10.23 -14.47
N PRO C 306 -19.79 -9.94 -14.75
CA PRO C 306 -19.03 -10.74 -15.72
C PRO C 306 -19.03 -12.25 -15.42
N THR C 307 -18.93 -12.61 -14.14
CA THR C 307 -18.99 -14.01 -13.70
C THR C 307 -20.01 -14.11 -12.58
N GLU C 308 -21.23 -14.48 -12.95
CA GLU C 308 -22.37 -14.54 -12.04
C GLU C 308 -22.23 -15.72 -11.07
N VAL C 309 -22.82 -15.56 -9.89
CA VAL C 309 -23.03 -16.62 -8.90
C VAL C 309 -24.53 -16.96 -9.04
N ASP C 310 -24.83 -18.09 -9.69
CA ASP C 310 -26.23 -18.38 -10.11
C ASP C 310 -27.14 -18.84 -8.98
N PHE C 311 -26.56 -19.53 -8.00
CA PHE C 311 -27.36 -20.29 -7.04
C PHE C 311 -26.58 -20.46 -5.74
N LEU C 312 -27.22 -20.10 -4.63
CA LEU C 312 -26.71 -20.39 -3.31
C LEU C 312 -27.83 -20.96 -2.45
N GLN C 313 -27.48 -22.01 -1.70
CA GLN C 313 -28.38 -22.62 -0.72
C GLN C 313 -27.53 -23.23 0.41
N GLY C 314 -27.69 -22.71 1.61
CA GLY C 314 -26.85 -23.12 2.74
C GLY C 314 -27.43 -24.25 3.59
N ASP C 315 -26.57 -25.13 4.05
CA ASP C 315 -26.95 -26.16 5.00
C ASP C 315 -26.28 -25.84 6.32
N CYS C 316 -27.05 -25.32 7.27
CA CYS C 316 -26.53 -24.92 8.59
C CYS C 316 -26.79 -25.95 9.71
N THR C 317 -26.83 -27.23 9.34
CA THR C 317 -27.00 -28.32 10.30
C THR C 317 -26.00 -28.25 11.43
N LYS C 318 -24.72 -28.04 11.11
CA LYS C 318 -23.67 -27.93 12.13
C LYS C 318 -23.96 -26.85 13.18
N ALA C 319 -24.40 -25.68 12.75
CA ALA C 319 -24.72 -24.58 13.67
C ALA C 319 -25.94 -24.92 14.51
N LYS C 320 -26.95 -25.54 13.89
CA LYS C 320 -28.14 -25.98 14.62
C LYS C 320 -27.78 -26.93 15.76
N GLN C 321 -26.92 -27.91 15.46
CA GLN C 321 -26.49 -28.88 16.45
C GLN C 321 -25.61 -28.30 17.54
N LYS C 322 -24.55 -27.59 17.16
CA LYS C 322 -23.56 -27.11 18.15
C LYS C 322 -23.91 -25.80 18.81
N LEU C 323 -24.47 -24.86 18.07
CA LEU C 323 -24.79 -23.52 18.61
C LEU C 323 -26.22 -23.36 19.05
N ASN C 324 -27.10 -24.30 18.69
CA ASN C 324 -28.54 -24.15 18.88
C ASN C 324 -29.08 -22.86 18.26
N TRP C 325 -28.58 -22.50 17.08
CA TRP C 325 -29.03 -21.30 16.38
C TRP C 325 -30.08 -21.74 15.37
N LYS C 326 -31.14 -20.96 15.25
CA LYS C 326 -32.18 -21.19 14.24
C LYS C 326 -32.59 -19.82 13.71
N PRO C 327 -32.78 -19.69 12.37
CA PRO C 327 -33.32 -18.41 11.88
C PRO C 327 -34.76 -18.23 12.31
N ARG C 328 -35.11 -17.02 12.77
CA ARG C 328 -36.45 -16.67 13.21
C ARG C 328 -37.26 -16.03 12.08
N VAL C 329 -36.63 -15.20 11.27
CA VAL C 329 -37.34 -14.54 10.17
C VAL C 329 -37.17 -15.35 8.88
N ALA C 330 -38.30 -15.74 8.29
CA ALA C 330 -38.32 -16.40 6.99
C ALA C 330 -38.54 -15.37 5.89
N PHE C 331 -38.29 -15.79 4.65
CA PHE C 331 -38.30 -14.94 3.44
C PHE C 331 -39.53 -14.03 3.27
N ASP C 332 -40.72 -14.58 3.46
CA ASP C 332 -41.97 -13.81 3.31
C ASP C 332 -42.08 -12.64 4.29
N GLU C 333 -41.74 -12.87 5.55
CA GLU C 333 -41.72 -11.80 6.55
C GLU C 333 -40.59 -10.78 6.29
N LEU C 334 -39.44 -11.25 5.81
CA LEU C 334 -38.34 -10.35 5.42
C LEU C 334 -38.80 -9.37 4.34
N VAL C 335 -39.43 -9.88 3.29
CA VAL C 335 -39.94 -9.04 2.21
C VAL C 335 -40.92 -8.00 2.75
N ARG C 336 -41.88 -8.46 3.56
CA ARG C 336 -42.89 -7.59 4.20
C ARG C 336 -42.28 -6.47 5.03
N GLU C 337 -41.35 -6.83 5.92
CA GLU C 337 -40.69 -5.85 6.78
C GLU C 337 -39.96 -4.78 5.93
N MET C 338 -39.26 -5.22 4.89
CA MET C 338 -38.47 -4.29 4.09
C MET C 338 -39.36 -3.32 3.30
N VAL C 339 -40.41 -3.82 2.66
CA VAL C 339 -41.32 -2.95 1.90
C VAL C 339 -42.06 -1.98 2.83
N HIS C 340 -42.60 -2.51 3.93
CA HIS C 340 -43.28 -1.68 4.92
C HIS C 340 -42.37 -0.57 5.47
N ALA C 341 -41.15 -0.92 5.86
CA ALA C 341 -40.19 0.07 6.39
C ALA C 341 -39.85 1.15 5.37
N ASP C 342 -39.68 0.77 4.10
CA ASP C 342 -39.33 1.77 3.08
C ASP C 342 -40.52 2.64 2.65
N VAL C 343 -41.74 2.11 2.75
CA VAL C 343 -42.96 2.94 2.56
C VAL C 343 -42.96 4.05 3.62
N GLU C 344 -42.83 3.67 4.90
CA GLU C 344 -42.74 4.65 6.03
C GLU C 344 -41.62 5.66 5.84
N LEU C 345 -40.44 5.16 5.46
CA LEU C 345 -39.28 6.01 5.20
C LEU C 345 -39.51 7.03 4.09
N MET C 346 -40.01 6.57 2.95
CA MET C 346 -40.24 7.43 1.77
C MET C 346 -41.44 8.38 1.93
N ARG C 347 -42.42 7.98 2.73
CA ARG C 347 -43.57 8.85 3.06
C ARG C 347 -43.10 10.03 3.90
N THR C 348 -42.35 9.75 4.97
CA THR C 348 -41.81 10.79 5.87
C THR C 348 -40.80 11.70 5.17
N ASN C 349 -40.08 11.18 4.19
CA ASN C 349 -39.01 11.92 3.52
C ASN C 349 -38.87 11.38 2.09
N PRO C 350 -39.49 12.05 1.09
CA PRO C 350 -39.39 11.63 -0.32
C PRO C 350 -37.97 11.54 -0.92
N ASN C 351 -37.00 12.22 -0.31
CA ASN C 351 -35.59 12.14 -0.75
C ASN C 351 -34.73 11.07 0.00
N ALA C 352 -35.15 9.82 -0.19
CA ALA C 352 -34.25 8.62 -0.10
C ALA C 352 -33.82 8.16 1.28
N ARG D 3 23.42 0.81 28.72
CA ARG D 3 22.64 0.08 27.68
C ARG D 3 22.65 0.80 26.32
N ASN D 4 23.34 0.23 25.33
CA ASN D 4 23.56 0.86 24.03
C ASN D 4 23.16 -0.15 22.96
N VAL D 5 21.95 0.03 22.42
CA VAL D 5 21.36 -0.92 21.49
C VAL D 5 20.87 -0.15 20.26
N ALA D 6 21.51 -0.39 19.11
CA ALA D 6 21.17 0.30 17.88
C ALA D 6 20.35 -0.58 16.94
N LEU D 7 19.34 0.01 16.31
CA LEU D 7 18.62 -0.62 15.21
C LEU D 7 18.91 0.19 13.95
N ILE D 8 19.49 -0.47 12.97
CA ILE D 8 19.82 0.18 11.72
C ILE D 8 18.93 -0.38 10.61
N THR D 9 18.05 0.44 10.04
CA THR D 9 17.43 0.06 8.76
C THR D 9 18.44 0.45 7.69
N GLY D 10 18.43 -0.30 6.59
CA GLY D 10 19.42 -0.13 5.53
C GLY D 10 20.81 -0.60 5.89
N ILE D 11 20.93 -1.59 6.79
CA ILE D 11 22.22 -2.09 7.24
C ILE D 11 23.07 -2.72 6.11
N THR D 12 22.43 -3.24 5.08
CA THR D 12 23.15 -3.86 3.97
C THR D 12 23.75 -2.86 2.98
N GLY D 13 23.34 -1.59 3.06
CA GLY D 13 23.81 -0.55 2.16
C GLY D 13 25.20 -0.01 2.57
N GLN D 14 25.70 0.94 1.78
CA GLN D 14 27.00 1.57 2.02
C GLN D 14 27.14 2.07 3.45
N ASP D 15 26.26 3.00 3.79
CA ASP D 15 26.33 3.67 5.10
C ASP D 15 26.09 2.74 6.26
N GLY D 16 25.05 1.92 6.14
CA GLY D 16 24.70 0.92 7.14
C GLY D 16 25.88 0.03 7.53
N SER D 17 26.65 -0.39 6.52
CA SER D 17 27.78 -1.29 6.74
C SER D 17 28.91 -0.59 7.53
N TYR D 18 29.23 0.65 7.16
CA TYR D 18 30.18 1.45 7.93
C TYR D 18 29.68 1.81 9.34
N LEU D 19 28.39 2.15 9.46
CA LEU D 19 27.83 2.50 10.75
C LEU D 19 27.84 1.31 11.69
N ALA D 20 27.49 0.14 11.16
CA ALA D 20 27.51 -1.07 11.96
C ALA D 20 28.89 -1.33 12.55
N GLU D 21 29.94 -1.22 11.75
CA GLU D 21 31.34 -1.37 12.24
C GLU D 21 31.67 -0.36 13.34
N PHE D 22 31.35 0.90 13.08
CA PHE D 22 31.62 2.00 14.00
C PHE D 22 30.92 1.76 15.35
N LEU D 23 29.67 1.32 15.33
CA LEU D 23 28.95 1.11 16.60
C LEU D 23 29.43 -0.15 17.34
N LEU D 24 29.71 -1.21 16.60
CA LEU D 24 30.29 -2.44 17.17
C LEU D 24 31.60 -2.17 17.91
N GLU D 25 32.50 -1.40 17.29
CA GLU D 25 33.75 -0.96 17.92
C GLU D 25 33.51 -0.25 19.26
N LYS D 26 32.40 0.47 19.38
CA LYS D 26 32.02 1.08 20.65
C LYS D 26 31.31 0.15 21.63
N GLY D 27 31.20 -1.14 21.31
CA GLY D 27 30.53 -2.09 22.21
C GLY D 27 29.02 -2.01 22.20
N TYR D 28 28.42 -1.47 21.13
CA TYR D 28 26.96 -1.51 20.98
C TYR D 28 26.51 -2.91 20.60
N GLU D 29 25.33 -3.26 21.05
CA GLU D 29 24.56 -4.36 20.48
C GLU D 29 23.88 -3.79 19.22
N VAL D 30 24.18 -4.34 18.05
CA VAL D 30 23.70 -3.78 16.78
C VAL D 30 22.70 -4.72 16.13
N HIS D 31 21.51 -4.21 15.85
CA HIS D 31 20.48 -4.93 15.10
C HIS D 31 20.25 -4.27 13.74
N GLY D 32 20.04 -5.09 12.73
CA GLY D 32 19.80 -4.60 11.39
C GLY D 32 18.55 -5.22 10.80
N ILE D 33 17.83 -4.44 10.00
CA ILE D 33 16.73 -4.96 9.20
C ILE D 33 17.21 -5.23 7.78
N VAL D 34 17.05 -6.47 7.34
CA VAL D 34 17.54 -6.94 6.03
C VAL D 34 16.35 -7.40 5.19
N ARG D 35 16.39 -7.10 3.91
CA ARG D 35 15.33 -7.52 3.02
C ARG D 35 15.55 -8.98 2.59
N ARG D 36 14.46 -9.72 2.44
CA ARG D 36 14.54 -11.03 1.77
C ARG D 36 14.97 -10.79 0.32
N SER D 37 15.89 -11.59 -0.17
CA SER D 37 16.31 -11.55 -1.55
C SER D 37 16.52 -12.98 -2.06
N SER D 38 16.27 -13.19 -3.36
CA SER D 38 16.54 -14.49 -3.98
C SER D 38 18.04 -14.77 -4.12
N SER D 39 18.87 -13.73 -3.96
CA SER D 39 20.31 -13.85 -4.00
C SER D 39 20.91 -13.40 -2.67
N PHE D 40 22.17 -13.76 -2.48
CA PHE D 40 22.99 -13.24 -1.38
C PHE D 40 22.99 -11.70 -1.47
N ASN D 41 22.74 -11.02 -0.34
CA ASN D 41 22.67 -9.55 -0.31
C ASN D 41 23.32 -8.87 0.92
N THR D 42 24.18 -9.61 1.64
CA THR D 42 24.82 -9.12 2.86
C THR D 42 26.33 -9.03 2.66
N GLY D 43 26.78 -8.88 1.40
CA GLY D 43 28.20 -8.75 1.10
C GLY D 43 28.95 -7.68 1.88
N ARG D 44 28.33 -6.54 2.17
CA ARG D 44 29.05 -5.48 2.88
C ARG D 44 29.24 -5.72 4.38
N ILE D 45 28.48 -6.65 4.97
CA ILE D 45 28.49 -6.88 6.42
C ILE D 45 28.80 -8.34 6.82
N GLU D 46 29.03 -9.22 5.86
CA GLU D 46 29.27 -10.64 6.13
C GLU D 46 30.49 -10.89 7.04
N HIS D 47 31.53 -10.09 6.86
CA HIS D 47 32.70 -10.11 7.76
C HIS D 47 32.41 -9.80 9.25
N LEU D 48 31.27 -9.19 9.56
CA LEU D 48 30.89 -8.90 10.95
C LEU D 48 30.13 -10.03 11.69
N TYR D 49 29.62 -11.05 10.99
CA TYR D 49 28.96 -12.22 11.64
C TYR D 49 29.64 -13.54 11.29
N ASN D 59 27.39 -9.71 18.91
CA ASN D 59 27.00 -8.32 19.03
C ASN D 59 26.14 -7.80 17.85
N MET D 60 26.19 -8.44 16.67
CA MET D 60 25.31 -8.08 15.53
C MET D 60 24.22 -9.11 15.27
N LYS D 61 22.95 -8.68 15.22
CA LYS D 61 21.81 -9.58 14.92
C LYS D 61 21.02 -9.02 13.72
N LEU D 62 20.69 -9.88 12.74
CA LEU D 62 19.90 -9.45 11.56
C LEU D 62 18.47 -9.95 11.62
N HIS D 63 17.53 -9.13 11.17
CA HIS D 63 16.10 -9.47 11.21
C HIS D 63 15.52 -9.21 9.83
N TYR D 64 14.79 -10.16 9.28
CA TYR D 64 14.08 -9.91 8.02
C TYR D 64 12.96 -8.89 8.22
N GLY D 65 12.87 -7.92 7.33
CA GLY D 65 11.86 -6.90 7.40
C GLY D 65 11.83 -6.08 6.13
N ASP D 66 10.92 -5.13 6.10
CA ASP D 66 10.78 -4.22 4.99
C ASP D 66 10.07 -2.98 5.51
N LEU D 67 10.47 -1.82 4.98
CA LEU D 67 9.92 -0.53 5.43
C LEU D 67 8.49 -0.29 4.94
N THR D 68 7.98 -1.18 4.08
CA THR D 68 6.57 -1.14 3.67
C THR D 68 5.66 -2.10 4.45
N ASP D 69 6.21 -2.84 5.43
CA ASP D 69 5.48 -3.89 6.20
C ASP D 69 5.45 -3.38 7.65
N SER D 70 4.36 -2.67 7.97
CA SER D 70 4.15 -2.11 9.30
C SER D 70 4.28 -3.11 10.47
N THR D 71 3.76 -4.33 10.31
CA THR D 71 3.83 -5.34 11.38
C THR D 71 5.24 -5.80 11.71
N CYS D 72 6.06 -6.02 10.68
CA CYS D 72 7.42 -6.46 10.93
C CYS D 72 8.16 -5.40 11.72
N LEU D 73 7.90 -4.12 11.44
CA LEU D 73 8.64 -3.03 12.10
C LEU D 73 8.28 -2.93 13.58
N VAL D 74 7.00 -3.07 13.90
CA VAL D 74 6.56 -3.05 15.30
C VAL D 74 7.11 -4.24 16.05
N LYS D 75 7.02 -5.44 15.46
CA LYS D 75 7.59 -6.65 16.08
C LYS D 75 9.07 -6.47 16.39
N ILE D 76 9.83 -6.00 15.41
CA ILE D 76 11.27 -5.87 15.58
C ILE D 76 11.58 -4.83 16.66
N ILE D 77 10.94 -3.65 16.59
CA ILE D 77 11.23 -2.59 17.57
C ILE D 77 10.81 -3.02 18.98
N ASN D 78 9.68 -3.71 19.07
CA ASN D 78 9.17 -4.17 20.36
C ASN D 78 10.08 -5.24 20.99
N GLU D 79 10.64 -6.10 20.16
CA GLU D 79 11.59 -7.13 20.60
C GLU D 79 12.95 -6.57 20.97
N VAL D 80 13.50 -5.70 20.12
CA VAL D 80 14.85 -5.18 20.31
C VAL D 80 14.90 -4.07 21.37
N LYS D 81 13.86 -3.24 21.44
CA LYS D 81 13.83 -2.07 22.32
C LYS D 81 15.11 -1.22 22.23
N PRO D 82 15.39 -0.70 21.03
CA PRO D 82 16.65 0.01 20.82
C PRO D 82 16.70 1.31 21.58
N THR D 83 17.91 1.74 21.96
CA THR D 83 18.13 3.10 22.43
C THR D 83 18.38 4.09 21.28
N GLU D 84 18.86 3.59 20.14
CA GLU D 84 19.15 4.42 18.96
C GLU D 84 18.62 3.71 17.70
N ILE D 85 17.89 4.47 16.88
CA ILE D 85 17.40 3.98 15.59
C ILE D 85 17.99 4.87 14.49
N TYR D 86 18.62 4.25 13.50
CA TYR D 86 19.17 4.96 12.34
C TYR D 86 18.36 4.49 11.14
N ASN D 87 17.51 5.36 10.61
CA ASN D 87 16.72 5.00 9.44
C ASN D 87 17.50 5.32 8.18
N LEU D 88 18.33 4.38 7.74
CA LEU D 88 19.10 4.51 6.48
C LEU D 88 18.46 3.77 5.31
N GLY D 89 17.42 2.97 5.58
CA GLY D 89 16.77 2.22 4.53
C GLY D 89 16.03 3.10 3.51
N ALA D 90 16.31 2.88 2.22
CA ALA D 90 15.71 3.66 1.14
C ALA D 90 16.04 3.09 -0.23
N GLN D 91 15.12 3.31 -1.17
CA GLN D 91 15.44 3.35 -2.58
C GLN D 91 16.19 4.67 -2.77
N SER D 92 17.51 4.60 -2.88
CA SER D 92 18.36 5.77 -2.77
C SER D 92 18.85 6.33 -4.11
N HIS D 93 18.48 5.72 -5.23
CA HIS D 93 18.99 6.15 -6.52
C HIS D 93 18.03 7.12 -7.17
N VAL D 94 18.54 8.27 -7.53
CA VAL D 94 17.75 9.39 -8.07
C VAL D 94 17.20 9.12 -9.46
N LYS D 95 18.03 8.65 -10.37
CA LYS D 95 17.59 8.34 -11.75
C LYS D 95 16.52 7.25 -11.74
N ILE D 96 16.73 6.21 -10.92
CA ILE D 96 15.77 5.12 -10.84
C ILE D 96 14.44 5.64 -10.25
N SER D 97 14.48 6.64 -9.36
CA SER D 97 13.23 7.18 -8.76
C SER D 97 12.22 7.73 -9.80
N PHE D 98 12.69 8.18 -10.96
CA PHE D 98 11.79 8.65 -12.03
C PHE D 98 10.94 7.54 -12.64
N ASP D 99 11.46 6.31 -12.66
CA ASP D 99 10.70 5.15 -13.12
C ASP D 99 10.07 4.34 -11.98
N LEU D 100 10.45 4.60 -10.74
CA LEU D 100 9.92 3.93 -9.57
C LEU D 100 9.38 4.96 -8.59
N ALA D 101 8.58 5.89 -9.08
CA ALA D 101 8.19 7.05 -8.26
C ALA D 101 7.36 6.65 -7.03
N GLU D 102 6.41 5.75 -7.26
CA GLU D 102 5.47 5.35 -6.20
C GLU D 102 6.15 4.46 -5.14
N TYR D 103 6.86 3.44 -5.57
CA TYR D 103 7.65 2.58 -4.67
C TYR D 103 8.60 3.48 -3.82
N THR D 104 9.28 4.42 -4.49
CA THR D 104 10.18 5.34 -3.79
C THR D 104 9.45 6.15 -2.71
N ALA D 105 8.26 6.65 -3.04
CA ALA D 105 7.44 7.39 -2.10
C ALA D 105 7.06 6.50 -0.90
N ASP D 106 6.67 5.25 -1.18
CA ASP D 106 6.22 4.35 -0.12
C ASP D 106 7.34 3.96 0.84
N VAL D 107 8.53 3.73 0.29
CA VAL D 107 9.69 3.34 1.12
C VAL D 107 10.34 4.54 1.82
N ASP D 108 10.69 5.56 1.07
CA ASP D 108 11.50 6.69 1.57
C ASP D 108 10.68 7.71 2.35
N GLY D 109 9.45 7.96 1.91
CA GLY D 109 8.51 8.86 2.58
C GLY D 109 7.71 8.16 3.67
N VAL D 110 6.78 7.31 3.24
CA VAL D 110 5.84 6.71 4.17
C VAL D 110 6.57 5.74 5.12
N GLY D 111 7.62 5.07 4.62
CA GLY D 111 8.41 4.18 5.46
C GLY D 111 8.97 4.86 6.69
N THR D 112 9.40 6.11 6.53
CA THR D 112 9.91 6.90 7.64
C THR D 112 8.82 7.09 8.70
N LEU D 113 7.62 7.47 8.25
CA LEU D 113 6.47 7.56 9.16
C LEU D 113 6.17 6.24 9.87
N ARG D 114 6.21 5.13 9.17
CA ARG D 114 5.94 3.85 9.78
C ARG D 114 6.90 3.57 10.90
N LEU D 115 8.15 3.88 10.71
CA LEU D 115 9.16 3.63 11.76
C LEU D 115 8.90 4.50 12.99
N LEU D 116 8.64 5.79 12.75
CA LEU D 116 8.31 6.73 13.82
C LEU D 116 7.08 6.29 14.59
N ASP D 117 6.03 5.92 13.86
CA ASP D 117 4.80 5.44 14.50
C ASP D 117 4.99 4.16 15.29
N ALA D 118 5.88 3.28 14.82
CA ALA D 118 6.20 2.06 15.56
C ALA D 118 6.90 2.40 16.87
N VAL D 119 7.79 3.41 16.85
CA VAL D 119 8.40 3.90 18.09
C VAL D 119 7.33 4.32 19.09
N LYS D 120 6.35 5.07 18.61
CA LYS D 120 5.29 5.61 19.45
C LYS D 120 4.38 4.49 19.96
N THR D 121 3.94 3.64 19.05
CA THR D 121 3.15 2.46 19.36
C THR D 121 3.81 1.55 20.42
N CYS D 122 5.11 1.36 20.34
CA CYS D 122 5.83 0.52 21.32
C CYS D 122 6.14 1.22 22.67
N GLY D 123 5.66 2.44 22.86
CA GLY D 123 5.86 3.18 24.11
C GLY D 123 7.27 3.68 24.30
N LEU D 124 8.03 3.87 23.21
CA LEU D 124 9.45 4.24 23.29
C LEU D 124 9.76 5.70 22.93
N ILE D 125 8.71 6.53 22.82
CA ILE D 125 8.82 7.94 22.42
C ILE D 125 9.81 8.74 23.30
N ASN D 126 9.91 8.43 24.59
CA ASN D 126 10.81 9.13 25.54
C ASN D 126 12.16 8.47 25.79
N SER D 127 12.41 7.30 25.19
CA SER D 127 13.68 6.59 25.37
C SER D 127 14.53 6.38 24.10
N VAL D 128 13.92 6.52 22.93
CA VAL D 128 14.61 6.29 21.66
C VAL D 128 15.22 7.59 21.17
N LYS D 129 16.41 7.52 20.61
CA LYS D 129 16.95 8.61 19.80
C LYS D 129 16.94 8.17 18.34
N PHE D 130 16.35 8.99 17.47
CA PHE D 130 16.04 8.60 16.09
C PHE D 130 16.83 9.47 15.11
N TYR D 131 17.59 8.83 14.23
CA TYR D 131 18.33 9.51 13.16
C TYR D 131 17.64 9.24 11.84
N GLN D 132 17.30 10.30 11.12
CA GLN D 132 16.77 10.18 9.76
C GLN D 132 17.83 10.53 8.74
N ALA D 133 17.93 9.68 7.70
CA ALA D 133 18.85 9.92 6.61
C ALA D 133 18.29 10.93 5.60
N SER D 134 18.39 12.20 5.97
CA SER D 134 18.05 13.29 5.07
C SER D 134 19.22 13.56 4.15
N THR D 135 19.10 14.56 3.27
CA THR D 135 19.96 14.62 2.13
C THR D 135 20.04 15.97 1.48
N SER D 136 21.19 16.28 0.92
CA SER D 136 21.37 17.46 0.09
C SER D 136 20.45 17.52 -1.14
N GLU D 137 19.94 16.37 -1.59
CA GLU D 137 18.95 16.37 -2.70
C GLU D 137 17.71 17.20 -2.38
N LEU D 138 17.41 17.40 -1.10
CA LEU D 138 16.36 18.32 -0.67
C LEU D 138 16.53 19.76 -1.21
N TYR D 139 17.77 20.22 -1.38
CA TYR D 139 18.04 21.57 -1.89
C TYR D 139 17.82 21.64 -3.41
N GLY D 140 17.94 20.50 -4.08
CA GLY D 140 17.72 20.37 -5.53
C GLY D 140 18.21 21.52 -6.40
N LYS D 141 17.27 22.29 -6.93
CA LYS D 141 17.62 23.51 -7.65
C LYS D 141 17.94 24.56 -6.59
N VAL D 142 19.23 24.67 -6.27
CA VAL D 142 19.67 25.35 -5.04
C VAL D 142 19.22 26.82 -4.97
N GLN D 143 18.63 27.19 -3.84
CA GLN D 143 18.14 28.54 -3.60
C GLN D 143 19.17 29.45 -2.91
N GLU D 144 20.24 28.85 -2.38
CA GLU D 144 21.39 29.57 -1.84
C GLU D 144 22.63 28.76 -2.19
N ILE D 145 23.78 29.45 -2.27
CA ILE D 145 25.08 28.83 -2.41
C ILE D 145 26.05 29.53 -1.41
N PRO D 146 26.69 28.82 -0.49
CA PRO D 146 26.48 27.37 -0.25
C PRO D 146 25.11 27.09 0.41
N GLN D 147 24.79 25.82 0.61
CA GLN D 147 23.54 25.44 1.26
C GLN D 147 23.82 25.09 2.72
N LYS D 148 22.97 25.58 3.61
CA LYS D 148 23.09 25.32 5.04
C LYS D 148 21.69 24.96 5.57
N GLU D 149 21.56 24.78 6.88
CA GLU D 149 20.33 24.24 7.49
C GLU D 149 19.10 25.07 7.19
N THR D 150 19.27 26.37 7.03
CA THR D 150 18.18 27.30 6.80
C THR D 150 17.90 27.58 5.30
N THR D 151 18.66 26.99 4.38
CA THR D 151 18.41 27.17 2.95
C THR D 151 17.07 26.52 2.60
N PRO D 152 16.17 27.23 1.90
CA PRO D 152 14.90 26.58 1.51
C PRO D 152 15.11 25.41 0.56
N PHE D 153 14.29 24.38 0.74
CA PHE D 153 14.34 23.18 -0.08
C PHE D 153 13.66 23.40 -1.45
N TYR D 154 14.12 22.66 -2.45
CA TYR D 154 13.52 22.69 -3.77
C TYR D 154 13.82 21.35 -4.47
N PRO D 155 13.07 20.30 -4.12
CA PRO D 155 13.36 18.97 -4.69
C PRO D 155 13.13 18.90 -6.20
N ARG D 156 13.89 18.01 -6.85
CA ARG D 156 13.96 17.89 -8.30
C ARG D 156 13.85 16.42 -8.76
N SER D 157 13.20 15.57 -7.97
CA SER D 157 12.97 14.16 -8.33
C SER D 157 11.94 13.56 -7.42
N PRO D 158 11.32 12.42 -7.85
CA PRO D 158 10.50 11.69 -6.89
C PRO D 158 11.26 11.27 -5.63
N TYR D 159 12.56 11.00 -5.74
CA TYR D 159 13.39 10.71 -4.56
C TYR D 159 13.44 11.91 -3.63
N GLY D 160 13.73 13.08 -4.20
CA GLY D 160 13.82 14.29 -3.41
C GLY D 160 12.52 14.63 -2.72
N ALA D 161 11.42 14.50 -3.46
CA ALA D 161 10.11 14.78 -2.87
C ALA D 161 9.79 13.82 -1.73
N ALA D 162 10.09 12.53 -1.90
CA ALA D 162 9.84 11.53 -0.85
C ALA D 162 10.67 11.81 0.41
N LYS D 163 11.94 12.15 0.21
CA LYS D 163 12.83 12.52 1.30
C LYS D 163 12.40 13.78 2.03
N LEU D 164 11.78 14.72 1.29
CA LEU D 164 11.23 15.92 1.89
C LEU D 164 10.06 15.64 2.85
N TYR D 165 9.15 14.74 2.44
CA TYR D 165 8.10 14.26 3.32
C TYR D 165 8.74 13.70 4.63
N ALA D 166 9.75 12.85 4.45
CA ALA D 166 10.42 12.19 5.56
C ALA D 166 11.04 13.22 6.50
N TYR D 167 11.72 14.21 5.95
CA TYR D 167 12.32 15.28 6.74
C TYR D 167 11.27 15.91 7.65
N TRP D 168 10.14 16.29 7.06
CA TRP D 168 9.11 17.01 7.80
C TRP D 168 8.30 16.18 8.79
N ILE D 169 8.05 14.92 8.49
CA ILE D 169 7.33 14.07 9.41
C ILE D 169 8.19 13.79 10.66
N VAL D 170 9.52 13.66 10.46
CA VAL D 170 10.48 13.61 11.59
C VAL D 170 10.40 14.86 12.47
N VAL D 171 10.45 16.03 11.84
CA VAL D 171 10.30 17.31 12.53
C VAL D 171 8.99 17.30 13.34
N ASN D 172 7.90 16.83 12.74
CA ASN D 172 6.61 16.85 13.41
C ASN D 172 6.55 15.92 14.63
N PHE D 173 7.21 14.77 14.58
CA PHE D 173 7.25 13.87 15.74
C PHE D 173 8.07 14.49 16.88
N ARG D 174 9.16 15.17 16.55
CA ARG D 174 9.98 15.88 17.52
C ARG D 174 9.17 16.97 18.20
N GLU D 175 8.46 17.77 17.40
CA GLU D 175 7.69 18.89 17.92
C GLU D 175 6.40 18.46 18.64
N ALA D 176 5.71 17.45 18.11
CA ALA D 176 4.44 17.01 18.67
C ALA D 176 4.60 16.17 19.93
N TYR D 177 5.55 15.25 19.94
CA TYR D 177 5.63 14.25 21.01
C TYR D 177 6.94 14.29 21.79
N ASN D 178 7.79 15.30 21.53
CA ASN D 178 9.12 15.41 22.17
CA ASN D 178 9.11 15.41 22.18
C ASN D 178 10.00 14.19 21.93
N LEU D 179 9.86 13.57 20.77
CA LEU D 179 10.78 12.51 20.39
C LEU D 179 12.13 13.15 20.07
N PHE D 180 13.21 12.58 20.59
CA PHE D 180 14.54 13.00 20.18
C PHE D 180 14.76 12.44 18.75
N ALA D 181 14.50 13.26 17.75
CA ALA D 181 14.55 12.84 16.34
C ALA D 181 15.24 13.92 15.54
N VAL D 182 16.18 13.53 14.66
CA VAL D 182 17.05 14.48 13.97
C VAL D 182 17.19 14.14 12.51
N ASN D 183 17.36 15.16 11.68
CA ASN D 183 17.64 15.00 10.26
C ASN D 183 19.10 15.31 10.01
N GLY D 184 19.87 14.29 9.60
CA GLY D 184 21.19 14.54 9.08
C GLY D 184 21.02 14.89 7.62
N ILE D 185 21.41 16.11 7.24
CA ILE D 185 21.29 16.59 5.86
C ILE D 185 22.67 16.36 5.26
N LEU D 186 22.91 15.10 4.88
CA LEU D 186 24.24 14.71 4.41
C LEU D 186 24.36 14.97 2.91
N PHE D 187 25.49 15.55 2.52
CA PHE D 187 25.86 15.72 1.12
C PHE D 187 26.47 14.42 0.59
N ASN D 188 26.64 14.33 -0.72
CA ASN D 188 27.12 13.09 -1.35
C ASN D 188 28.30 12.51 -0.62
N HIS D 189 28.21 11.22 -0.29
CA HIS D 189 29.36 10.51 0.27
C HIS D 189 29.53 9.12 -0.36
N GLU D 190 30.79 8.76 -0.59
CA GLU D 190 31.17 7.64 -1.43
C GLU D 190 32.19 6.79 -0.68
N SER D 191 32.56 5.68 -1.31
CA SER D 191 33.48 4.70 -0.74
C SER D 191 33.72 3.59 -1.75
N PRO D 192 34.66 2.67 -1.47
CA PRO D 192 34.77 1.43 -2.27
C PRO D 192 33.52 0.52 -2.21
N ARG D 193 32.62 0.74 -1.24
CA ARG D 193 31.36 0.01 -1.09
C ARG D 193 30.14 0.71 -1.72
N ARG D 194 30.37 1.85 -2.36
CA ARG D 194 29.33 2.62 -3.04
C ARG D 194 28.66 1.78 -4.11
N GLY D 195 27.33 1.91 -4.22
CA GLY D 195 26.58 1.23 -5.25
C GLY D 195 27.17 1.49 -6.63
N ALA D 196 27.25 0.44 -7.45
CA ALA D 196 27.91 0.46 -8.74
C ALA D 196 27.35 1.40 -9.79
N ASN D 197 26.08 1.78 -9.65
CA ASN D 197 25.39 2.64 -10.62
C ASN D 197 25.29 4.12 -10.17
N PHE D 198 25.93 4.47 -9.06
CA PHE D 198 26.22 5.88 -8.75
C PHE D 198 27.46 6.28 -9.54
N VAL D 199 27.60 7.57 -9.80
CA VAL D 199 28.57 8.01 -10.81
C VAL D 199 30.03 7.78 -10.44
N THR D 200 30.34 7.96 -9.17
CA THR D 200 31.71 7.84 -8.68
C THR D 200 32.23 6.42 -8.82
N ARG D 201 31.43 5.47 -8.36
CA ARG D 201 31.76 4.05 -8.41
C ARG D 201 31.66 3.50 -9.84
N LYS D 202 30.73 4.02 -10.62
CA LYS D 202 30.65 3.66 -12.03
C LYS D 202 31.97 4.01 -12.70
N ILE D 203 32.48 5.21 -12.42
CA ILE D 203 33.77 5.64 -12.98
C ILE D 203 34.95 4.80 -12.45
N SER D 204 35.05 4.62 -11.14
CA SER D 204 36.17 3.85 -10.55
C SER D 204 36.19 2.40 -11.04
N ARG D 205 35.02 1.75 -11.11
CA ARG D 205 34.94 0.40 -11.67
C ARG D 205 35.32 0.34 -13.16
N SER D 206 34.83 1.28 -13.96
CA SER D 206 35.08 1.29 -15.39
C SER D 206 36.55 1.59 -15.72
N VAL D 207 37.13 2.53 -14.97
CA VAL D 207 38.55 2.87 -15.08
C VAL D 207 39.40 1.65 -14.70
N ALA D 208 39.06 0.99 -13.58
CA ALA D 208 39.73 -0.24 -13.17
C ALA D 208 39.66 -1.30 -14.27
N LYS D 209 38.48 -1.46 -14.88
CA LYS D 209 38.33 -2.45 -15.95
C LYS D 209 39.18 -2.11 -17.19
N ILE D 210 39.22 -0.83 -17.54
CA ILE D 210 40.04 -0.37 -18.68
C ILE D 210 41.52 -0.67 -18.42
N TYR D 211 41.99 -0.33 -17.22
CA TYR D 211 43.36 -0.65 -16.79
C TYR D 211 43.72 -2.12 -16.91
N LEU D 212 42.77 -3.01 -16.61
CA LEU D 212 43.01 -4.46 -16.65
C LEU D 212 42.67 -5.12 -18.00
N GLY D 213 42.38 -4.32 -19.02
CA GLY D 213 41.99 -4.85 -20.32
C GLY D 213 40.66 -5.60 -20.39
N GLN D 214 39.76 -5.37 -19.43
CA GLN D 214 38.44 -6.00 -19.42
C GLN D 214 37.36 -5.15 -20.09
N LEU D 215 37.73 -3.92 -20.49
CA LEU D 215 36.78 -2.96 -21.05
C LEU D 215 37.61 -1.93 -21.81
N GLU D 216 37.05 -1.35 -22.87
CA GLU D 216 37.73 -0.29 -23.63
C GLU D 216 37.17 1.10 -23.44
N CYS D 217 35.84 1.19 -23.29
CA CYS D 217 35.14 2.48 -23.29
CA CYS D 217 35.18 2.49 -23.21
C CYS D 217 33.86 2.38 -22.45
N PHE D 218 33.44 3.49 -21.83
CA PHE D 218 32.13 3.52 -21.15
C PHE D 218 31.45 4.87 -21.38
N SER D 219 30.14 4.89 -21.18
CA SER D 219 29.34 6.08 -21.41
C SER D 219 28.78 6.63 -20.09
N LEU D 220 28.72 7.97 -20.03
CA LEU D 220 28.22 8.72 -18.90
C LEU D 220 27.11 9.65 -19.37
N GLY D 221 26.48 10.33 -18.43
CA GLY D 221 25.44 11.33 -18.75
C GLY D 221 26.02 12.75 -18.71
N ASN D 222 25.55 13.54 -17.75
CA ASN D 222 25.92 14.95 -17.62
C ASN D 222 27.29 15.10 -16.94
N LEU D 223 28.32 15.36 -17.73
CA LEU D 223 29.69 15.55 -17.24
C LEU D 223 29.91 16.84 -16.44
N ASP D 224 29.03 17.81 -16.60
CA ASP D 224 29.15 19.11 -15.93
C ASP D 224 28.47 19.23 -14.59
N ALA D 225 27.77 18.19 -14.13
CA ALA D 225 27.19 18.22 -12.81
C ALA D 225 28.27 18.38 -11.77
N LYS D 226 27.99 19.18 -10.76
CA LYS D 226 28.96 19.45 -9.71
C LYS D 226 28.46 19.02 -8.36
N ARG D 227 29.35 18.38 -7.60
CA ARG D 227 28.98 17.78 -6.32
C ARG D 227 30.04 18.03 -5.26
N ASP D 228 29.55 18.05 -4.03
CA ASP D 228 30.37 18.06 -2.82
C ASP D 228 30.45 16.58 -2.39
N TRP D 229 31.64 15.98 -2.59
CA TRP D 229 31.88 14.56 -2.34
C TRP D 229 32.77 14.30 -1.11
N GLY D 230 32.26 13.54 -0.15
CA GLY D 230 33.04 13.07 0.99
C GLY D 230 33.04 11.55 1.10
N HIS D 231 33.56 11.05 2.23
CA HIS D 231 33.74 9.62 2.43
C HIS D 231 32.75 9.11 3.45
N ALA D 232 31.98 8.09 3.05
CA ALA D 232 30.94 7.49 3.90
C ALA D 232 31.41 7.16 5.32
N LYS D 233 32.64 6.65 5.43
CA LYS D 233 33.21 6.30 6.74
C LYS D 233 33.27 7.49 7.69
N ASP D 234 33.61 8.68 7.19
CA ASP D 234 33.61 9.89 8.01
C ASP D 234 32.19 10.29 8.36
N TYR D 235 31.28 10.14 7.41
CA TYR D 235 29.92 10.68 7.57
C TYR D 235 29.08 9.87 8.56
N VAL D 236 29.29 8.55 8.67
CA VAL D 236 28.52 7.78 9.64
C VAL D 236 28.85 8.17 11.09
N GLU D 237 30.08 8.62 11.33
CA GLU D 237 30.47 9.17 12.62
C GLU D 237 29.62 10.38 13.00
N ALA D 238 29.36 11.26 12.03
CA ALA D 238 28.48 12.44 12.28
C ALA D 238 27.08 12.02 12.68
N MET D 239 26.57 10.94 12.10
CA MET D 239 25.24 10.43 12.45
C MET D 239 25.20 10.11 13.95
N TRP D 240 26.18 9.35 14.42
CA TRP D 240 26.31 9.00 15.84
C TRP D 240 26.43 10.25 16.74
N LEU D 241 27.29 11.19 16.36
CA LEU D 241 27.44 12.46 17.10
C LEU D 241 26.13 13.23 17.26
N MET D 242 25.29 13.23 16.20
CA MET D 242 24.00 13.92 16.26
C MET D 242 23.09 13.30 17.30
N LEU D 243 23.17 11.98 17.49
CA LEU D 243 22.43 11.33 18.56
C LEU D 243 23.08 11.43 19.96
N GLN D 244 24.35 11.79 20.05
CA GLN D 244 25.01 12.10 21.34
C GLN D 244 24.74 13.52 21.82
N ASN D 245 24.26 14.39 20.95
CA ASN D 245 23.95 15.77 21.29
C ASN D 245 22.92 15.82 22.42
N ASP D 246 23.01 16.82 23.30
CA ASP D 246 22.00 16.96 24.37
C ASP D 246 20.63 17.36 23.84
N GLU D 247 20.59 18.17 22.79
CA GLU D 247 19.34 18.59 22.16
C GLU D 247 19.22 17.97 20.75
N PRO D 248 18.00 17.56 20.35
CA PRO D 248 17.82 17.05 19.00
C PRO D 248 17.82 18.18 17.96
N GLU D 249 18.90 18.27 17.18
CA GLU D 249 19.04 19.32 16.19
C GLU D 249 19.36 18.71 14.83
N ASP D 250 18.96 19.42 13.76
CA ASP D 250 19.29 19.05 12.38
C ASP D 250 20.63 19.67 11.93
N PHE D 251 21.41 18.94 11.13
CA PHE D 251 22.76 19.36 10.75
C PHE D 251 23.06 19.02 9.31
N VAL D 252 23.63 19.96 8.57
CA VAL D 252 24.29 19.72 7.31
C VAL D 252 25.65 19.05 7.59
N ILE D 253 25.96 18.00 6.83
CA ILE D 253 27.28 17.35 6.86
C ILE D 253 27.79 17.32 5.41
N ALA D 254 28.99 17.87 5.21
CA ALA D 254 29.54 18.09 3.89
C ALA D 254 31.02 18.47 3.99
N THR D 255 31.70 18.51 2.84
CA THR D 255 33.11 18.97 2.77
C THR D 255 33.23 20.46 2.48
N GLY D 256 32.23 21.06 1.86
CA GLY D 256 32.34 22.43 1.36
C GLY D 256 33.12 22.61 0.07
N GLU D 257 33.70 21.53 -0.46
CA GLU D 257 34.52 21.58 -1.69
C GLU D 257 33.73 20.94 -2.84
N VAL D 258 33.75 21.59 -3.99
CA VAL D 258 32.94 21.23 -5.15
C VAL D 258 33.82 20.74 -6.29
N HIS D 259 33.42 19.67 -6.96
CA HIS D 259 34.09 19.16 -8.16
C HIS D 259 33.04 18.66 -9.15
N SER D 260 33.41 18.63 -10.42
CA SER D 260 32.54 18.16 -11.47
C SER D 260 32.73 16.67 -11.69
N VAL D 261 31.77 16.07 -12.39
CA VAL D 261 31.84 14.68 -12.81
C VAL D 261 33.06 14.49 -13.73
N ARG D 262 33.24 15.46 -14.61
CA ARG D 262 34.35 15.52 -15.50
C ARG D 262 35.69 15.43 -14.73
N GLU D 263 35.85 16.19 -13.69
CA GLU D 263 37.04 16.12 -12.83
C GLU D 263 37.23 14.78 -12.18
N PHE D 264 36.11 14.18 -11.72
CA PHE D 264 36.17 12.83 -11.18
C PHE D 264 36.73 11.85 -12.22
N VAL D 265 36.27 11.97 -13.47
CA VAL D 265 36.79 11.13 -14.56
C VAL D 265 38.31 11.38 -14.75
N GLU D 266 38.70 12.66 -14.88
CA GLU D 266 40.11 13.03 -15.10
C GLU D 266 41.03 12.49 -14.01
N LYS D 267 40.67 12.73 -12.76
CA LYS D 267 41.47 12.27 -11.64
C LYS D 267 41.55 10.73 -11.54
N SER D 268 40.44 10.05 -11.83
CA SER D 268 40.40 8.58 -11.82
C SER D 268 41.38 7.98 -12.84
N PHE D 269 41.32 8.47 -14.09
CA PHE D 269 42.23 8.01 -15.14
C PHE D 269 43.71 8.33 -14.84
N LEU D 270 44.00 9.51 -14.27
CA LEU D 270 45.39 9.87 -13.91
C LEU D 270 46.00 8.80 -13.00
N HIS D 271 45.19 8.24 -12.08
CA HIS D 271 45.64 7.16 -11.21
C HIS D 271 46.00 5.83 -11.90
N ILE D 272 45.56 5.62 -13.15
CA ILE D 272 46.03 4.50 -13.96
C ILE D 272 46.98 4.95 -15.09
N GLY D 273 47.55 6.15 -14.97
CA GLY D 273 48.53 6.65 -15.92
C GLY D 273 48.02 7.16 -17.24
N LYS D 274 46.77 7.64 -17.27
CA LYS D 274 46.15 8.15 -18.50
C LYS D 274 45.61 9.57 -18.28
N THR D 275 45.89 10.44 -19.26
CA THR D 275 45.49 11.84 -19.23
C THR D 275 44.34 11.97 -20.23
N ILE D 276 43.15 12.29 -19.72
CA ILE D 276 41.97 12.42 -20.56
C ILE D 276 41.90 13.83 -21.10
N VAL D 277 41.72 13.95 -22.42
CA VAL D 277 41.45 15.22 -23.07
C VAL D 277 40.12 15.10 -23.79
N TRP D 278 39.27 16.08 -23.58
CA TRP D 278 37.91 16.08 -24.10
C TRP D 278 37.81 16.75 -25.47
N GLU D 279 36.90 16.26 -26.29
CA GLU D 279 36.62 16.88 -27.57
C GLU D 279 35.14 16.71 -27.90
N GLY D 280 34.58 17.69 -28.59
CA GLY D 280 33.16 17.69 -28.91
C GLY D 280 32.34 18.27 -27.78
N LYS D 281 31.03 18.43 -28.03
CA LYS D 281 30.11 19.09 -27.08
C LYS D 281 28.86 18.25 -26.84
N ASN D 282 28.29 18.40 -25.65
CA ASN D 282 27.01 17.77 -25.28
C ASN D 282 27.05 16.25 -25.50
N GLU D 283 26.09 15.68 -26.23
CA GLU D 283 26.03 14.22 -26.40
C GLU D 283 27.09 13.65 -27.34
N ASN D 284 27.82 14.53 -28.05
CA ASN D 284 28.94 14.12 -28.90
C ASN D 284 30.30 14.26 -28.24
N GLU D 285 30.34 14.70 -26.98
CA GLU D 285 31.60 14.87 -26.28
C GLU D 285 32.22 13.51 -25.98
N VAL D 286 33.53 13.39 -26.23
CA VAL D 286 34.26 12.16 -25.90
C VAL D 286 35.51 12.49 -25.11
N GLY D 287 35.94 11.54 -24.29
CA GLY D 287 37.19 11.64 -23.53
C GLY D 287 38.22 10.68 -24.12
N ARG D 288 39.33 11.25 -24.57
CA ARG D 288 40.40 10.50 -25.26
C ARG D 288 41.64 10.48 -24.38
N CYS D 289 42.29 9.32 -24.28
CA CYS D 289 43.61 9.22 -23.63
C CYS D 289 44.65 9.90 -24.54
N LYS D 290 45.33 10.90 -24.00
CA LYS D 290 46.35 11.67 -24.72
C LYS D 290 47.52 10.79 -25.11
N GLU D 291 47.92 9.90 -24.21
CA GLU D 291 49.11 9.05 -24.39
C GLU D 291 48.94 7.99 -25.49
N THR D 292 47.72 7.47 -25.69
CA THR D 292 47.44 6.40 -26.67
C THR D 292 46.58 6.82 -27.85
N GLY D 293 45.88 7.96 -27.74
CA GLY D 293 44.86 8.34 -28.70
C GLY D 293 43.52 7.61 -28.66
N LYS D 294 43.32 6.68 -27.71
CA LYS D 294 42.10 5.85 -27.64
C LYS D 294 40.98 6.60 -26.85
N VAL D 295 39.75 6.50 -27.38
CA VAL D 295 38.54 7.00 -26.72
C VAL D 295 38.16 6.04 -25.57
N HIS D 296 38.03 6.59 -24.35
CA HIS D 296 37.57 5.80 -23.21
C HIS D 296 36.21 6.25 -22.61
N VAL D 297 35.75 7.45 -22.91
CA VAL D 297 34.52 8.00 -22.35
C VAL D 297 33.65 8.60 -23.47
N THR D 298 32.38 8.23 -23.49
CA THR D 298 31.37 8.87 -24.36
C THR D 298 30.20 9.35 -23.48
N VAL D 299 29.25 10.02 -24.12
CA VAL D 299 28.08 10.56 -23.46
C VAL D 299 26.87 9.93 -24.10
N ASP D 300 25.91 9.53 -23.27
CA ASP D 300 24.64 8.97 -23.76
C ASP D 300 23.51 9.67 -23.00
N LEU D 301 22.59 10.28 -23.76
CA LEU D 301 21.42 11.03 -23.20
C LEU D 301 20.55 10.21 -22.25
N LYS D 302 20.54 8.89 -22.39
CA LYS D 302 19.76 8.06 -21.49
C LYS D 302 20.17 8.14 -20.01
N TYR D 303 21.40 8.55 -19.73
CA TYR D 303 21.88 8.74 -18.34
C TYR D 303 21.55 10.08 -17.73
N TYR D 304 21.01 11.02 -18.52
CA TYR D 304 20.56 12.33 -18.00
C TYR D 304 19.28 12.13 -17.17
N ARG D 305 18.99 13.08 -16.28
CA ARG D 305 17.76 13.08 -15.50
C ARG D 305 16.83 14.16 -16.10
N PRO D 306 15.50 13.89 -16.12
CA PRO D 306 14.56 14.91 -16.62
C PRO D 306 14.70 16.29 -15.96
N THR D 307 14.94 16.29 -14.64
CA THR D 307 15.18 17.52 -13.87
C THR D 307 16.48 17.35 -13.09
N GLU D 308 17.57 17.84 -13.64
CA GLU D 308 18.91 17.68 -13.08
C GLU D 308 19.08 18.58 -11.85
N VAL D 309 19.95 18.14 -10.94
CA VAL D 309 20.45 18.93 -9.82
C VAL D 309 21.87 19.33 -10.23
N ASP D 310 22.04 20.60 -10.63
CA ASP D 310 23.30 21.02 -11.31
C ASP D 310 24.50 21.18 -10.36
N PHE D 311 24.21 21.57 -9.14
CA PHE D 311 25.24 22.06 -8.24
C PHE D 311 24.84 21.87 -6.79
N LEU D 312 25.72 21.26 -6.01
CA LEU D 312 25.59 21.17 -4.58
C LEU D 312 26.91 21.54 -3.91
N GLN D 313 26.81 22.34 -2.85
CA GLN D 313 27.95 22.69 -2.02
C GLN D 313 27.44 22.98 -0.59
N GLY D 314 27.89 22.16 0.37
CA GLY D 314 27.39 22.26 1.74
C GLY D 314 28.22 23.14 2.66
N ASP D 315 27.57 23.87 3.54
CA ASP D 315 28.22 24.61 4.59
C ASP D 315 27.91 23.94 5.91
N CYS D 316 28.87 23.22 6.47
CA CYS D 316 28.69 22.49 7.73
C CYS D 316 29.26 23.21 8.97
N THR D 317 29.24 24.53 8.93
CA THR D 317 29.67 25.35 10.07
C THR D 317 28.99 24.97 11.36
N LYS D 318 27.68 24.79 11.33
CA LYS D 318 26.92 24.40 12.54
C LYS D 318 27.42 23.10 13.16
N ALA D 319 27.69 22.09 12.33
CA ALA D 319 28.19 20.82 12.82
C ALA D 319 29.61 20.95 13.39
N LYS D 320 30.44 21.74 12.71
CA LYS D 320 31.81 22.03 13.21
C LYS D 320 31.76 22.66 14.60
N GLN D 321 30.90 23.64 14.79
CA GLN D 321 30.76 24.32 16.09
C GLN D 321 30.17 23.42 17.17
N LYS D 322 29.03 22.80 16.91
CA LYS D 322 28.32 22.05 17.96
C LYS D 322 28.78 20.62 18.14
N LEU D 323 29.11 19.92 17.06
CA LEU D 323 29.50 18.51 17.13
C LEU D 323 31.00 18.30 17.13
N ASN D 324 31.78 19.33 16.80
CA ASN D 324 33.22 19.20 16.55
C ASN D 324 33.55 18.13 15.50
N TRP D 325 32.73 18.07 14.44
CA TRP D 325 32.95 17.08 13.39
C TRP D 325 33.71 17.79 12.27
N LYS D 326 34.68 17.09 11.68
CA LYS D 326 35.41 17.60 10.51
C LYS D 326 35.63 16.42 9.56
N PRO D 327 35.46 16.62 8.24
CA PRO D 327 35.80 15.53 7.32
C PRO D 327 37.30 15.28 7.27
N ARG D 328 37.71 14.02 7.30
CA ARG D 328 39.13 13.61 7.26
C ARG D 328 39.57 13.30 5.83
N VAL D 329 38.72 12.69 5.02
CA VAL D 329 39.09 12.35 3.65
C VAL D 329 38.60 13.43 2.69
N ALA D 330 39.54 14.01 1.93
CA ALA D 330 39.22 14.96 0.89
C ALA D 330 39.12 14.23 -0.47
N PHE D 331 38.56 14.94 -1.45
CA PHE D 331 38.24 14.44 -2.80
C PHE D 331 39.36 13.66 -3.50
N ASP D 332 40.58 14.17 -3.48
CA ASP D 332 41.71 13.52 -4.18
C ASP D 332 42.02 12.15 -3.60
N GLU D 333 42.06 12.03 -2.27
CA GLU D 333 42.25 10.74 -1.61
C GLU D 333 41.06 9.77 -1.84
N LEU D 334 39.84 10.32 -1.84
CA LEU D 334 38.65 9.53 -2.13
C LEU D 334 38.75 8.87 -3.52
N VAL D 335 39.10 9.65 -4.55
CA VAL D 335 39.27 9.13 -5.90
C VAL D 335 40.32 8.01 -5.93
N ARG D 336 41.48 8.28 -5.33
CA ARG D 336 42.61 7.31 -5.25
C ARG D 336 42.17 5.98 -4.58
N GLU D 337 41.53 6.08 -3.42
CA GLU D 337 41.09 4.90 -2.70
C GLU D 337 40.09 4.06 -3.55
N MET D 338 39.16 4.74 -4.21
CA MET D 338 38.14 4.03 -4.99
C MET D 338 38.73 3.32 -6.21
N VAL D 339 39.61 3.99 -6.96
CA VAL D 339 40.23 3.37 -8.13
C VAL D 339 41.14 2.20 -7.72
N HIS D 340 41.98 2.44 -6.71
CA HIS D 340 42.86 1.39 -6.18
C HIS D 340 42.07 0.16 -5.73
N ALA D 341 41.00 0.38 -4.93
CA ALA D 341 40.19 -0.75 -4.45
C ALA D 341 39.54 -1.53 -5.60
N ASP D 342 39.06 -0.84 -6.62
CA ASP D 342 38.39 -1.53 -7.74
C ASP D 342 39.36 -2.23 -8.69
N VAL D 343 40.59 -1.72 -8.80
CA VAL D 343 41.65 -2.44 -9.52
C VAL D 343 41.86 -3.80 -8.83
N GLU D 344 42.11 -3.79 -7.52
CA GLU D 344 42.27 -5.02 -6.72
C GLU D 344 41.08 -5.97 -6.86
N LEU D 345 39.87 -5.41 -6.75
CA LEU D 345 38.63 -6.19 -6.89
C LEU D 345 38.51 -6.86 -8.25
N MET D 346 38.70 -6.10 -9.33
CA MET D 346 38.54 -6.64 -10.68
C MET D 346 39.68 -7.58 -11.11
N ARG D 347 40.86 -7.39 -10.55
CA ARG D 347 42.01 -8.28 -10.79
C ARG D 347 41.74 -9.64 -10.20
N THR D 348 41.34 -9.67 -8.92
CA THR D 348 41.02 -10.93 -8.20
C THR D 348 39.82 -11.65 -8.79
N ASN D 349 38.88 -10.91 -9.35
CA ASN D 349 37.64 -11.49 -9.86
C ASN D 349 37.12 -10.61 -11.01
N PRO D 350 37.40 -10.98 -12.28
CA PRO D 350 36.92 -10.22 -13.44
C PRO D 350 35.39 -10.04 -13.57
N ASN D 351 34.60 -10.88 -12.90
CA ASN D 351 33.13 -10.73 -12.86
C ASN D 351 32.61 -9.97 -11.63
N ALA D 352 33.48 -9.24 -10.92
CA ALA D 352 33.14 -8.65 -9.61
C ALA D 352 32.38 -7.35 -9.74
#